data_4JVD
# 
_entry.id   4JVD 
# 
_audit_conform.dict_name       mmcif_pdbx.dic 
_audit_conform.dict_version    5.388 
_audit_conform.dict_location   http://mmcif.pdb.org/dictionaries/ascii/mmcif_pdbx.dic 
# 
loop_
_database_2.database_id 
_database_2.database_code 
_database_2.pdbx_database_accession 
_database_2.pdbx_DOI 
PDB   4JVD         pdb_00004jvd 10.2210/pdb4jvd/pdb 
RCSB  RCSB078551   ?            ?                   
WWPDB D_1000078551 ?            ?                   
# 
loop_
_pdbx_audit_revision_history.ordinal 
_pdbx_audit_revision_history.data_content_type 
_pdbx_audit_revision_history.major_revision 
_pdbx_audit_revision_history.minor_revision 
_pdbx_audit_revision_history.revision_date 
1 'Structure model' 1 0 2013-08-07 
2 'Structure model' 1 1 2014-02-12 
3 'Structure model' 1 2 2024-03-20 
# 
_pdbx_audit_revision_details.ordinal             1 
_pdbx_audit_revision_details.revision_ordinal    1 
_pdbx_audit_revision_details.data_content_type   'Structure model' 
_pdbx_audit_revision_details.provider            repository 
_pdbx_audit_revision_details.type                'Initial release' 
_pdbx_audit_revision_details.description         ? 
_pdbx_audit_revision_details.details             ? 
# 
loop_
_pdbx_audit_revision_group.ordinal 
_pdbx_audit_revision_group.revision_ordinal 
_pdbx_audit_revision_group.data_content_type 
_pdbx_audit_revision_group.group 
1 2 'Structure model' 'Database references'  
2 3 'Structure model' 'Data collection'      
3 3 'Structure model' 'Database references'  
4 3 'Structure model' 'Derived calculations' 
# 
loop_
_pdbx_audit_revision_category.ordinal 
_pdbx_audit_revision_category.revision_ordinal 
_pdbx_audit_revision_category.data_content_type 
_pdbx_audit_revision_category.category 
1 3 'Structure model' chem_comp_atom 
2 3 'Structure model' chem_comp_bond 
3 3 'Structure model' database_2     
4 3 'Structure model' struct_site    
# 
loop_
_pdbx_audit_revision_item.ordinal 
_pdbx_audit_revision_item.revision_ordinal 
_pdbx_audit_revision_item.data_content_type 
_pdbx_audit_revision_item.item 
1 3 'Structure model' '_database_2.pdbx_DOI'                
2 3 'Structure model' '_database_2.pdbx_database_accession' 
3 3 'Structure model' '_struct_site.pdbx_auth_asym_id'      
4 3 'Structure model' '_struct_site.pdbx_auth_comp_id'      
5 3 'Structure model' '_struct_site.pdbx_auth_seq_id'       
# 
_pdbx_database_status.status_code                     REL 
_pdbx_database_status.entry_id                        4JVD 
_pdbx_database_status.recvd_initial_deposition_date   2013-03-25 
_pdbx_database_status.deposit_site                    RCSB 
_pdbx_database_status.process_site                    PDBJ 
_pdbx_database_status.methods_development_category    ? 
_pdbx_database_status.status_code_sf                  REL 
_pdbx_database_status.status_code_mr                  ? 
_pdbx_database_status.SG_entry                        ? 
_pdbx_database_status.status_code_cs                  ? 
_pdbx_database_status.pdb_format_compatible           Y 
_pdbx_database_status.status_code_nmr_data            ? 
# 
loop_
_pdbx_database_related.db_name 
_pdbx_database_related.db_id 
_pdbx_database_related.details 
_pdbx_database_related.content_type 
PDB 4JVD . unspecified 
PDB 4JVI . unspecified 
PDB 3TK3 . unspecified 
# 
loop_
_audit_author.name 
_audit_author.pdbx_ordinal 
'Ilangovan, A.' 1 
'Emsley, J.'    2 
'Williams, P.'  3 
# 
_citation.id                        primary 
_citation.title                     
;Structural basis for native agonist and synthetic inhibitor recognition by the Pseudomonas aeruginosa quorum sensing regulator PqsR (MvfR).
;
_citation.journal_abbrev            'Plos Pathog.' 
_citation.journal_volume            9 
_citation.page_first                e1003508 
_citation.page_last                 e1003508 
_citation.year                      2013 
_citation.journal_id_ASTM           ? 
_citation.country                   US 
_citation.journal_id_ISSN           1553-7366 
_citation.journal_id_CSD            ? 
_citation.book_publisher            ? 
_citation.pdbx_database_id_PubMed   23935486 
_citation.pdbx_database_id_DOI      10.1371/journal.ppat.1003508 
# 
loop_
_citation_author.citation_id 
_citation_author.name 
_citation_author.ordinal 
_citation_author.identifier_ORCID 
primary 'Ilangovan, A.' 1  ? 
primary 'Fletcher, M.'  2  ? 
primary 'Rampioni, G.'  3  ? 
primary 'Pustelny, C.'  4  ? 
primary 'Rumbaugh, K.'  5  ? 
primary 'Heeb, S.'      6  ? 
primary 'Camara, M.'    7  ? 
primary 'Truman, A.'    8  ? 
primary 'Chhabra, S.R.' 9  ? 
primary 'Emsley, J.'    10 ? 
primary 'Williams, P.'  11 ? 
# 
loop_
_entity.id 
_entity.type 
_entity.src_method 
_entity.pdbx_description 
_entity.formula_weight 
_entity.pdbx_number_of_molecules 
_entity.pdbx_ec 
_entity.pdbx_mutation 
_entity.pdbx_fragment 
_entity.details 
1 polymer     man 'Transcriptional regulator MvfR' 24288.475 1 ? ? 'co-inducer binding domain, UNP RESIDUES 94-309' ? 
2 non-polymer syn '2-nonylquinolin-4(1H)-one'      271.397   1 ? ? ?                                                ? 
# 
_entity_poly.entity_id                      1 
_entity_poly.type                           'polypeptide(L)' 
_entity_poly.nstd_linkage                   no 
_entity_poly.nstd_monomer                   no 
_entity_poly.pdbx_seq_one_letter_code       
;NLRVLLDTAIPPSFCDTVSSVLLDDFNMVSLIRTSPADSLATIKQDNAEIDIAITIDEELKISRFNQCVLGYTKAFVVAH
PQHPLCNASLHSIASLANYRQISLGSRSGQHSNLLRPVSDKVLFVENFDDMLRLVEAGVGWGIAPHYFVEERLRNGTLAV
LSELYEPGGIDTKVYCYYNTALESERSFLRFLESARQRLRELGRQRFDDAPAWQPS
;
_entity_poly.pdbx_seq_one_letter_code_can   
;NLRVLLDTAIPPSFCDTVSSVLLDDFNMVSLIRTSPADSLATIKQDNAEIDIAITIDEELKISRFNQCVLGYTKAFVVAH
PQHPLCNASLHSIASLANYRQISLGSRSGQHSNLLRPVSDKVLFVENFDDMLRLVEAGVGWGIAPHYFVEERLRNGTLAV
LSELYEPGGIDTKVYCYYNTALESERSFLRFLESARQRLRELGRQRFDDAPAWQPS
;
_entity_poly.pdbx_strand_id                 A 
_entity_poly.pdbx_target_identifier         ? 
# 
_pdbx_entity_nonpoly.entity_id   2 
_pdbx_entity_nonpoly.name        '2-nonylquinolin-4(1H)-one' 
_pdbx_entity_nonpoly.comp_id     NNQ 
# 
loop_
_entity_poly_seq.entity_id 
_entity_poly_seq.num 
_entity_poly_seq.mon_id 
_entity_poly_seq.hetero 
1 1   ASN n 
1 2   LEU n 
1 3   ARG n 
1 4   VAL n 
1 5   LEU n 
1 6   LEU n 
1 7   ASP n 
1 8   THR n 
1 9   ALA n 
1 10  ILE n 
1 11  PRO n 
1 12  PRO n 
1 13  SER n 
1 14  PHE n 
1 15  CYS n 
1 16  ASP n 
1 17  THR n 
1 18  VAL n 
1 19  SER n 
1 20  SER n 
1 21  VAL n 
1 22  LEU n 
1 23  LEU n 
1 24  ASP n 
1 25  ASP n 
1 26  PHE n 
1 27  ASN n 
1 28  MET n 
1 29  VAL n 
1 30  SER n 
1 31  LEU n 
1 32  ILE n 
1 33  ARG n 
1 34  THR n 
1 35  SER n 
1 36  PRO n 
1 37  ALA n 
1 38  ASP n 
1 39  SER n 
1 40  LEU n 
1 41  ALA n 
1 42  THR n 
1 43  ILE n 
1 44  LYS n 
1 45  GLN n 
1 46  ASP n 
1 47  ASN n 
1 48  ALA n 
1 49  GLU n 
1 50  ILE n 
1 51  ASP n 
1 52  ILE n 
1 53  ALA n 
1 54  ILE n 
1 55  THR n 
1 56  ILE n 
1 57  ASP n 
1 58  GLU n 
1 59  GLU n 
1 60  LEU n 
1 61  LYS n 
1 62  ILE n 
1 63  SER n 
1 64  ARG n 
1 65  PHE n 
1 66  ASN n 
1 67  GLN n 
1 68  CYS n 
1 69  VAL n 
1 70  LEU n 
1 71  GLY n 
1 72  TYR n 
1 73  THR n 
1 74  LYS n 
1 75  ALA n 
1 76  PHE n 
1 77  VAL n 
1 78  VAL n 
1 79  ALA n 
1 80  HIS n 
1 81  PRO n 
1 82  GLN n 
1 83  HIS n 
1 84  PRO n 
1 85  LEU n 
1 86  CYS n 
1 87  ASN n 
1 88  ALA n 
1 89  SER n 
1 90  LEU n 
1 91  HIS n 
1 92  SER n 
1 93  ILE n 
1 94  ALA n 
1 95  SER n 
1 96  LEU n 
1 97  ALA n 
1 98  ASN n 
1 99  TYR n 
1 100 ARG n 
1 101 GLN n 
1 102 ILE n 
1 103 SER n 
1 104 LEU n 
1 105 GLY n 
1 106 SER n 
1 107 ARG n 
1 108 SER n 
1 109 GLY n 
1 110 GLN n 
1 111 HIS n 
1 112 SER n 
1 113 ASN n 
1 114 LEU n 
1 115 LEU n 
1 116 ARG n 
1 117 PRO n 
1 118 VAL n 
1 119 SER n 
1 120 ASP n 
1 121 LYS n 
1 122 VAL n 
1 123 LEU n 
1 124 PHE n 
1 125 VAL n 
1 126 GLU n 
1 127 ASN n 
1 128 PHE n 
1 129 ASP n 
1 130 ASP n 
1 131 MET n 
1 132 LEU n 
1 133 ARG n 
1 134 LEU n 
1 135 VAL n 
1 136 GLU n 
1 137 ALA n 
1 138 GLY n 
1 139 VAL n 
1 140 GLY n 
1 141 TRP n 
1 142 GLY n 
1 143 ILE n 
1 144 ALA n 
1 145 PRO n 
1 146 HIS n 
1 147 TYR n 
1 148 PHE n 
1 149 VAL n 
1 150 GLU n 
1 151 GLU n 
1 152 ARG n 
1 153 LEU n 
1 154 ARG n 
1 155 ASN n 
1 156 GLY n 
1 157 THR n 
1 158 LEU n 
1 159 ALA n 
1 160 VAL n 
1 161 LEU n 
1 162 SER n 
1 163 GLU n 
1 164 LEU n 
1 165 TYR n 
1 166 GLU n 
1 167 PRO n 
1 168 GLY n 
1 169 GLY n 
1 170 ILE n 
1 171 ASP n 
1 172 THR n 
1 173 LYS n 
1 174 VAL n 
1 175 TYR n 
1 176 CYS n 
1 177 TYR n 
1 178 TYR n 
1 179 ASN n 
1 180 THR n 
1 181 ALA n 
1 182 LEU n 
1 183 GLU n 
1 184 SER n 
1 185 GLU n 
1 186 ARG n 
1 187 SER n 
1 188 PHE n 
1 189 LEU n 
1 190 ARG n 
1 191 PHE n 
1 192 LEU n 
1 193 GLU n 
1 194 SER n 
1 195 ALA n 
1 196 ARG n 
1 197 GLN n 
1 198 ARG n 
1 199 LEU n 
1 200 ARG n 
1 201 GLU n 
1 202 LEU n 
1 203 GLY n 
1 204 ARG n 
1 205 GLN n 
1 206 ARG n 
1 207 PHE n 
1 208 ASP n 
1 209 ASP n 
1 210 ALA n 
1 211 PRO n 
1 212 ALA n 
1 213 TRP n 
1 214 GLN n 
1 215 PRO n 
1 216 SER n 
# 
_entity_src_gen.entity_id                          1 
_entity_src_gen.pdbx_src_id                        1 
_entity_src_gen.pdbx_alt_source_flag               sample 
_entity_src_gen.pdbx_seq_type                      ? 
_entity_src_gen.pdbx_beg_seq_num                   ? 
_entity_src_gen.pdbx_end_seq_num                   ? 
_entity_src_gen.gene_src_common_name               ? 
_entity_src_gen.gene_src_genus                     ? 
_entity_src_gen.pdbx_gene_src_gene                 'mvfR, PA14_51340, PqsR' 
_entity_src_gen.gene_src_species                   ? 
_entity_src_gen.gene_src_strain                    UCBPP-PA14 
_entity_src_gen.gene_src_tissue                    ? 
_entity_src_gen.gene_src_tissue_fraction           ? 
_entity_src_gen.gene_src_details                   ? 
_entity_src_gen.pdbx_gene_src_fragment             ? 
_entity_src_gen.pdbx_gene_src_scientific_name      'Pseudomonas aeruginosa' 
_entity_src_gen.pdbx_gene_src_ncbi_taxonomy_id     208963 
_entity_src_gen.pdbx_gene_src_variant              ? 
_entity_src_gen.pdbx_gene_src_cell_line            ? 
_entity_src_gen.pdbx_gene_src_atcc                 ? 
_entity_src_gen.pdbx_gene_src_organ                ? 
_entity_src_gen.pdbx_gene_src_organelle            ? 
_entity_src_gen.pdbx_gene_src_cell                 ? 
_entity_src_gen.pdbx_gene_src_cellular_location    ? 
_entity_src_gen.host_org_common_name               ? 
_entity_src_gen.pdbx_host_org_scientific_name      'Escherichia coli' 
_entity_src_gen.pdbx_host_org_ncbi_taxonomy_id     562 
_entity_src_gen.host_org_genus                     ? 
_entity_src_gen.pdbx_host_org_gene                 ? 
_entity_src_gen.pdbx_host_org_organ                ? 
_entity_src_gen.host_org_species                   ? 
_entity_src_gen.pdbx_host_org_tissue               ? 
_entity_src_gen.pdbx_host_org_tissue_fraction      ? 
_entity_src_gen.pdbx_host_org_strain               'Rosetta 2 (DE3)' 
_entity_src_gen.pdbx_host_org_variant              ? 
_entity_src_gen.pdbx_host_org_cell_line            ? 
_entity_src_gen.pdbx_host_org_atcc                 ? 
_entity_src_gen.pdbx_host_org_culture_collection   ? 
_entity_src_gen.pdbx_host_org_cell                 ? 
_entity_src_gen.pdbx_host_org_organelle            ? 
_entity_src_gen.pdbx_host_org_cellular_location    ? 
_entity_src_gen.pdbx_host_org_vector_type          PLASMID 
_entity_src_gen.pdbx_host_org_vector               ? 
_entity_src_gen.host_org_details                   ? 
_entity_src_gen.expression_system_id               ? 
_entity_src_gen.plasmid_name                       pET28a 
_entity_src_gen.plasmid_details                    ? 
_entity_src_gen.pdbx_description                   ? 
# 
loop_
_chem_comp.id 
_chem_comp.type 
_chem_comp.mon_nstd_flag 
_chem_comp.name 
_chem_comp.pdbx_synonyms 
_chem_comp.formula 
_chem_comp.formula_weight 
ALA 'L-peptide linking' y ALANINE                     ? 'C3 H7 N O2'     89.093  
ARG 'L-peptide linking' y ARGININE                    ? 'C6 H15 N4 O2 1' 175.209 
ASN 'L-peptide linking' y ASPARAGINE                  ? 'C4 H8 N2 O3'    132.118 
ASP 'L-peptide linking' y 'ASPARTIC ACID'             ? 'C4 H7 N O4'     133.103 
CYS 'L-peptide linking' y CYSTEINE                    ? 'C3 H7 N O2 S'   121.158 
GLN 'L-peptide linking' y GLUTAMINE                   ? 'C5 H10 N2 O3'   146.144 
GLU 'L-peptide linking' y 'GLUTAMIC ACID'             ? 'C5 H9 N O4'     147.129 
GLY 'peptide linking'   y GLYCINE                     ? 'C2 H5 N O2'     75.067  
HIS 'L-peptide linking' y HISTIDINE                   ? 'C6 H10 N3 O2 1' 156.162 
ILE 'L-peptide linking' y ISOLEUCINE                  ? 'C6 H13 N O2'    131.173 
LEU 'L-peptide linking' y LEUCINE                     ? 'C6 H13 N O2'    131.173 
LYS 'L-peptide linking' y LYSINE                      ? 'C6 H15 N2 O2 1' 147.195 
MET 'L-peptide linking' y METHIONINE                  ? 'C5 H11 N O2 S'  149.211 
NNQ non-polymer         . '2-nonylquinolin-4(1H)-one' ? 'C18 H25 N O'    271.397 
PHE 'L-peptide linking' y PHENYLALANINE               ? 'C9 H11 N O2'    165.189 
PRO 'L-peptide linking' y PROLINE                     ? 'C5 H9 N O2'     115.130 
SER 'L-peptide linking' y SERINE                      ? 'C3 H7 N O3'     105.093 
THR 'L-peptide linking' y THREONINE                   ? 'C4 H9 N O3'     119.119 
TRP 'L-peptide linking' y TRYPTOPHAN                  ? 'C11 H12 N2 O2'  204.225 
TYR 'L-peptide linking' y TYROSINE                    ? 'C9 H11 N O3'    181.189 
VAL 'L-peptide linking' y VALINE                      ? 'C5 H11 N O2'    117.146 
# 
loop_
_pdbx_poly_seq_scheme.asym_id 
_pdbx_poly_seq_scheme.entity_id 
_pdbx_poly_seq_scheme.seq_id 
_pdbx_poly_seq_scheme.mon_id 
_pdbx_poly_seq_scheme.ndb_seq_num 
_pdbx_poly_seq_scheme.pdb_seq_num 
_pdbx_poly_seq_scheme.auth_seq_num 
_pdbx_poly_seq_scheme.pdb_mon_id 
_pdbx_poly_seq_scheme.auth_mon_id 
_pdbx_poly_seq_scheme.pdb_strand_id 
_pdbx_poly_seq_scheme.pdb_ins_code 
_pdbx_poly_seq_scheme.hetero 
A 1 1   ASN 1   94  94  ASN ASN A . n 
A 1 2   LEU 2   95  95  LEU LEU A . n 
A 1 3   ARG 3   96  96  ARG ARG A . n 
A 1 4   VAL 4   97  97  VAL VAL A . n 
A 1 5   LEU 5   98  98  LEU LEU A . n 
A 1 6   LEU 6   99  99  LEU LEU A . n 
A 1 7   ASP 7   100 100 ASP ASP A . n 
A 1 8   THR 8   101 101 THR THR A . n 
A 1 9   ALA 9   102 102 ALA ALA A . n 
A 1 10  ILE 10  103 103 ILE ILE A . n 
A 1 11  PRO 11  104 104 PRO PRO A . n 
A 1 12  PRO 12  105 105 PRO PRO A . n 
A 1 13  SER 13  106 106 SER SER A . n 
A 1 14  PHE 14  107 107 PHE PHE A . n 
A 1 15  CYS 15  108 108 CYS CYS A . n 
A 1 16  ASP 16  109 109 ASP ASP A . n 
A 1 17  THR 17  110 110 THR THR A . n 
A 1 18  VAL 18  111 111 VAL VAL A . n 
A 1 19  SER 19  112 112 SER SER A . n 
A 1 20  SER 20  113 113 SER SER A . n 
A 1 21  VAL 21  114 114 VAL VAL A . n 
A 1 22  LEU 22  115 115 LEU LEU A . n 
A 1 23  LEU 23  116 116 LEU LEU A . n 
A 1 24  ASP 24  117 117 ASP ASP A . n 
A 1 25  ASP 25  118 118 ASP ASP A . n 
A 1 26  PHE 26  119 119 PHE PHE A . n 
A 1 27  ASN 27  120 120 ASN ASN A . n 
A 1 28  MET 28  121 121 MET MET A . n 
A 1 29  VAL 29  122 122 VAL VAL A . n 
A 1 30  SER 30  123 123 SER SER A . n 
A 1 31  LEU 31  124 124 LEU LEU A . n 
A 1 32  ILE 32  125 125 ILE ILE A . n 
A 1 33  ARG 33  126 126 ARG ARG A . n 
A 1 34  THR 34  127 127 THR THR A . n 
A 1 35  SER 35  128 128 SER SER A . n 
A 1 36  PRO 36  129 129 PRO PRO A . n 
A 1 37  ALA 37  130 130 ALA ALA A . n 
A 1 38  ASP 38  131 131 ASP ASP A . n 
A 1 39  SER 39  132 132 SER SER A . n 
A 1 40  LEU 40  133 133 LEU LEU A . n 
A 1 41  ALA 41  134 134 ALA ALA A . n 
A 1 42  THR 42  135 135 THR THR A . n 
A 1 43  ILE 43  136 136 ILE ILE A . n 
A 1 44  LYS 44  137 137 LYS LYS A . n 
A 1 45  GLN 45  138 138 GLN GLN A . n 
A 1 46  ASP 46  139 139 ASP ASP A . n 
A 1 47  ASN 47  140 140 ASN ASN A . n 
A 1 48  ALA 48  141 141 ALA ALA A . n 
A 1 49  GLU 49  142 142 GLU GLU A . n 
A 1 50  ILE 50  143 143 ILE ILE A . n 
A 1 51  ASP 51  144 144 ASP ASP A . n 
A 1 52  ILE 52  145 145 ILE ILE A . n 
A 1 53  ALA 53  146 146 ALA ALA A . n 
A 1 54  ILE 54  147 147 ILE ILE A . n 
A 1 55  THR 55  148 148 THR THR A . n 
A 1 56  ILE 56  149 149 ILE ILE A . n 
A 1 57  ASP 57  150 150 ASP ASP A . n 
A 1 58  GLU 58  151 151 GLU GLU A . n 
A 1 59  GLU 59  152 152 GLU GLU A . n 
A 1 60  LEU 60  153 153 LEU LEU A . n 
A 1 61  LYS 61  154 154 LYS LYS A . n 
A 1 62  ILE 62  155 155 ILE ILE A . n 
A 1 63  SER 63  156 156 SER SER A . n 
A 1 64  ARG 64  157 157 ARG ARG A . n 
A 1 65  PHE 65  158 158 PHE PHE A . n 
A 1 66  ASN 66  159 159 ASN ASN A . n 
A 1 67  GLN 67  160 160 GLN GLN A . n 
A 1 68  CYS 68  161 161 CYS CYS A . n 
A 1 69  VAL 69  162 162 VAL VAL A . n 
A 1 70  LEU 70  163 163 LEU LEU A . n 
A 1 71  GLY 71  164 164 GLY GLY A . n 
A 1 72  TYR 72  165 165 TYR TYR A . n 
A 1 73  THR 73  166 166 THR THR A . n 
A 1 74  LYS 74  167 167 LYS LYS A . n 
A 1 75  ALA 75  168 168 ALA ALA A . n 
A 1 76  PHE 76  169 169 PHE PHE A . n 
A 1 77  VAL 77  170 170 VAL VAL A . n 
A 1 78  VAL 78  171 171 VAL VAL A . n 
A 1 79  ALA 79  172 172 ALA ALA A . n 
A 1 80  HIS 80  173 173 HIS HIS A . n 
A 1 81  PRO 81  174 174 PRO PRO A . n 
A 1 82  GLN 82  175 175 GLN GLN A . n 
A 1 83  HIS 83  176 176 HIS HIS A . n 
A 1 84  PRO 84  177 177 PRO PRO A . n 
A 1 85  LEU 85  178 178 LEU LEU A . n 
A 1 86  CYS 86  179 179 CYS CYS A . n 
A 1 87  ASN 87  180 180 ASN ASN A . n 
A 1 88  ALA 88  181 181 ALA ALA A . n 
A 1 89  SER 89  182 182 SER SER A . n 
A 1 90  LEU 90  183 183 LEU LEU A . n 
A 1 91  HIS 91  184 184 HIS HIS A . n 
A 1 92  SER 92  185 185 SER SER A . n 
A 1 93  ILE 93  186 186 ILE ILE A . n 
A 1 94  ALA 94  187 187 ALA ALA A . n 
A 1 95  SER 95  188 188 SER SER A . n 
A 1 96  LEU 96  189 189 LEU LEU A . n 
A 1 97  ALA 97  190 190 ALA ALA A . n 
A 1 98  ASN 98  191 191 ASN ASN A . n 
A 1 99  TYR 99  192 192 TYR TYR A . n 
A 1 100 ARG 100 193 193 ARG ARG A . n 
A 1 101 GLN 101 194 194 GLN GLN A . n 
A 1 102 ILE 102 195 195 ILE ILE A . n 
A 1 103 SER 103 196 196 SER SER A . n 
A 1 104 LEU 104 197 197 LEU LEU A . n 
A 1 105 GLY 105 198 198 GLY GLY A . n 
A 1 106 SER 106 199 199 SER SER A . n 
A 1 107 ARG 107 200 200 ARG ARG A . n 
A 1 108 SER 108 201 201 SER SER A . n 
A 1 109 GLY 109 202 202 GLY GLY A . n 
A 1 110 GLN 110 203 203 GLN GLN A . n 
A 1 111 HIS 111 204 204 HIS HIS A . n 
A 1 112 SER 112 205 205 SER SER A . n 
A 1 113 ASN 113 206 206 ASN ASN A . n 
A 1 114 LEU 114 207 207 LEU LEU A . n 
A 1 115 LEU 115 208 208 LEU LEU A . n 
A 1 116 ARG 116 209 209 ARG ARG A . n 
A 1 117 PRO 117 210 210 PRO PRO A . n 
A 1 118 VAL 118 211 211 VAL VAL A . n 
A 1 119 SER 119 212 212 SER SER A . n 
A 1 120 ASP 120 213 213 ASP ASP A . n 
A 1 121 LYS 121 214 214 LYS LYS A . n 
A 1 122 VAL 122 215 215 VAL VAL A . n 
A 1 123 LEU 123 216 216 LEU LEU A . n 
A 1 124 PHE 124 217 217 PHE PHE A . n 
A 1 125 VAL 125 218 218 VAL VAL A . n 
A 1 126 GLU 126 219 219 GLU GLU A . n 
A 1 127 ASN 127 220 220 ASN ASN A . n 
A 1 128 PHE 128 221 221 PHE PHE A . n 
A 1 129 ASP 129 222 222 ASP ASP A . n 
A 1 130 ASP 130 223 223 ASP ASP A . n 
A 1 131 MET 131 224 224 MET MET A . n 
A 1 132 LEU 132 225 225 LEU LEU A . n 
A 1 133 ARG 133 226 226 ARG ARG A . n 
A 1 134 LEU 134 227 227 LEU LEU A . n 
A 1 135 VAL 135 228 228 VAL VAL A . n 
A 1 136 GLU 136 229 229 GLU GLU A . n 
A 1 137 ALA 137 230 230 ALA ALA A . n 
A 1 138 GLY 138 231 231 GLY GLY A . n 
A 1 139 VAL 139 232 232 VAL VAL A . n 
A 1 140 GLY 140 233 233 GLY GLY A . n 
A 1 141 TRP 141 234 234 TRP TRP A . n 
A 1 142 GLY 142 235 235 GLY GLY A . n 
A 1 143 ILE 143 236 236 ILE ILE A . n 
A 1 144 ALA 144 237 237 ALA ALA A . n 
A 1 145 PRO 145 238 238 PRO PRO A . n 
A 1 146 HIS 146 239 239 HIS HIS A . n 
A 1 147 TYR 147 240 240 TYR TYR A . n 
A 1 148 PHE 148 241 241 PHE PHE A . n 
A 1 149 VAL 149 242 242 VAL VAL A . n 
A 1 150 GLU 150 243 243 GLU GLU A . n 
A 1 151 GLU 151 244 244 GLU GLU A . n 
A 1 152 ARG 152 245 245 ARG ARG A . n 
A 1 153 LEU 153 246 246 LEU LEU A . n 
A 1 154 ARG 154 247 247 ARG ARG A . n 
A 1 155 ASN 155 248 248 ASN ASN A . n 
A 1 156 GLY 156 249 249 GLY GLY A . n 
A 1 157 THR 157 250 250 THR THR A . n 
A 1 158 LEU 158 251 251 LEU LEU A . n 
A 1 159 ALA 159 252 252 ALA ALA A . n 
A 1 160 VAL 160 253 253 VAL VAL A . n 
A 1 161 LEU 161 254 254 LEU LEU A . n 
A 1 162 SER 162 255 255 SER SER A . n 
A 1 163 GLU 163 256 256 GLU GLU A . n 
A 1 164 LEU 164 257 257 LEU LEU A . n 
A 1 165 TYR 165 258 258 TYR TYR A . n 
A 1 166 GLU 166 259 259 GLU GLU A . n 
A 1 167 PRO 167 260 260 PRO PRO A . n 
A 1 168 GLY 168 261 261 GLY GLY A . n 
A 1 169 GLY 169 262 262 GLY GLY A . n 
A 1 170 ILE 170 263 263 ILE ILE A . n 
A 1 171 ASP 171 264 264 ASP ASP A . n 
A 1 172 THR 172 265 265 THR THR A . n 
A 1 173 LYS 173 266 266 LYS LYS A . n 
A 1 174 VAL 174 267 267 VAL VAL A . n 
A 1 175 TYR 175 268 268 TYR TYR A . n 
A 1 176 CYS 176 269 269 CYS CYS A . n 
A 1 177 TYR 177 270 270 TYR TYR A . n 
A 1 178 TYR 178 271 271 TYR TYR A . n 
A 1 179 ASN 179 272 272 ASN ASN A . n 
A 1 180 THR 180 273 273 THR THR A . n 
A 1 181 ALA 181 274 274 ALA ALA A . n 
A 1 182 LEU 182 275 275 LEU LEU A . n 
A 1 183 GLU 183 276 276 GLU GLU A . n 
A 1 184 SER 184 277 277 SER SER A . n 
A 1 185 GLU 185 278 278 GLU GLU A . n 
A 1 186 ARG 186 279 279 ARG ARG A . n 
A 1 187 SER 187 280 280 SER SER A . n 
A 1 188 PHE 188 281 281 PHE PHE A . n 
A 1 189 LEU 189 282 282 LEU LEU A . n 
A 1 190 ARG 190 283 283 ARG ARG A . n 
A 1 191 PHE 191 284 284 PHE PHE A . n 
A 1 192 LEU 192 285 285 LEU LEU A . n 
A 1 193 GLU 193 286 286 GLU GLU A . n 
A 1 194 SER 194 287 287 SER SER A . n 
A 1 195 ALA 195 288 288 ALA ALA A . n 
A 1 196 ARG 196 289 289 ARG ARG A . n 
A 1 197 GLN 197 290 290 GLN GLN A . n 
A 1 198 ARG 198 291 291 ARG ARG A . n 
A 1 199 LEU 199 292 292 LEU LEU A . n 
A 1 200 ARG 200 293 293 ARG ARG A . n 
A 1 201 GLU 201 294 294 GLU GLU A . n 
A 1 202 LEU 202 295 295 LEU LEU A . n 
A 1 203 GLY 203 296 296 GLY GLY A . n 
A 1 204 ARG 204 297 ?   ?   ?   A . n 
A 1 205 GLN 205 298 ?   ?   ?   A . n 
A 1 206 ARG 206 299 ?   ?   ?   A . n 
A 1 207 PHE 207 300 ?   ?   ?   A . n 
A 1 208 ASP 208 301 ?   ?   ?   A . n 
A 1 209 ASP 209 302 ?   ?   ?   A . n 
A 1 210 ALA 210 303 ?   ?   ?   A . n 
A 1 211 PRO 211 304 ?   ?   ?   A . n 
A 1 212 ALA 212 305 ?   ?   ?   A . n 
A 1 213 TRP 213 306 ?   ?   ?   A . n 
A 1 214 GLN 214 307 ?   ?   ?   A . n 
A 1 215 PRO 215 308 ?   ?   ?   A . n 
A 1 216 SER 216 309 ?   ?   ?   A . n 
# 
_pdbx_nonpoly_scheme.asym_id         B 
_pdbx_nonpoly_scheme.entity_id       2 
_pdbx_nonpoly_scheme.mon_id          NNQ 
_pdbx_nonpoly_scheme.ndb_seq_num     1 
_pdbx_nonpoly_scheme.pdb_seq_num     401 
_pdbx_nonpoly_scheme.auth_seq_num    297 
_pdbx_nonpoly_scheme.pdb_mon_id      NNQ 
_pdbx_nonpoly_scheme.auth_mon_id     DRG 
_pdbx_nonpoly_scheme.pdb_strand_id   A 
_pdbx_nonpoly_scheme.pdb_ins_code    . 
# 
loop_
_pdbx_unobs_or_zero_occ_atoms.id 
_pdbx_unobs_or_zero_occ_atoms.PDB_model_num 
_pdbx_unobs_or_zero_occ_atoms.polymer_flag 
_pdbx_unobs_or_zero_occ_atoms.occupancy_flag 
_pdbx_unobs_or_zero_occ_atoms.auth_asym_id 
_pdbx_unobs_or_zero_occ_atoms.auth_comp_id 
_pdbx_unobs_or_zero_occ_atoms.auth_seq_id 
_pdbx_unobs_or_zero_occ_atoms.PDB_ins_code 
_pdbx_unobs_or_zero_occ_atoms.auth_atom_id 
_pdbx_unobs_or_zero_occ_atoms.label_alt_id 
_pdbx_unobs_or_zero_occ_atoms.label_asym_id 
_pdbx_unobs_or_zero_occ_atoms.label_comp_id 
_pdbx_unobs_or_zero_occ_atoms.label_seq_id 
_pdbx_unobs_or_zero_occ_atoms.label_atom_id 
1 1 Y 1 A ALA 230 ? O ? A ALA 137 O 
2 1 Y 1 A TYR 270 ? O ? A TYR 177 O 
# 
_software.name             REFMAC 
_software.classification   refinement 
_software.version          5.7.0029 
_software.citation_id      ? 
_software.pdbx_ordinal     1 
# 
_cell.entry_id           4JVD 
_cell.length_a           120.350 
_cell.length_b           120.350 
_cell.length_c           115.360 
_cell.angle_alpha        90.00 
_cell.angle_beta         90.00 
_cell.angle_gamma        120.00 
_cell.Z_PDB              12 
_cell.pdbx_unique_axis   ? 
_cell.length_a_esd       ? 
_cell.length_b_esd       ? 
_cell.length_c_esd       ? 
_cell.angle_alpha_esd    ? 
_cell.angle_beta_esd     ? 
_cell.angle_gamma_esd    ? 
# 
_symmetry.entry_id                         4JVD 
_symmetry.space_group_name_H-M             'P 65 2 2' 
_symmetry.pdbx_full_space_group_name_H-M   ? 
_symmetry.cell_setting                     ? 
_symmetry.Int_Tables_number                179 
_symmetry.space_group_name_Hall            ? 
# 
_exptl.entry_id          4JVD 
_exptl.method            'X-RAY DIFFRACTION' 
_exptl.crystals_number   1 
# 
_exptl_crystal.id                    1 
_exptl_crystal.density_meas          ? 
_exptl_crystal.density_Matthews      4.96 
_exptl_crystal.density_percent_sol   75.23 
_exptl_crystal.description           ? 
# 
_exptl_crystal_grow.crystal_id      1 
_exptl_crystal_grow.method          'VAPOR DIFFUSION, SITTING DROP' 
_exptl_crystal_grow.temp            292 
_exptl_crystal_grow.temp_details    ? 
_exptl_crystal_grow.pH              6.0 
_exptl_crystal_grow.pdbx_details    
'0.1M Tri sodium citrate pH 6.0, 0.1M Ammonium acetate, 3% MPD, VAPOR DIFFUSION, SITTING DROP, temperature 292K' 
_exptl_crystal_grow.pdbx_pH_range   . 
# 
_diffrn.id                     1 
_diffrn.ambient_temp           100 
_diffrn.ambient_temp_details   ? 
_diffrn.crystal_id             1 
# 
_diffrn_detector.diffrn_id              1 
_diffrn_detector.detector               CCD 
_diffrn_detector.type                   'ADSC QUANTUM 315r' 
_diffrn_detector.pdbx_collection_date   2010-03-01 
_diffrn_detector.details                ? 
# 
_diffrn_radiation.diffrn_id                        1 
_diffrn_radiation.wavelength_id                    1 
_diffrn_radiation.pdbx_monochromatic_or_laue_m_l   M 
_diffrn_radiation.monochromator                    GRAPHITE 
_diffrn_radiation.pdbx_diffrn_protocol             ? 
_diffrn_radiation.pdbx_scattering_type             x-ray 
# 
_diffrn_radiation_wavelength.id           1 
_diffrn_radiation_wavelength.wavelength   . 
_diffrn_radiation_wavelength.wt           1.0 
# 
_diffrn_source.diffrn_id                   1 
_diffrn_source.source                      SYNCHROTRON 
_diffrn_source.type                        'DIAMOND BEAMLINE I04' 
_diffrn_source.pdbx_synchrotron_site       Diamond 
_diffrn_source.pdbx_synchrotron_beamline   I04 
_diffrn_source.pdbx_wavelength             ? 
_diffrn_source.pdbx_wavelength_list        ? 
# 
_reflns.entry_id                     4JVD 
_reflns.observed_criterion_sigma_I   1 
_reflns.observed_criterion_sigma_F   1 
_reflns.d_resolution_low             30 
_reflns.d_resolution_high            2.95 
_reflns.number_obs                   10922 
_reflns.number_all                   11482 
_reflns.percent_possible_obs         95 
_reflns.pdbx_Rmerge_I_obs            0.063 
_reflns.pdbx_Rsym_value              0.069 
_reflns.pdbx_netI_over_sigmaI        2.4 
_reflns.B_iso_Wilson_estimate        75 
_reflns.pdbx_redundancy              10 
_reflns.R_free_details               ? 
_reflns.limit_h_max                  ? 
_reflns.limit_h_min                  ? 
_reflns.limit_k_max                  ? 
_reflns.limit_k_min                  ? 
_reflns.limit_l_max                  ? 
_reflns.limit_l_min                  ? 
_reflns.observed_criterion_F_max     ? 
_reflns.observed_criterion_F_min     ? 
_reflns.pdbx_chi_squared             ? 
_reflns.pdbx_scaling_rejects         ? 
_reflns.pdbx_ordinal                 1 
_reflns.pdbx_diffrn_id               1 
# 
_refine.entry_id                                 4JVD 
_refine.ls_number_reflns_obs                     10306 
_refine.ls_number_reflns_all                     ? 
_refine.pdbx_ls_sigma_I                          ? 
_refine.pdbx_ls_sigma_F                          ? 
_refine.pdbx_data_cutoff_high_absF               ? 
_refine.pdbx_data_cutoff_low_absF                ? 
_refine.pdbx_data_cutoff_high_rms_absF           ? 
_refine.ls_d_res_low                             29.11 
_refine.ls_d_res_high                            2.95 
_refine.ls_percent_reflns_obs                    99.37 
_refine.ls_R_factor_obs                          0.20526 
_refine.ls_R_factor_all                          ? 
_refine.ls_R_factor_R_work                       0.20273 
_refine.ls_R_factor_R_free                       0.25554 
_refine.ls_R_factor_R_free_error                 ? 
_refine.ls_R_factor_R_free_error_details         ? 
_refine.ls_percent_reflns_R_free                 4.8 
_refine.ls_number_reflns_R_free                  522 
_refine.ls_number_parameters                     ? 
_refine.ls_number_restraints                     ? 
_refine.occupancy_min                            ? 
_refine.occupancy_max                            ? 
_refine.correlation_coeff_Fo_to_Fc               0.955 
_refine.correlation_coeff_Fo_to_Fc_free          0.937 
_refine.B_iso_mean                               98.853 
_refine.aniso_B[1][1]                            -0.20 
_refine.aniso_B[2][2]                            -0.20 
_refine.aniso_B[3][3]                            0.64 
_refine.aniso_B[1][2]                            -0.20 
_refine.aniso_B[1][3]                            0.00 
_refine.aniso_B[2][3]                            0.00 
_refine.solvent_model_details                    MASK 
_refine.solvent_model_param_ksol                 ? 
_refine.solvent_model_param_bsol                 ? 
_refine.pdbx_solvent_vdw_probe_radii             1.20 
_refine.pdbx_solvent_ion_probe_radii             0.80 
_refine.pdbx_solvent_shrinkage_radii             0.80 
_refine.pdbx_ls_cross_valid_method               THROUGHOUT 
_refine.details                                  'HYDROGENS HAVE BEEN ADDED IN THE RIDING POSITIONS' 
_refine.pdbx_starting_model                      ? 
_refine.pdbx_method_to_determine_struct          'MOLECULAR REPLACEMENT' 
_refine.pdbx_isotropic_thermal_model             ? 
_refine.pdbx_stereochemistry_target_values       'MAXIMUM LIKELIHOOD' 
_refine.pdbx_stereochem_target_val_spec_case     ? 
_refine.pdbx_R_Free_selection_details            RANDOM 
_refine.pdbx_overall_ESU_R                       0.395 
_refine.pdbx_overall_ESU_R_Free                  0.304 
_refine.overall_SU_ML                            0.266 
_refine.pdbx_overall_phase_error                 ? 
_refine.overall_SU_B                             15.122 
_refine.overall_SU_R_Cruickshank_DPI             ? 
_refine.ls_redundancy_reflns_obs                 ? 
_refine.B_iso_min                                ? 
_refine.B_iso_max                                ? 
_refine.overall_SU_R_free                        ? 
_refine.ls_wR_factor_R_free                      ? 
_refine.ls_wR_factor_R_work                      ? 
_refine.overall_FOM_free_R_set                   ? 
_refine.overall_FOM_work_R_set                   ? 
_refine.pdbx_diffrn_id                           1 
_refine.pdbx_refine_id                           'X-RAY DIFFRACTION' 
_refine.pdbx_TLS_residual_ADP_flag               ? 
_refine.pdbx_overall_SU_R_free_Cruickshank_DPI   ? 
_refine.pdbx_overall_SU_R_Blow_DPI               ? 
_refine.pdbx_overall_SU_R_free_Blow_DPI          ? 
# 
_refine_hist.pdbx_refine_id                   'X-RAY DIFFRACTION' 
_refine_hist.cycle_id                         LAST 
_refine_hist.pdbx_number_atoms_protein        1596 
_refine_hist.pdbx_number_atoms_nucleic_acid   0 
_refine_hist.pdbx_number_atoms_ligand         20 
_refine_hist.number_atoms_solvent             0 
_refine_hist.number_atoms_total               1616 
_refine_hist.d_res_high                       2.95 
_refine_hist.d_res_low                        29.11 
# 
loop_
_refine_ls_restr.type 
_refine_ls_restr.dev_ideal 
_refine_ls_restr.dev_ideal_target 
_refine_ls_restr.weight 
_refine_ls_restr.number 
_refine_ls_restr.pdbx_restraint_function 
_refine_ls_restr.pdbx_refine_id 
r_bond_refined_d             0.015  0.019  ? 1647 ? 'X-RAY DIFFRACTION' 
r_bond_other_d               0.002  0.020  ? 1584 ? 'X-RAY DIFFRACTION' 
r_angle_refined_deg          1.997  1.980  ? 2232 ? 'X-RAY DIFFRACTION' 
r_angle_other_deg            0.947  3.002  ? 3600 ? 'X-RAY DIFFRACTION' 
r_dihedral_angle_1_deg       8.637  5.000  ? 202  ? 'X-RAY DIFFRACTION' 
r_dihedral_angle_2_deg       37.749 23.506 ? 77   ? 'X-RAY DIFFRACTION' 
r_dihedral_angle_3_deg       22.603 15.000 ? 275  ? 'X-RAY DIFFRACTION' 
r_dihedral_angle_4_deg       22.932 15.000 ? 14   ? 'X-RAY DIFFRACTION' 
r_chiral_restr               0.103  0.200  ? 256  ? 'X-RAY DIFFRACTION' 
r_gen_planes_refined         0.007  0.021  ? 1851 ? 'X-RAY DIFFRACTION' 
r_gen_planes_other           0.001  0.020  ? 382  ? 'X-RAY DIFFRACTION' 
r_nbd_refined                ?      ?      ? ?    ? 'X-RAY DIFFRACTION' 
r_nbd_other                  ?      ?      ? ?    ? 'X-RAY DIFFRACTION' 
r_nbtor_refined              ?      ?      ? ?    ? 'X-RAY DIFFRACTION' 
r_nbtor_other                ?      ?      ? ?    ? 'X-RAY DIFFRACTION' 
r_xyhbond_nbd_refined        ?      ?      ? ?    ? 'X-RAY DIFFRACTION' 
r_xyhbond_nbd_other          ?      ?      ? ?    ? 'X-RAY DIFFRACTION' 
r_metal_ion_refined          ?      ?      ? ?    ? 'X-RAY DIFFRACTION' 
r_metal_ion_other            ?      ?      ? ?    ? 'X-RAY DIFFRACTION' 
r_symmetry_vdw_refined       ?      ?      ? ?    ? 'X-RAY DIFFRACTION' 
r_symmetry_vdw_other         ?      ?      ? ?    ? 'X-RAY DIFFRACTION' 
r_symmetry_hbond_refined     ?      ?      ? ?    ? 'X-RAY DIFFRACTION' 
r_symmetry_hbond_other       ?      ?      ? ?    ? 'X-RAY DIFFRACTION' 
r_symmetry_metal_ion_refined ?      ?      ? ?    ? 'X-RAY DIFFRACTION' 
r_symmetry_metal_ion_other   ?      ?      ? ?    ? 'X-RAY DIFFRACTION' 
r_mcbond_it                  ?      ?      ? ?    ? 'X-RAY DIFFRACTION' 
r_mcbond_other               ?      ?      ? ?    ? 'X-RAY DIFFRACTION' 
r_mcangle_it                 ?      ?      ? ?    ? 'X-RAY DIFFRACTION' 
r_scbond_it                  ?      ?      ? ?    ? 'X-RAY DIFFRACTION' 
r_scangle_it                 ?      ?      ? ?    ? 'X-RAY DIFFRACTION' 
r_rigid_bond_restr           ?      ?      ? ?    ? 'X-RAY DIFFRACTION' 
r_sphericity_free            ?      ?      ? ?    ? 'X-RAY DIFFRACTION' 
r_sphericity_bonded          ?      ?      ? ?    ? 'X-RAY DIFFRACTION' 
# 
_refine_ls_shell.pdbx_refine_id                   'X-RAY DIFFRACTION' 
_refine_ls_shell.pdbx_total_number_of_bins_used   20 
_refine_ls_shell.d_res_high                       2.950 
_refine_ls_shell.d_res_low                        3.026 
_refine_ls_shell.number_reflns_R_work             728 
_refine_ls_shell.R_factor_R_work                  0.353 
_refine_ls_shell.percent_reflns_obs               100.00 
_refine_ls_shell.R_factor_R_free                  0.319 
_refine_ls_shell.R_factor_R_free_error            ? 
_refine_ls_shell.percent_reflns_R_free            ? 
_refine_ls_shell.number_reflns_R_free             50 
_refine_ls_shell.number_reflns_all                ? 
_refine_ls_shell.R_factor_all                     ? 
_refine_ls_shell.number_reflns_obs                ? 
_refine_ls_shell.redundancy_reflns_obs            ? 
# 
_struct.entry_id                  4JVD 
_struct.title                     'Crystal structure of PqsR coinducer binding domain of Pseudomonas aeruginosa with ligand NHQ' 
_struct.pdbx_model_details        ? 
_struct.pdbx_CASP_flag            ? 
_struct.pdbx_model_type_details   ? 
# 
_struct_keywords.entry_id        4JVD 
_struct_keywords.pdbx_keywords   'TRANSCRIPTION REGULATOR' 
_struct_keywords.text            'Ligand/coinducer recognition, gene regulation, DNA binding, TRANSCRIPTION REGULATOR' 
# 
loop_
_struct_asym.id 
_struct_asym.pdbx_blank_PDB_chainid_flag 
_struct_asym.pdbx_modified 
_struct_asym.entity_id 
_struct_asym.details 
A N N 1 ? 
B N N 2 ? 
# 
_struct_ref.id                         1 
_struct_ref.db_name                    UNP 
_struct_ref.db_code                    Q02IG8_PSEAB 
_struct_ref.pdbx_db_accession          Q02IG8 
_struct_ref.entity_id                  1 
_struct_ref.pdbx_seq_one_letter_code   
;NLRVLLDTAIPPSFCDTVSSVLLDDFNMVSLIRTSPADSLATIKQDNAEIDIAITIDEELKISRFNQCVLGYTKAFVVAH
PQHPLCNASLHSIASLANYRQISLGSRSGQHSNLLRPVSDKVLFVENFDDMLRLVEAGVGWGIAPHYFVEERLRNGTLAV
LSELYEPGGIDTKVYCYYNTALESERSFLRFLESARQRLRELGRQRFDDAPAWQPS
;
_struct_ref.pdbx_align_begin           94 
_struct_ref.pdbx_db_isoform            ? 
# 
_struct_ref_seq.align_id                      1 
_struct_ref_seq.ref_id                        1 
_struct_ref_seq.pdbx_PDB_id_code              4JVD 
_struct_ref_seq.pdbx_strand_id                A 
_struct_ref_seq.seq_align_beg                 1 
_struct_ref_seq.pdbx_seq_align_beg_ins_code   ? 
_struct_ref_seq.seq_align_end                 216 
_struct_ref_seq.pdbx_seq_align_end_ins_code   ? 
_struct_ref_seq.pdbx_db_accession             Q02IG8 
_struct_ref_seq.db_align_beg                  94 
_struct_ref_seq.pdbx_db_align_beg_ins_code    ? 
_struct_ref_seq.db_align_end                  309 
_struct_ref_seq.pdbx_db_align_end_ins_code    ? 
_struct_ref_seq.pdbx_auth_seq_align_beg       94 
_struct_ref_seq.pdbx_auth_seq_align_end       309 
# 
_pdbx_struct_assembly.id                   1 
_pdbx_struct_assembly.details              author_and_software_defined_assembly 
_pdbx_struct_assembly.method_details       PISA 
_pdbx_struct_assembly.oligomeric_details   dimeric 
_pdbx_struct_assembly.oligomeric_count     2 
# 
loop_
_pdbx_struct_assembly_prop.biol_id 
_pdbx_struct_assembly_prop.type 
_pdbx_struct_assembly_prop.value 
_pdbx_struct_assembly_prop.details 
1 'ABSA (A^2)' 2260  ? 
1 MORE         -5    ? 
1 'SSA (A^2)'  18250 ? 
# 
_pdbx_struct_assembly_gen.assembly_id       1 
_pdbx_struct_assembly_gen.oper_expression   1,2 
_pdbx_struct_assembly_gen.asym_id_list      A,B 
# 
loop_
_pdbx_struct_oper_list.id 
_pdbx_struct_oper_list.type 
_pdbx_struct_oper_list.name 
_pdbx_struct_oper_list.symmetry_operation 
_pdbx_struct_oper_list.matrix[1][1] 
_pdbx_struct_oper_list.matrix[1][2] 
_pdbx_struct_oper_list.matrix[1][3] 
_pdbx_struct_oper_list.vector[1] 
_pdbx_struct_oper_list.matrix[2][1] 
_pdbx_struct_oper_list.matrix[2][2] 
_pdbx_struct_oper_list.matrix[2][3] 
_pdbx_struct_oper_list.vector[2] 
_pdbx_struct_oper_list.matrix[3][1] 
_pdbx_struct_oper_list.matrix[3][2] 
_pdbx_struct_oper_list.matrix[3][3] 
_pdbx_struct_oper_list.vector[3] 
1 'identity operation'         1_555 x,y,z          1.0000000000  0.0000000000 0.0000000000 0.0000000000  0.0000000000 1.0000000000  0.0000000000 0.0000000000   0.0000000000 0.0000000000 1.0000000000  0.0000000000  
2 'crystal symmetry operation' 9_555 -x,-x+y,-z+1/3 -0.4089167607 0.5934817856 0.6932290048 -9.3517508976 0.5934817856 -0.4041099352 0.6960420465 -13.4633698285 0.6932290048 0.6960420465 -0.1869733042 19.4999457434 
# 
_struct_biol.id        1 
_struct_biol.details   ? 
# 
loop_
_struct_conf.conf_type_id 
_struct_conf.id 
_struct_conf.pdbx_PDB_helix_id 
_struct_conf.beg_label_comp_id 
_struct_conf.beg_label_asym_id 
_struct_conf.beg_label_seq_id 
_struct_conf.pdbx_beg_PDB_ins_code 
_struct_conf.end_label_comp_id 
_struct_conf.end_label_asym_id 
_struct_conf.end_label_seq_id 
_struct_conf.pdbx_end_PDB_ins_code 
_struct_conf.beg_auth_comp_id 
_struct_conf.beg_auth_asym_id 
_struct_conf.beg_auth_seq_id 
_struct_conf.end_auth_comp_id 
_struct_conf.end_auth_asym_id 
_struct_conf.end_auth_seq_id 
_struct_conf.pdbx_PDB_helix_class 
_struct_conf.details 
_struct_conf.pdbx_PDB_helix_length 
HELX_P HELX_P1 1 CYS A 15  ? PHE A 26  ? CYS A 108 PHE A 119 1 ? 12 
HELX_P HELX_P2 2 SER A 35  ? GLN A 45  ? SER A 128 GLN A 138 1 ? 11 
HELX_P HELX_P3 3 HIS A 91  ? LEU A 96  ? HIS A 184 LEU A 189 1 ? 6  
HELX_P HELX_P4 4 ALA A 97  ? TYR A 99  ? ALA A 190 TYR A 192 5 ? 3  
HELX_P HELX_P5 5 ASN A 127 ? ALA A 137 ? ASN A 220 ALA A 230 1 ? 11 
HELX_P HELX_P6 6 HIS A 146 ? ASN A 155 ? HIS A 239 ASN A 248 1 ? 10 
HELX_P HELX_P7 7 SER A 162 ? TYR A 165 ? SER A 255 TYR A 258 5 ? 4  
HELX_P HELX_P8 8 ASN A 179 ? GLU A 183 ? ASN A 272 GLU A 276 5 ? 5  
HELX_P HELX_P9 9 GLU A 185 ? ARG A 200 ? GLU A 278 ARG A 293 1 ? 16 
# 
_struct_conf_type.id          HELX_P 
_struct_conf_type.criteria    ? 
_struct_conf_type.reference   ? 
# 
loop_
_struct_mon_prot_cis.pdbx_id 
_struct_mon_prot_cis.label_comp_id 
_struct_mon_prot_cis.label_seq_id 
_struct_mon_prot_cis.label_asym_id 
_struct_mon_prot_cis.label_alt_id 
_struct_mon_prot_cis.pdbx_PDB_ins_code 
_struct_mon_prot_cis.auth_comp_id 
_struct_mon_prot_cis.auth_seq_id 
_struct_mon_prot_cis.auth_asym_id 
_struct_mon_prot_cis.pdbx_label_comp_id_2 
_struct_mon_prot_cis.pdbx_label_seq_id_2 
_struct_mon_prot_cis.pdbx_label_asym_id_2 
_struct_mon_prot_cis.pdbx_PDB_ins_code_2 
_struct_mon_prot_cis.pdbx_auth_comp_id_2 
_struct_mon_prot_cis.pdbx_auth_seq_id_2 
_struct_mon_prot_cis.pdbx_auth_asym_id_2 
_struct_mon_prot_cis.pdbx_PDB_model_num 
_struct_mon_prot_cis.pdbx_omega_angle 
1 ASP 120 A . ? ASP 213 A LYS 121 A ? LYS 214 A 1 0.30  
2 ALA 137 A . ? ALA 230 A GLY 138 A ? GLY 231 A 1 9.68  
3 GLU 201 A . ? GLU 294 A LEU 202 A ? LEU 295 A 1 -0.96 
# 
loop_
_struct_sheet.id 
_struct_sheet.type 
_struct_sheet.number_strands 
_struct_sheet.details 
A ? 6 ? 
B ? 6 ? 
C ? 2 ? 
# 
loop_
_struct_sheet_order.sheet_id 
_struct_sheet_order.range_id_1 
_struct_sheet_order.range_id_2 
_struct_sheet_order.offset 
_struct_sheet_order.sense 
A 1 2 ? parallel      
A 2 3 ? parallel      
A 3 4 ? anti-parallel 
A 4 5 ? anti-parallel 
A 5 6 ? anti-parallel 
B 1 2 ? parallel      
B 2 3 ? parallel      
B 3 4 ? anti-parallel 
B 4 5 ? anti-parallel 
B 5 6 ? anti-parallel 
C 1 2 ? parallel      
# 
loop_
_struct_sheet_range.sheet_id 
_struct_sheet_range.id 
_struct_sheet_range.beg_label_comp_id 
_struct_sheet_range.beg_label_asym_id 
_struct_sheet_range.beg_label_seq_id 
_struct_sheet_range.pdbx_beg_PDB_ins_code 
_struct_sheet_range.end_label_comp_id 
_struct_sheet_range.end_label_asym_id 
_struct_sheet_range.end_label_seq_id 
_struct_sheet_range.pdbx_end_PDB_ins_code 
_struct_sheet_range.beg_auth_comp_id 
_struct_sheet_range.beg_auth_asym_id 
_struct_sheet_range.beg_auth_seq_id 
_struct_sheet_range.end_auth_comp_id 
_struct_sheet_range.end_auth_asym_id 
_struct_sheet_range.end_auth_seq_id 
A 1 VAL A 29  ? THR A 34  ? VAL A 122 THR A 127 
A 2 LEU A 2   ? ASP A 7   ? LEU A 95  ASP A 100 
A 3 ILE A 52  ? THR A 55  ? ILE A 145 THR A 148 
A 4 ILE A 170 ? CYS A 176 ? ILE A 263 CYS A 269 
A 5 CYS A 68  ? ALA A 79  ? CYS A 161 ALA A 172 
A 6 GLY A 142 ? PRO A 145 ? GLY A 235 PRO A 238 
B 1 VAL A 29  ? THR A 34  ? VAL A 122 THR A 127 
B 2 LEU A 2   ? ASP A 7   ? LEU A 95  ASP A 100 
B 3 ILE A 52  ? THR A 55  ? ILE A 145 THR A 148 
B 4 ILE A 170 ? CYS A 176 ? ILE A 263 CYS A 269 
B 5 CYS A 68  ? ALA A 79  ? CYS A 161 ALA A 172 
B 6 ALA A 159 ? VAL A 160 ? ALA A 252 VAL A 253 
C 1 GLN A 101 ? LEU A 104 ? GLN A 194 LEU A 197 
C 2 VAL A 122 ? VAL A 125 ? VAL A 215 VAL A 218 
# 
loop_
_pdbx_struct_sheet_hbond.sheet_id 
_pdbx_struct_sheet_hbond.range_id_1 
_pdbx_struct_sheet_hbond.range_id_2 
_pdbx_struct_sheet_hbond.range_1_label_atom_id 
_pdbx_struct_sheet_hbond.range_1_label_comp_id 
_pdbx_struct_sheet_hbond.range_1_label_asym_id 
_pdbx_struct_sheet_hbond.range_1_label_seq_id 
_pdbx_struct_sheet_hbond.range_1_PDB_ins_code 
_pdbx_struct_sheet_hbond.range_1_auth_atom_id 
_pdbx_struct_sheet_hbond.range_1_auth_comp_id 
_pdbx_struct_sheet_hbond.range_1_auth_asym_id 
_pdbx_struct_sheet_hbond.range_1_auth_seq_id 
_pdbx_struct_sheet_hbond.range_2_label_atom_id 
_pdbx_struct_sheet_hbond.range_2_label_comp_id 
_pdbx_struct_sheet_hbond.range_2_label_asym_id 
_pdbx_struct_sheet_hbond.range_2_label_seq_id 
_pdbx_struct_sheet_hbond.range_2_PDB_ins_code 
_pdbx_struct_sheet_hbond.range_2_auth_atom_id 
_pdbx_struct_sheet_hbond.range_2_auth_comp_id 
_pdbx_struct_sheet_hbond.range_2_auth_asym_id 
_pdbx_struct_sheet_hbond.range_2_auth_seq_id 
A 1 2 O ILE A 32  ? O ILE A 125 N LEU A 6   ? N LEU A 99  
A 2 3 N LEU A 5   ? N LEU A 98  O ILE A 54  ? O ILE A 147 
A 3 4 N THR A 55  ? N THR A 148 O TYR A 175 ? O TYR A 268 
A 4 5 O VAL A 174 ? O VAL A 267 N LEU A 70  ? N LEU A 163 
A 5 6 N VAL A 78  ? N VAL A 171 O GLY A 142 ? O GLY A 235 
B 1 2 O ILE A 32  ? O ILE A 125 N LEU A 6   ? N LEU A 99  
B 2 3 N LEU A 5   ? N LEU A 98  O ILE A 54  ? O ILE A 147 
B 3 4 N THR A 55  ? N THR A 148 O TYR A 175 ? O TYR A 268 
B 4 5 O VAL A 174 ? O VAL A 267 N LEU A 70  ? N LEU A 163 
B 5 6 N ALA A 79  ? N ALA A 172 O ALA A 159 ? O ALA A 252 
C 1 2 N GLN A 101 ? N GLN A 194 O LEU A 123 ? O LEU A 216 
# 
_struct_site.id                   AC1 
_struct_site.pdbx_evidence_code   Software 
_struct_site.pdbx_auth_asym_id    A 
_struct_site.pdbx_auth_comp_id    NNQ 
_struct_site.pdbx_auth_seq_id     401 
_struct_site.pdbx_auth_ins_code   ? 
_struct_site.pdbx_num_residues    4 
_struct_site.details              'BINDING SITE FOR RESIDUE NNQ A 401' 
# 
loop_
_struct_site_gen.id 
_struct_site_gen.site_id 
_struct_site_gen.pdbx_num_res 
_struct_site_gen.label_comp_id 
_struct_site_gen.label_asym_id 
_struct_site_gen.label_seq_id 
_struct_site_gen.pdbx_auth_ins_code 
_struct_site_gen.auth_comp_id 
_struct_site_gen.auth_asym_id 
_struct_site_gen.auth_seq_id 
_struct_site_gen.label_atom_id 
_struct_site_gen.label_alt_id 
_struct_site_gen.symmetry 
_struct_site_gen.details 
1 AC1 4 ILE A 56  ? ILE A 149 . ? 1_555 ? 
2 AC1 4 ALA A 75  ? ALA A 168 . ? 1_555 ? 
3 AC1 4 LEU A 96  ? LEU A 189 . ? 1_555 ? 
4 AC1 4 LEU A 114 ? LEU A 207 . ? 1_555 ? 
# 
_pdbx_validate_close_contact.id               1 
_pdbx_validate_close_contact.PDB_model_num    1 
_pdbx_validate_close_contact.auth_atom_id_1   O 
_pdbx_validate_close_contact.auth_asym_id_1   A 
_pdbx_validate_close_contact.auth_comp_id_1   ALA 
_pdbx_validate_close_contact.auth_seq_id_1    181 
_pdbx_validate_close_contact.PDB_ins_code_1   ? 
_pdbx_validate_close_contact.label_alt_id_1   ? 
_pdbx_validate_close_contact.auth_atom_id_2   OG 
_pdbx_validate_close_contact.auth_asym_id_2   A 
_pdbx_validate_close_contact.auth_comp_id_2   SER 
_pdbx_validate_close_contact.auth_seq_id_2    185 
_pdbx_validate_close_contact.PDB_ins_code_2   ? 
_pdbx_validate_close_contact.label_alt_id_2   ? 
_pdbx_validate_close_contact.dist             1.96 
# 
_pdbx_validate_symm_contact.id                1 
_pdbx_validate_symm_contact.PDB_model_num     1 
_pdbx_validate_symm_contact.auth_atom_id_1    OH 
_pdbx_validate_symm_contact.auth_asym_id_1    A 
_pdbx_validate_symm_contact.auth_comp_id_1    TYR 
_pdbx_validate_symm_contact.auth_seq_id_1     165 
_pdbx_validate_symm_contact.PDB_ins_code_1    ? 
_pdbx_validate_symm_contact.label_alt_id_1    ? 
_pdbx_validate_symm_contact.site_symmetry_1   1_555 
_pdbx_validate_symm_contact.auth_atom_id_2    OE2 
_pdbx_validate_symm_contact.auth_asym_id_2    A 
_pdbx_validate_symm_contact.auth_comp_id_2    GLU 
_pdbx_validate_symm_contact.auth_seq_id_2     259 
_pdbx_validate_symm_contact.PDB_ins_code_2    ? 
_pdbx_validate_symm_contact.label_alt_id_2    ? 
_pdbx_validate_symm_contact.site_symmetry_2   9_555 
_pdbx_validate_symm_contact.dist              2.19 
# 
_pdbx_validate_rmsd_angle.id                         1 
_pdbx_validate_rmsd_angle.PDB_model_num              1 
_pdbx_validate_rmsd_angle.auth_atom_id_1             NE 
_pdbx_validate_rmsd_angle.auth_asym_id_1             A 
_pdbx_validate_rmsd_angle.auth_comp_id_1             ARG 
_pdbx_validate_rmsd_angle.auth_seq_id_1              289 
_pdbx_validate_rmsd_angle.PDB_ins_code_1             ? 
_pdbx_validate_rmsd_angle.label_alt_id_1             ? 
_pdbx_validate_rmsd_angle.auth_atom_id_2             CZ 
_pdbx_validate_rmsd_angle.auth_asym_id_2             A 
_pdbx_validate_rmsd_angle.auth_comp_id_2             ARG 
_pdbx_validate_rmsd_angle.auth_seq_id_2              289 
_pdbx_validate_rmsd_angle.PDB_ins_code_2             ? 
_pdbx_validate_rmsd_angle.label_alt_id_2             ? 
_pdbx_validate_rmsd_angle.auth_atom_id_3             NH1 
_pdbx_validate_rmsd_angle.auth_asym_id_3             A 
_pdbx_validate_rmsd_angle.auth_comp_id_3             ARG 
_pdbx_validate_rmsd_angle.auth_seq_id_3              289 
_pdbx_validate_rmsd_angle.PDB_ins_code_3             ? 
_pdbx_validate_rmsd_angle.label_alt_id_3             ? 
_pdbx_validate_rmsd_angle.angle_value                123.86 
_pdbx_validate_rmsd_angle.angle_target_value         120.30 
_pdbx_validate_rmsd_angle.angle_deviation            3.56 
_pdbx_validate_rmsd_angle.angle_standard_deviation   0.50 
_pdbx_validate_rmsd_angle.linker_flag                N 
# 
loop_
_pdbx_validate_torsion.id 
_pdbx_validate_torsion.PDB_model_num 
_pdbx_validate_torsion.auth_comp_id 
_pdbx_validate_torsion.auth_asym_id 
_pdbx_validate_torsion.auth_seq_id 
_pdbx_validate_torsion.PDB_ins_code 
_pdbx_validate_torsion.label_alt_id 
_pdbx_validate_torsion.phi 
_pdbx_validate_torsion.psi 
1  1 PHE A 107 ? ? -49.15  0.05    
2  1 VAL A 111 ? ? -47.90  -71.55  
3  1 LYS A 154 ? ? 47.91   105.64  
4  1 SER A 156 ? ? 15.93   -98.87  
5  1 PRO A 174 ? ? -65.23  3.55    
6  1 CYS A 179 ? ? -58.83  176.75  
7  1 ASN A 180 ? ? 55.31   -116.45 
8  1 ALA A 181 ? ? -12.45  90.35   
9  1 SER A 182 ? ? -102.37 -151.32 
10 1 LEU A 183 ? ? 36.16   -66.32  
11 1 SER A 212 ? ? -106.91 -166.24 
12 1 GLU A 244 ? ? -42.52  -78.92  
13 1 ASN A 248 ? ? -61.47  4.97    
14 1 ASN A 272 ? ? -39.74  136.71  
15 1 SER A 277 ? ? 36.89   72.58   
# 
loop_
_pdbx_unobs_or_zero_occ_residues.id 
_pdbx_unobs_or_zero_occ_residues.PDB_model_num 
_pdbx_unobs_or_zero_occ_residues.polymer_flag 
_pdbx_unobs_or_zero_occ_residues.occupancy_flag 
_pdbx_unobs_or_zero_occ_residues.auth_asym_id 
_pdbx_unobs_or_zero_occ_residues.auth_comp_id 
_pdbx_unobs_or_zero_occ_residues.auth_seq_id 
_pdbx_unobs_or_zero_occ_residues.PDB_ins_code 
_pdbx_unobs_or_zero_occ_residues.label_asym_id 
_pdbx_unobs_or_zero_occ_residues.label_comp_id 
_pdbx_unobs_or_zero_occ_residues.label_seq_id 
1  1 Y 1 A ARG 297 ? A ARG 204 
2  1 Y 1 A GLN 298 ? A GLN 205 
3  1 Y 1 A ARG 299 ? A ARG 206 
4  1 Y 1 A PHE 300 ? A PHE 207 
5  1 Y 1 A ASP 301 ? A ASP 208 
6  1 Y 1 A ASP 302 ? A ASP 209 
7  1 Y 1 A ALA 303 ? A ALA 210 
8  1 Y 1 A PRO 304 ? A PRO 211 
9  1 Y 1 A ALA 305 ? A ALA 212 
10 1 Y 1 A TRP 306 ? A TRP 213 
11 1 Y 1 A GLN 307 ? A GLN 214 
12 1 Y 1 A PRO 308 ? A PRO 215 
13 1 Y 1 A SER 309 ? A SER 216 
# 
loop_
_chem_comp_atom.comp_id 
_chem_comp_atom.atom_id 
_chem_comp_atom.type_symbol 
_chem_comp_atom.pdbx_aromatic_flag 
_chem_comp_atom.pdbx_stereo_config 
_chem_comp_atom.pdbx_ordinal 
ALA N    N N N 1   
ALA CA   C N S 2   
ALA C    C N N 3   
ALA O    O N N 4   
ALA CB   C N N 5   
ALA OXT  O N N 6   
ALA H    H N N 7   
ALA H2   H N N 8   
ALA HA   H N N 9   
ALA HB1  H N N 10  
ALA HB2  H N N 11  
ALA HB3  H N N 12  
ALA HXT  H N N 13  
ARG N    N N N 14  
ARG CA   C N S 15  
ARG C    C N N 16  
ARG O    O N N 17  
ARG CB   C N N 18  
ARG CG   C N N 19  
ARG CD   C N N 20  
ARG NE   N N N 21  
ARG CZ   C N N 22  
ARG NH1  N N N 23  
ARG NH2  N N N 24  
ARG OXT  O N N 25  
ARG H    H N N 26  
ARG H2   H N N 27  
ARG HA   H N N 28  
ARG HB2  H N N 29  
ARG HB3  H N N 30  
ARG HG2  H N N 31  
ARG HG3  H N N 32  
ARG HD2  H N N 33  
ARG HD3  H N N 34  
ARG HE   H N N 35  
ARG HH11 H N N 36  
ARG HH12 H N N 37  
ARG HH21 H N N 38  
ARG HH22 H N N 39  
ARG HXT  H N N 40  
ASN N    N N N 41  
ASN CA   C N S 42  
ASN C    C N N 43  
ASN O    O N N 44  
ASN CB   C N N 45  
ASN CG   C N N 46  
ASN OD1  O N N 47  
ASN ND2  N N N 48  
ASN OXT  O N N 49  
ASN H    H N N 50  
ASN H2   H N N 51  
ASN HA   H N N 52  
ASN HB2  H N N 53  
ASN HB3  H N N 54  
ASN HD21 H N N 55  
ASN HD22 H N N 56  
ASN HXT  H N N 57  
ASP N    N N N 58  
ASP CA   C N S 59  
ASP C    C N N 60  
ASP O    O N N 61  
ASP CB   C N N 62  
ASP CG   C N N 63  
ASP OD1  O N N 64  
ASP OD2  O N N 65  
ASP OXT  O N N 66  
ASP H    H N N 67  
ASP H2   H N N 68  
ASP HA   H N N 69  
ASP HB2  H N N 70  
ASP HB3  H N N 71  
ASP HD2  H N N 72  
ASP HXT  H N N 73  
CYS N    N N N 74  
CYS CA   C N R 75  
CYS C    C N N 76  
CYS O    O N N 77  
CYS CB   C N N 78  
CYS SG   S N N 79  
CYS OXT  O N N 80  
CYS H    H N N 81  
CYS H2   H N N 82  
CYS HA   H N N 83  
CYS HB2  H N N 84  
CYS HB3  H N N 85  
CYS HG   H N N 86  
CYS HXT  H N N 87  
GLN N    N N N 88  
GLN CA   C N S 89  
GLN C    C N N 90  
GLN O    O N N 91  
GLN CB   C N N 92  
GLN CG   C N N 93  
GLN CD   C N N 94  
GLN OE1  O N N 95  
GLN NE2  N N N 96  
GLN OXT  O N N 97  
GLN H    H N N 98  
GLN H2   H N N 99  
GLN HA   H N N 100 
GLN HB2  H N N 101 
GLN HB3  H N N 102 
GLN HG2  H N N 103 
GLN HG3  H N N 104 
GLN HE21 H N N 105 
GLN HE22 H N N 106 
GLN HXT  H N N 107 
GLU N    N N N 108 
GLU CA   C N S 109 
GLU C    C N N 110 
GLU O    O N N 111 
GLU CB   C N N 112 
GLU CG   C N N 113 
GLU CD   C N N 114 
GLU OE1  O N N 115 
GLU OE2  O N N 116 
GLU OXT  O N N 117 
GLU H    H N N 118 
GLU H2   H N N 119 
GLU HA   H N N 120 
GLU HB2  H N N 121 
GLU HB3  H N N 122 
GLU HG2  H N N 123 
GLU HG3  H N N 124 
GLU HE2  H N N 125 
GLU HXT  H N N 126 
GLY N    N N N 127 
GLY CA   C N N 128 
GLY C    C N N 129 
GLY O    O N N 130 
GLY OXT  O N N 131 
GLY H    H N N 132 
GLY H2   H N N 133 
GLY HA2  H N N 134 
GLY HA3  H N N 135 
GLY HXT  H N N 136 
HIS N    N N N 137 
HIS CA   C N S 138 
HIS C    C N N 139 
HIS O    O N N 140 
HIS CB   C N N 141 
HIS CG   C Y N 142 
HIS ND1  N Y N 143 
HIS CD2  C Y N 144 
HIS CE1  C Y N 145 
HIS NE2  N Y N 146 
HIS OXT  O N N 147 
HIS H    H N N 148 
HIS H2   H N N 149 
HIS HA   H N N 150 
HIS HB2  H N N 151 
HIS HB3  H N N 152 
HIS HD1  H N N 153 
HIS HD2  H N N 154 
HIS HE1  H N N 155 
HIS HE2  H N N 156 
HIS HXT  H N N 157 
ILE N    N N N 158 
ILE CA   C N S 159 
ILE C    C N N 160 
ILE O    O N N 161 
ILE CB   C N S 162 
ILE CG1  C N N 163 
ILE CG2  C N N 164 
ILE CD1  C N N 165 
ILE OXT  O N N 166 
ILE H    H N N 167 
ILE H2   H N N 168 
ILE HA   H N N 169 
ILE HB   H N N 170 
ILE HG12 H N N 171 
ILE HG13 H N N 172 
ILE HG21 H N N 173 
ILE HG22 H N N 174 
ILE HG23 H N N 175 
ILE HD11 H N N 176 
ILE HD12 H N N 177 
ILE HD13 H N N 178 
ILE HXT  H N N 179 
LEU N    N N N 180 
LEU CA   C N S 181 
LEU C    C N N 182 
LEU O    O N N 183 
LEU CB   C N N 184 
LEU CG   C N N 185 
LEU CD1  C N N 186 
LEU CD2  C N N 187 
LEU OXT  O N N 188 
LEU H    H N N 189 
LEU H2   H N N 190 
LEU HA   H N N 191 
LEU HB2  H N N 192 
LEU HB3  H N N 193 
LEU HG   H N N 194 
LEU HD11 H N N 195 
LEU HD12 H N N 196 
LEU HD13 H N N 197 
LEU HD21 H N N 198 
LEU HD22 H N N 199 
LEU HD23 H N N 200 
LEU HXT  H N N 201 
LYS N    N N N 202 
LYS CA   C N S 203 
LYS C    C N N 204 
LYS O    O N N 205 
LYS CB   C N N 206 
LYS CG   C N N 207 
LYS CD   C N N 208 
LYS CE   C N N 209 
LYS NZ   N N N 210 
LYS OXT  O N N 211 
LYS H    H N N 212 
LYS H2   H N N 213 
LYS HA   H N N 214 
LYS HB2  H N N 215 
LYS HB3  H N N 216 
LYS HG2  H N N 217 
LYS HG3  H N N 218 
LYS HD2  H N N 219 
LYS HD3  H N N 220 
LYS HE2  H N N 221 
LYS HE3  H N N 222 
LYS HZ1  H N N 223 
LYS HZ2  H N N 224 
LYS HZ3  H N N 225 
LYS HXT  H N N 226 
MET N    N N N 227 
MET CA   C N S 228 
MET C    C N N 229 
MET O    O N N 230 
MET CB   C N N 231 
MET CG   C N N 232 
MET SD   S N N 233 
MET CE   C N N 234 
MET OXT  O N N 235 
MET H    H N N 236 
MET H2   H N N 237 
MET HA   H N N 238 
MET HB2  H N N 239 
MET HB3  H N N 240 
MET HG2  H N N 241 
MET HG3  H N N 242 
MET HE1  H N N 243 
MET HE2  H N N 244 
MET HE3  H N N 245 
MET HXT  H N N 246 
NNQ CAA  C N N 247 
NNQ CAH  C N N 248 
NNQ CAI  C N N 249 
NNQ CAJ  C N N 250 
NNQ CAK  C N N 251 
NNQ CAL  C N N 252 
NNQ CAM  C N N 253 
NNQ CAN  C N N 254 
NNQ CAO  C N N 255 
NNQ CAQ  C N N 256 
NNQ CAG  C N N 257 
NNQ CAR  C N N 258 
NNQ OAB  O N N 259 
NNQ CAT  C Y N 260 
NNQ CAF  C Y N 261 
NNQ CAD  C Y N 262 
NNQ CAC  C Y N 263 
NNQ CAE  C Y N 264 
NNQ CAS  C Y N 265 
NNQ NAP  N N N 266 
NNQ H1   H N N 267 
NNQ H2   H N N 268 
NNQ H3   H N N 269 
NNQ H4   H N N 270 
NNQ H5   H N N 271 
NNQ H6   H N N 272 
NNQ H7   H N N 273 
NNQ H8   H N N 274 
NNQ H9   H N N 275 
NNQ H10  H N N 276 
NNQ H11  H N N 277 
NNQ H12  H N N 278 
NNQ H13  H N N 279 
NNQ H14  H N N 280 
NNQ H15  H N N 281 
NNQ H16  H N N 282 
NNQ H17  H N N 283 
NNQ H18  H N N 284 
NNQ H19  H N N 285 
NNQ H20  H N N 286 
NNQ H21  H N N 287 
NNQ H22  H N N 288 
NNQ H23  H N N 289 
NNQ H24  H N N 290 
NNQ H25  H N N 291 
PHE N    N N N 292 
PHE CA   C N S 293 
PHE C    C N N 294 
PHE O    O N N 295 
PHE CB   C N N 296 
PHE CG   C Y N 297 
PHE CD1  C Y N 298 
PHE CD2  C Y N 299 
PHE CE1  C Y N 300 
PHE CE2  C Y N 301 
PHE CZ   C Y N 302 
PHE OXT  O N N 303 
PHE H    H N N 304 
PHE H2   H N N 305 
PHE HA   H N N 306 
PHE HB2  H N N 307 
PHE HB3  H N N 308 
PHE HD1  H N N 309 
PHE HD2  H N N 310 
PHE HE1  H N N 311 
PHE HE2  H N N 312 
PHE HZ   H N N 313 
PHE HXT  H N N 314 
PRO N    N N N 315 
PRO CA   C N S 316 
PRO C    C N N 317 
PRO O    O N N 318 
PRO CB   C N N 319 
PRO CG   C N N 320 
PRO CD   C N N 321 
PRO OXT  O N N 322 
PRO H    H N N 323 
PRO HA   H N N 324 
PRO HB2  H N N 325 
PRO HB3  H N N 326 
PRO HG2  H N N 327 
PRO HG3  H N N 328 
PRO HD2  H N N 329 
PRO HD3  H N N 330 
PRO HXT  H N N 331 
SER N    N N N 332 
SER CA   C N S 333 
SER C    C N N 334 
SER O    O N N 335 
SER CB   C N N 336 
SER OG   O N N 337 
SER OXT  O N N 338 
SER H    H N N 339 
SER H2   H N N 340 
SER HA   H N N 341 
SER HB2  H N N 342 
SER HB3  H N N 343 
SER HG   H N N 344 
SER HXT  H N N 345 
THR N    N N N 346 
THR CA   C N S 347 
THR C    C N N 348 
THR O    O N N 349 
THR CB   C N R 350 
THR OG1  O N N 351 
THR CG2  C N N 352 
THR OXT  O N N 353 
THR H    H N N 354 
THR H2   H N N 355 
THR HA   H N N 356 
THR HB   H N N 357 
THR HG1  H N N 358 
THR HG21 H N N 359 
THR HG22 H N N 360 
THR HG23 H N N 361 
THR HXT  H N N 362 
TRP N    N N N 363 
TRP CA   C N S 364 
TRP C    C N N 365 
TRP O    O N N 366 
TRP CB   C N N 367 
TRP CG   C Y N 368 
TRP CD1  C Y N 369 
TRP CD2  C Y N 370 
TRP NE1  N Y N 371 
TRP CE2  C Y N 372 
TRP CE3  C Y N 373 
TRP CZ2  C Y N 374 
TRP CZ3  C Y N 375 
TRP CH2  C Y N 376 
TRP OXT  O N N 377 
TRP H    H N N 378 
TRP H2   H N N 379 
TRP HA   H N N 380 
TRP HB2  H N N 381 
TRP HB3  H N N 382 
TRP HD1  H N N 383 
TRP HE1  H N N 384 
TRP HE3  H N N 385 
TRP HZ2  H N N 386 
TRP HZ3  H N N 387 
TRP HH2  H N N 388 
TRP HXT  H N N 389 
TYR N    N N N 390 
TYR CA   C N S 391 
TYR C    C N N 392 
TYR O    O N N 393 
TYR CB   C N N 394 
TYR CG   C Y N 395 
TYR CD1  C Y N 396 
TYR CD2  C Y N 397 
TYR CE1  C Y N 398 
TYR CE2  C Y N 399 
TYR CZ   C Y N 400 
TYR OH   O N N 401 
TYR OXT  O N N 402 
TYR H    H N N 403 
TYR H2   H N N 404 
TYR HA   H N N 405 
TYR HB2  H N N 406 
TYR HB3  H N N 407 
TYR HD1  H N N 408 
TYR HD2  H N N 409 
TYR HE1  H N N 410 
TYR HE2  H N N 411 
TYR HH   H N N 412 
TYR HXT  H N N 413 
VAL N    N N N 414 
VAL CA   C N S 415 
VAL C    C N N 416 
VAL O    O N N 417 
VAL CB   C N N 418 
VAL CG1  C N N 419 
VAL CG2  C N N 420 
VAL OXT  O N N 421 
VAL H    H N N 422 
VAL H2   H N N 423 
VAL HA   H N N 424 
VAL HB   H N N 425 
VAL HG11 H N N 426 
VAL HG12 H N N 427 
VAL HG13 H N N 428 
VAL HG21 H N N 429 
VAL HG22 H N N 430 
VAL HG23 H N N 431 
VAL HXT  H N N 432 
# 
loop_
_chem_comp_bond.comp_id 
_chem_comp_bond.atom_id_1 
_chem_comp_bond.atom_id_2 
_chem_comp_bond.value_order 
_chem_comp_bond.pdbx_aromatic_flag 
_chem_comp_bond.pdbx_stereo_config 
_chem_comp_bond.pdbx_ordinal 
ALA N   CA   sing N N 1   
ALA N   H    sing N N 2   
ALA N   H2   sing N N 3   
ALA CA  C    sing N N 4   
ALA CA  CB   sing N N 5   
ALA CA  HA   sing N N 6   
ALA C   O    doub N N 7   
ALA C   OXT  sing N N 8   
ALA CB  HB1  sing N N 9   
ALA CB  HB2  sing N N 10  
ALA CB  HB3  sing N N 11  
ALA OXT HXT  sing N N 12  
ARG N   CA   sing N N 13  
ARG N   H    sing N N 14  
ARG N   H2   sing N N 15  
ARG CA  C    sing N N 16  
ARG CA  CB   sing N N 17  
ARG CA  HA   sing N N 18  
ARG C   O    doub N N 19  
ARG C   OXT  sing N N 20  
ARG CB  CG   sing N N 21  
ARG CB  HB2  sing N N 22  
ARG CB  HB3  sing N N 23  
ARG CG  CD   sing N N 24  
ARG CG  HG2  sing N N 25  
ARG CG  HG3  sing N N 26  
ARG CD  NE   sing N N 27  
ARG CD  HD2  sing N N 28  
ARG CD  HD3  sing N N 29  
ARG NE  CZ   sing N N 30  
ARG NE  HE   sing N N 31  
ARG CZ  NH1  sing N N 32  
ARG CZ  NH2  doub N N 33  
ARG NH1 HH11 sing N N 34  
ARG NH1 HH12 sing N N 35  
ARG NH2 HH21 sing N N 36  
ARG NH2 HH22 sing N N 37  
ARG OXT HXT  sing N N 38  
ASN N   CA   sing N N 39  
ASN N   H    sing N N 40  
ASN N   H2   sing N N 41  
ASN CA  C    sing N N 42  
ASN CA  CB   sing N N 43  
ASN CA  HA   sing N N 44  
ASN C   O    doub N N 45  
ASN C   OXT  sing N N 46  
ASN CB  CG   sing N N 47  
ASN CB  HB2  sing N N 48  
ASN CB  HB3  sing N N 49  
ASN CG  OD1  doub N N 50  
ASN CG  ND2  sing N N 51  
ASN ND2 HD21 sing N N 52  
ASN ND2 HD22 sing N N 53  
ASN OXT HXT  sing N N 54  
ASP N   CA   sing N N 55  
ASP N   H    sing N N 56  
ASP N   H2   sing N N 57  
ASP CA  C    sing N N 58  
ASP CA  CB   sing N N 59  
ASP CA  HA   sing N N 60  
ASP C   O    doub N N 61  
ASP C   OXT  sing N N 62  
ASP CB  CG   sing N N 63  
ASP CB  HB2  sing N N 64  
ASP CB  HB3  sing N N 65  
ASP CG  OD1  doub N N 66  
ASP CG  OD2  sing N N 67  
ASP OD2 HD2  sing N N 68  
ASP OXT HXT  sing N N 69  
CYS N   CA   sing N N 70  
CYS N   H    sing N N 71  
CYS N   H2   sing N N 72  
CYS CA  C    sing N N 73  
CYS CA  CB   sing N N 74  
CYS CA  HA   sing N N 75  
CYS C   O    doub N N 76  
CYS C   OXT  sing N N 77  
CYS CB  SG   sing N N 78  
CYS CB  HB2  sing N N 79  
CYS CB  HB3  sing N N 80  
CYS SG  HG   sing N N 81  
CYS OXT HXT  sing N N 82  
GLN N   CA   sing N N 83  
GLN N   H    sing N N 84  
GLN N   H2   sing N N 85  
GLN CA  C    sing N N 86  
GLN CA  CB   sing N N 87  
GLN CA  HA   sing N N 88  
GLN C   O    doub N N 89  
GLN C   OXT  sing N N 90  
GLN CB  CG   sing N N 91  
GLN CB  HB2  sing N N 92  
GLN CB  HB3  sing N N 93  
GLN CG  CD   sing N N 94  
GLN CG  HG2  sing N N 95  
GLN CG  HG3  sing N N 96  
GLN CD  OE1  doub N N 97  
GLN CD  NE2  sing N N 98  
GLN NE2 HE21 sing N N 99  
GLN NE2 HE22 sing N N 100 
GLN OXT HXT  sing N N 101 
GLU N   CA   sing N N 102 
GLU N   H    sing N N 103 
GLU N   H2   sing N N 104 
GLU CA  C    sing N N 105 
GLU CA  CB   sing N N 106 
GLU CA  HA   sing N N 107 
GLU C   O    doub N N 108 
GLU C   OXT  sing N N 109 
GLU CB  CG   sing N N 110 
GLU CB  HB2  sing N N 111 
GLU CB  HB3  sing N N 112 
GLU CG  CD   sing N N 113 
GLU CG  HG2  sing N N 114 
GLU CG  HG3  sing N N 115 
GLU CD  OE1  doub N N 116 
GLU CD  OE2  sing N N 117 
GLU OE2 HE2  sing N N 118 
GLU OXT HXT  sing N N 119 
GLY N   CA   sing N N 120 
GLY N   H    sing N N 121 
GLY N   H2   sing N N 122 
GLY CA  C    sing N N 123 
GLY CA  HA2  sing N N 124 
GLY CA  HA3  sing N N 125 
GLY C   O    doub N N 126 
GLY C   OXT  sing N N 127 
GLY OXT HXT  sing N N 128 
HIS N   CA   sing N N 129 
HIS N   H    sing N N 130 
HIS N   H2   sing N N 131 
HIS CA  C    sing N N 132 
HIS CA  CB   sing N N 133 
HIS CA  HA   sing N N 134 
HIS C   O    doub N N 135 
HIS C   OXT  sing N N 136 
HIS CB  CG   sing N N 137 
HIS CB  HB2  sing N N 138 
HIS CB  HB3  sing N N 139 
HIS CG  ND1  sing Y N 140 
HIS CG  CD2  doub Y N 141 
HIS ND1 CE1  doub Y N 142 
HIS ND1 HD1  sing N N 143 
HIS CD2 NE2  sing Y N 144 
HIS CD2 HD2  sing N N 145 
HIS CE1 NE2  sing Y N 146 
HIS CE1 HE1  sing N N 147 
HIS NE2 HE2  sing N N 148 
HIS OXT HXT  sing N N 149 
ILE N   CA   sing N N 150 
ILE N   H    sing N N 151 
ILE N   H2   sing N N 152 
ILE CA  C    sing N N 153 
ILE CA  CB   sing N N 154 
ILE CA  HA   sing N N 155 
ILE C   O    doub N N 156 
ILE C   OXT  sing N N 157 
ILE CB  CG1  sing N N 158 
ILE CB  CG2  sing N N 159 
ILE CB  HB   sing N N 160 
ILE CG1 CD1  sing N N 161 
ILE CG1 HG12 sing N N 162 
ILE CG1 HG13 sing N N 163 
ILE CG2 HG21 sing N N 164 
ILE CG2 HG22 sing N N 165 
ILE CG2 HG23 sing N N 166 
ILE CD1 HD11 sing N N 167 
ILE CD1 HD12 sing N N 168 
ILE CD1 HD13 sing N N 169 
ILE OXT HXT  sing N N 170 
LEU N   CA   sing N N 171 
LEU N   H    sing N N 172 
LEU N   H2   sing N N 173 
LEU CA  C    sing N N 174 
LEU CA  CB   sing N N 175 
LEU CA  HA   sing N N 176 
LEU C   O    doub N N 177 
LEU C   OXT  sing N N 178 
LEU CB  CG   sing N N 179 
LEU CB  HB2  sing N N 180 
LEU CB  HB3  sing N N 181 
LEU CG  CD1  sing N N 182 
LEU CG  CD2  sing N N 183 
LEU CG  HG   sing N N 184 
LEU CD1 HD11 sing N N 185 
LEU CD1 HD12 sing N N 186 
LEU CD1 HD13 sing N N 187 
LEU CD2 HD21 sing N N 188 
LEU CD2 HD22 sing N N 189 
LEU CD2 HD23 sing N N 190 
LEU OXT HXT  sing N N 191 
LYS N   CA   sing N N 192 
LYS N   H    sing N N 193 
LYS N   H2   sing N N 194 
LYS CA  C    sing N N 195 
LYS CA  CB   sing N N 196 
LYS CA  HA   sing N N 197 
LYS C   O    doub N N 198 
LYS C   OXT  sing N N 199 
LYS CB  CG   sing N N 200 
LYS CB  HB2  sing N N 201 
LYS CB  HB3  sing N N 202 
LYS CG  CD   sing N N 203 
LYS CG  HG2  sing N N 204 
LYS CG  HG3  sing N N 205 
LYS CD  CE   sing N N 206 
LYS CD  HD2  sing N N 207 
LYS CD  HD3  sing N N 208 
LYS CE  NZ   sing N N 209 
LYS CE  HE2  sing N N 210 
LYS CE  HE3  sing N N 211 
LYS NZ  HZ1  sing N N 212 
LYS NZ  HZ2  sing N N 213 
LYS NZ  HZ3  sing N N 214 
LYS OXT HXT  sing N N 215 
MET N   CA   sing N N 216 
MET N   H    sing N N 217 
MET N   H2   sing N N 218 
MET CA  C    sing N N 219 
MET CA  CB   sing N N 220 
MET CA  HA   sing N N 221 
MET C   O    doub N N 222 
MET C   OXT  sing N N 223 
MET CB  CG   sing N N 224 
MET CB  HB2  sing N N 225 
MET CB  HB3  sing N N 226 
MET CG  SD   sing N N 227 
MET CG  HG2  sing N N 228 
MET CG  HG3  sing N N 229 
MET SD  CE   sing N N 230 
MET CE  HE1  sing N N 231 
MET CE  HE2  sing N N 232 
MET CE  HE3  sing N N 233 
MET OXT HXT  sing N N 234 
NNQ CAA CAH  sing N N 235 
NNQ OAB CAR  doub N N 236 
NNQ CAF CAD  doub Y N 237 
NNQ CAF CAT  sing Y N 238 
NNQ CAH CAI  sing N N 239 
NNQ CAD CAC  sing Y N 240 
NNQ CAR CAT  sing N N 241 
NNQ CAR CAG  sing N N 242 
NNQ CAT CAS  doub Y N 243 
NNQ CAC CAE  doub Y N 244 
NNQ CAI CAJ  sing N N 245 
NNQ CAJ CAK  sing N N 246 
NNQ CAG CAQ  doub N N 247 
NNQ CAK CAL  sing N N 248 
NNQ CAS CAE  sing Y N 249 
NNQ CAS NAP  sing N N 250 
NNQ CAQ NAP  sing N N 251 
NNQ CAQ CAO  sing N N 252 
NNQ CAL CAM  sing N N 253 
NNQ CAN CAO  sing N N 254 
NNQ CAN CAM  sing N N 255 
NNQ CAA H1   sing N N 256 
NNQ CAA H2   sing N N 257 
NNQ CAA H3   sing N N 258 
NNQ CAH H4   sing N N 259 
NNQ CAH H5   sing N N 260 
NNQ CAI H6   sing N N 261 
NNQ CAI H7   sing N N 262 
NNQ CAJ H8   sing N N 263 
NNQ CAJ H9   sing N N 264 
NNQ CAK H10  sing N N 265 
NNQ CAK H11  sing N N 266 
NNQ CAL H12  sing N N 267 
NNQ CAL H13  sing N N 268 
NNQ CAM H14  sing N N 269 
NNQ CAM H15  sing N N 270 
NNQ CAN H16  sing N N 271 
NNQ CAN H17  sing N N 272 
NNQ CAO H18  sing N N 273 
NNQ CAO H19  sing N N 274 
NNQ CAG H20  sing N N 275 
NNQ CAF H21  sing N N 276 
NNQ CAD H22  sing N N 277 
NNQ CAC H23  sing N N 278 
NNQ CAE H24  sing N N 279 
NNQ NAP H25  sing N N 280 
PHE N   CA   sing N N 281 
PHE N   H    sing N N 282 
PHE N   H2   sing N N 283 
PHE CA  C    sing N N 284 
PHE CA  CB   sing N N 285 
PHE CA  HA   sing N N 286 
PHE C   O    doub N N 287 
PHE C   OXT  sing N N 288 
PHE CB  CG   sing N N 289 
PHE CB  HB2  sing N N 290 
PHE CB  HB3  sing N N 291 
PHE CG  CD1  doub Y N 292 
PHE CG  CD2  sing Y N 293 
PHE CD1 CE1  sing Y N 294 
PHE CD1 HD1  sing N N 295 
PHE CD2 CE2  doub Y N 296 
PHE CD2 HD2  sing N N 297 
PHE CE1 CZ   doub Y N 298 
PHE CE1 HE1  sing N N 299 
PHE CE2 CZ   sing Y N 300 
PHE CE2 HE2  sing N N 301 
PHE CZ  HZ   sing N N 302 
PHE OXT HXT  sing N N 303 
PRO N   CA   sing N N 304 
PRO N   CD   sing N N 305 
PRO N   H    sing N N 306 
PRO CA  C    sing N N 307 
PRO CA  CB   sing N N 308 
PRO CA  HA   sing N N 309 
PRO C   O    doub N N 310 
PRO C   OXT  sing N N 311 
PRO CB  CG   sing N N 312 
PRO CB  HB2  sing N N 313 
PRO CB  HB3  sing N N 314 
PRO CG  CD   sing N N 315 
PRO CG  HG2  sing N N 316 
PRO CG  HG3  sing N N 317 
PRO CD  HD2  sing N N 318 
PRO CD  HD3  sing N N 319 
PRO OXT HXT  sing N N 320 
SER N   CA   sing N N 321 
SER N   H    sing N N 322 
SER N   H2   sing N N 323 
SER CA  C    sing N N 324 
SER CA  CB   sing N N 325 
SER CA  HA   sing N N 326 
SER C   O    doub N N 327 
SER C   OXT  sing N N 328 
SER CB  OG   sing N N 329 
SER CB  HB2  sing N N 330 
SER CB  HB3  sing N N 331 
SER OG  HG   sing N N 332 
SER OXT HXT  sing N N 333 
THR N   CA   sing N N 334 
THR N   H    sing N N 335 
THR N   H2   sing N N 336 
THR CA  C    sing N N 337 
THR CA  CB   sing N N 338 
THR CA  HA   sing N N 339 
THR C   O    doub N N 340 
THR C   OXT  sing N N 341 
THR CB  OG1  sing N N 342 
THR CB  CG2  sing N N 343 
THR CB  HB   sing N N 344 
THR OG1 HG1  sing N N 345 
THR CG2 HG21 sing N N 346 
THR CG2 HG22 sing N N 347 
THR CG2 HG23 sing N N 348 
THR OXT HXT  sing N N 349 
TRP N   CA   sing N N 350 
TRP N   H    sing N N 351 
TRP N   H2   sing N N 352 
TRP CA  C    sing N N 353 
TRP CA  CB   sing N N 354 
TRP CA  HA   sing N N 355 
TRP C   O    doub N N 356 
TRP C   OXT  sing N N 357 
TRP CB  CG   sing N N 358 
TRP CB  HB2  sing N N 359 
TRP CB  HB3  sing N N 360 
TRP CG  CD1  doub Y N 361 
TRP CG  CD2  sing Y N 362 
TRP CD1 NE1  sing Y N 363 
TRP CD1 HD1  sing N N 364 
TRP CD2 CE2  doub Y N 365 
TRP CD2 CE3  sing Y N 366 
TRP NE1 CE2  sing Y N 367 
TRP NE1 HE1  sing N N 368 
TRP CE2 CZ2  sing Y N 369 
TRP CE3 CZ3  doub Y N 370 
TRP CE3 HE3  sing N N 371 
TRP CZ2 CH2  doub Y N 372 
TRP CZ2 HZ2  sing N N 373 
TRP CZ3 CH2  sing Y N 374 
TRP CZ3 HZ3  sing N N 375 
TRP CH2 HH2  sing N N 376 
TRP OXT HXT  sing N N 377 
TYR N   CA   sing N N 378 
TYR N   H    sing N N 379 
TYR N   H2   sing N N 380 
TYR CA  C    sing N N 381 
TYR CA  CB   sing N N 382 
TYR CA  HA   sing N N 383 
TYR C   O    doub N N 384 
TYR C   OXT  sing N N 385 
TYR CB  CG   sing N N 386 
TYR CB  HB2  sing N N 387 
TYR CB  HB3  sing N N 388 
TYR CG  CD1  doub Y N 389 
TYR CG  CD2  sing Y N 390 
TYR CD1 CE1  sing Y N 391 
TYR CD1 HD1  sing N N 392 
TYR CD2 CE2  doub Y N 393 
TYR CD2 HD2  sing N N 394 
TYR CE1 CZ   doub Y N 395 
TYR CE1 HE1  sing N N 396 
TYR CE2 CZ   sing Y N 397 
TYR CE2 HE2  sing N N 398 
TYR CZ  OH   sing N N 399 
TYR OH  HH   sing N N 400 
TYR OXT HXT  sing N N 401 
VAL N   CA   sing N N 402 
VAL N   H    sing N N 403 
VAL N   H2   sing N N 404 
VAL CA  C    sing N N 405 
VAL CA  CB   sing N N 406 
VAL CA  HA   sing N N 407 
VAL C   O    doub N N 408 
VAL C   OXT  sing N N 409 
VAL CB  CG1  sing N N 410 
VAL CB  CG2  sing N N 411 
VAL CB  HB   sing N N 412 
VAL CG1 HG11 sing N N 413 
VAL CG1 HG12 sing N N 414 
VAL CG1 HG13 sing N N 415 
VAL CG2 HG21 sing N N 416 
VAL CG2 HG22 sing N N 417 
VAL CG2 HG23 sing N N 418 
VAL OXT HXT  sing N N 419 
# 
_atom_sites.entry_id                    4JVD 
_atom_sites.fract_transf_matrix[1][1]   0.00781696 
_atom_sites.fract_transf_matrix[1][2]   -0.00154270 
_atom_sites.fract_transf_matrix[1][3]   -0.00534470 
_atom_sites.fract_transf_matrix[2][1]   0.00842617 
_atom_sites.fract_transf_matrix[2][2]   0.00376434 
_atom_sites.fract_transf_matrix[2][3]   0.00262552 
_atom_sites.fract_transf_matrix[3][1]   0.00174727 
_atom_sites.fract_transf_matrix[3][2]   -0.00712866 
_atom_sites.fract_transf_matrix[3][3]   0.00461312 
_atom_sites.fract_transf_vector[1]      0.078265 
_atom_sites.fract_transf_vector[2]      0.615526 
_atom_sites.fract_transf_vector[3]      0.081880 
# 
loop_
_atom_type.symbol 
C 
N 
O 
S 
# 
loop_
_atom_site.group_PDB 
_atom_site.id 
_atom_site.type_symbol 
_atom_site.label_atom_id 
_atom_site.label_alt_id 
_atom_site.label_comp_id 
_atom_site.label_asym_id 
_atom_site.label_entity_id 
_atom_site.label_seq_id 
_atom_site.pdbx_PDB_ins_code 
_atom_site.Cartn_x 
_atom_site.Cartn_y 
_atom_site.Cartn_z 
_atom_site.occupancy 
_atom_site.B_iso_or_equiv 
_atom_site.pdbx_formal_charge 
_atom_site.auth_seq_id 
_atom_site.auth_comp_id 
_atom_site.auth_asym_id 
_atom_site.auth_atom_id 
_atom_site.pdbx_PDB_model_num 
ATOM   1    N N   . ASN A 1 1   ? 20.429  -10.095 -11.119 1.00 89.42  ? 94  ASN A N   1 
ATOM   2    C CA  . ASN A 1 1   ? 20.319  -11.060 -9.995  1.00 96.12  ? 94  ASN A CA  1 
ATOM   3    C C   . ASN A 1 1   ? 18.986  -10.760 -9.280  1.00 92.68  ? 94  ASN A C   1 
ATOM   4    O O   . ASN A 1 1   ? 17.965  -11.308 -9.658  1.00 107.83 ? 94  ASN A O   1 
ATOM   5    C CB  . ASN A 1 1   ? 21.580  -11.061 -9.047  1.00 94.30  ? 94  ASN A CB  1 
ATOM   6    C CG  . ASN A 1 1   ? 22.437  -12.361 -9.143  1.00 95.43  ? 94  ASN A CG  1 
ATOM   7    O OD1 . ASN A 1 1   ? 22.072  -13.315 -9.805  1.00 100.87 ? 94  ASN A OD1 1 
ATOM   8    N ND2 . ASN A 1 1   ? 23.571  -12.388 -8.461  1.00 96.27  ? 94  ASN A ND2 1 
ATOM   9    N N   . LEU A 1 2   ? 18.969  -9.848  -8.319  1.00 84.45  ? 95  LEU A N   1 
ATOM   10   C CA  . LEU A 1 2   ? 17.859  -9.778  -7.381  1.00 81.60  ? 95  LEU A CA  1 
ATOM   11   C C   . LEU A 1 2   ? 16.856  -8.766  -7.799  1.00 87.07  ? 95  LEU A C   1 
ATOM   12   O O   . LEU A 1 2   ? 17.182  -7.581  -7.905  1.00 103.59 ? 95  LEU A O   1 
ATOM   13   C CB  . LEU A 1 2   ? 18.326  -9.394  -5.982  1.00 77.29  ? 95  LEU A CB  1 
ATOM   14   C CG  . LEU A 1 2   ? 17.245  -9.581  -4.916  1.00 83.32  ? 95  LEU A CG  1 
ATOM   15   C CD1 . LEU A 1 2   ? 17.191  -11.046 -4.531  1.00 83.47  ? 95  LEU A CD1 1 
ATOM   16   C CD2 . LEU A 1 2   ? 17.467  -8.769  -3.654  1.00 83.82  ? 95  LEU A CD2 1 
ATOM   17   N N   . ARG A 1 3   ? 15.619  -9.215  -7.985  1.00 83.18  ? 96  ARG A N   1 
ATOM   18   C CA  . ARG A 1 3   ? 14.559  -8.321  -8.449  1.00 88.96  ? 96  ARG A CA  1 
ATOM   19   C C   . ARG A 1 3   ? 13.536  -8.205  -7.373  1.00 80.19  ? 96  ARG A C   1 
ATOM   20   O O   . ARG A 1 3   ? 13.057  -9.200  -6.890  1.00 93.74  ? 96  ARG A O   1 
ATOM   21   C CB  . ARG A 1 3   ? 13.896  -8.835  -9.714  1.00 90.10  ? 96  ARG A CB  1 
ATOM   22   C CG  . ARG A 1 3   ? 14.884  -9.344  -10.748 1.00 102.90 ? 96  ARG A CG  1 
ATOM   23   C CD  . ARG A 1 3   ? 14.203  -10.195 -11.799 1.00 104.05 ? 96  ARG A CD  1 
ATOM   24   N NE  . ARG A 1 3   ? 13.045  -9.521  -12.392 1.00 101.50 ? 96  ARG A NE  1 
ATOM   25   C CZ  . ARG A 1 3   ? 13.124  -8.548  -13.299 1.00 107.59 ? 96  ARG A CZ  1 
ATOM   26   N NH1 . ARG A 1 3   ? 14.308  -8.114  -13.707 1.00 132.37 ? 96  ARG A NH1 1 
ATOM   27   N NH2 . ARG A 1 3   ? 12.026  -7.983  -13.800 1.00 99.42  ? 96  ARG A NH2 1 
ATOM   28   N N   . VAL A 1 4   ? 13.209  -6.982  -6.998  1.00 73.80  ? 97  VAL A N   1 
ATOM   29   C CA  . VAL A 1 4   ? 12.347  -6.744  -5.879  1.00 70.73  ? 97  VAL A CA  1 
ATOM   30   C C   . VAL A 1 4   ? 11.349  -5.695  -6.232  1.00 71.44  ? 97  VAL A C   1 
ATOM   31   O O   . VAL A 1 4   ? 11.649  -4.732  -6.922  1.00 70.20  ? 97  VAL A O   1 
ATOM   32   C CB  . VAL A 1 4   ? 13.109  -6.411  -4.585  1.00 67.22  ? 97  VAL A CB  1 
ATOM   33   C CG1 . VAL A 1 4   ? 14.588  -6.372  -4.812  1.00 76.87  ? 97  VAL A CG1 1 
ATOM   34   C CG2 . VAL A 1 4   ? 12.622  -5.142  -3.972  1.00 61.97  ? 97  VAL A CG2 1 
ATOM   35   N N   . LEU A 1 5   ? 10.134  -5.919  -5.774  1.00 71.17  ? 98  LEU A N   1 
ATOM   36   C CA  . LEU A 1 5   ? 9.031   -5.146  -6.259  1.00 74.64  ? 98  LEU A CA  1 
ATOM   37   C C   . LEU A 1 5   ? 8.435   -4.521  -5.038  1.00 75.11  ? 98  LEU A C   1 
ATOM   38   O O   . LEU A 1 5   ? 8.361   -5.174  -3.985  1.00 85.83  ? 98  LEU A O   1 
ATOM   39   C CB  . LEU A 1 5   ? 8.063   -6.057  -7.000  1.00 72.69  ? 98  LEU A CB  1 
ATOM   40   C CG  . LEU A 1 5   ? 6.591   -5.698  -7.044  1.00 72.21  ? 98  LEU A CG  1 
ATOM   41   C CD1 . LEU A 1 5   ? 5.848   -6.556  -8.036  1.00 69.42  ? 98  LEU A CD1 1 
ATOM   42   C CD2 . LEU A 1 5   ? 5.961   -5.892  -5.688  1.00 83.53  ? 98  LEU A CD2 1 
ATOM   43   N N   . LEU A 1 6   ? 8.028   -3.264  -5.179  1.00 66.72  ? 99  LEU A N   1 
ATOM   44   C CA  . LEU A 1 6   ? 7.666   -2.382  -4.058  1.00 71.06  ? 99  LEU A CA  1 
ATOM   45   C C   . LEU A 1 6   ? 6.363   -1.672  -4.370  1.00 78.15  ? 99  LEU A C   1 
ATOM   46   O O   . LEU A 1 6   ? 6.301   -0.890  -5.313  1.00 86.79  ? 99  LEU A O   1 
ATOM   47   C CB  . LEU A 1 6   ? 8.753   -1.309  -3.882  1.00 65.10  ? 99  LEU A CB  1 
ATOM   48   C CG  . LEU A 1 6   ? 9.887   -1.608  -2.908  1.00 79.48  ? 99  LEU A CG  1 
ATOM   49   C CD1 . LEU A 1 6   ? 10.426  -2.990  -3.143  1.00 95.35  ? 99  LEU A CD1 1 
ATOM   50   C CD2 . LEU A 1 6   ? 11.043  -0.647  -3.028  1.00 89.41  ? 99  LEU A CD2 1 
ATOM   51   N N   . ASP A 1 7   ? 5.296   -1.882  -3.627  1.00 73.45  ? 100 ASP A N   1 
ATOM   52   C CA  . ASP A 1 7   ? 4.099   -1.234  -4.111  1.00 67.66  ? 100 ASP A CA  1 
ATOM   53   C C   . ASP A 1 7   ? 4.073   0.225   -3.695  1.00 65.75  ? 100 ASP A C   1 
ATOM   54   O O   . ASP A 1 7   ? 4.782   0.652   -2.785  1.00 66.54  ? 100 ASP A O   1 
ATOM   55   C CB  . ASP A 1 7   ? 2.840   -2.000  -3.723  1.00 71.39  ? 100 ASP A CB  1 
ATOM   56   C CG  . ASP A 1 7   ? 2.395   -1.737  -2.323  1.00 81.01  ? 100 ASP A CG  1 
ATOM   57   O OD1 . ASP A 1 7   ? 1.912   -2.708  -1.692  1.00 86.59  ? 100 ASP A OD1 1 
ATOM   58   O OD2 . ASP A 1 7   ? 2.483   -0.560  -1.862  1.00 77.68  ? 100 ASP A OD2 1 
ATOM   59   N N   . THR A 1 8   ? 3.239   0.979   -4.385  1.00 72.05  ? 101 THR A N   1 
ATOM   60   C CA  . THR A 1 8   ? 3.079   2.428   -4.207  1.00 69.47  ? 101 THR A CA  1 
ATOM   61   C C   . THR A 1 8   ? 2.614   2.832   -2.826  1.00 74.31  ? 101 THR A C   1 
ATOM   62   O O   . THR A 1 8   ? 2.783   3.982   -2.463  1.00 85.48  ? 101 THR A O   1 
ATOM   63   C CB  . THR A 1 8   ? 2.038   2.912   -5.208  1.00 77.09  ? 101 THR A CB  1 
ATOM   64   O OG1 . THR A 1 8   ? 2.183   2.126   -6.383  1.00 89.23  ? 101 THR A OG1 1 
ATOM   65   C CG2 . THR A 1 8   ? 2.211   4.353   -5.599  1.00 98.03  ? 101 THR A CG2 1 
ATOM   66   N N   . ALA A 1 9   ? 2.019   1.917   -2.050  1.00 75.96  ? 102 ALA A N   1 
ATOM   67   C CA  . ALA A 1 9   ? 1.558   2.244   -0.682  1.00 73.59  ? 102 ALA A CA  1 
ATOM   68   C C   . ALA A 1 9   ? 2.692   2.286   0.295   1.00 73.79  ? 102 ALA A C   1 
ATOM   69   O O   . ALA A 1 9   ? 2.569   2.842   1.377   1.00 75.02  ? 102 ALA A O   1 
ATOM   70   C CB  . ALA A 1 9   ? 0.545   1.235   -0.209  1.00 77.60  ? 102 ALA A CB  1 
ATOM   71   N N   . ILE A 1 10  ? 3.791   1.661   -0.094  1.00 79.20  ? 103 ILE A N   1 
ATOM   72   C CA  . ILE A 1 10  ? 5.010   1.680   0.677   1.00 79.64  ? 103 ILE A CA  1 
ATOM   73   C C   . ILE A 1 10  ? 5.627   3.062   0.619   1.00 87.07  ? 103 ILE A C   1 
ATOM   74   O O   . ILE A 1 10  ? 5.865   3.591   -0.470  1.00 98.97  ? 103 ILE A O   1 
ATOM   75   C CB  . ILE A 1 10  ? 6.028   0.689   0.118   1.00 80.16  ? 103 ILE A CB  1 
ATOM   76   C CG1 . ILE A 1 10  ? 5.466   -0.735  0.137   1.00 87.13  ? 103 ILE A CG1 1 
ATOM   77   C CG2 . ILE A 1 10  ? 7.301   0.752   0.925   1.00 83.79  ? 103 ILE A CG2 1 
ATOM   78   C CD1 . ILE A 1 10  ? 4.961   -1.200  1.505   1.00 84.84  ? 103 ILE A CD1 1 
ATOM   79   N N   . PRO A 1 11  ? 5.905   3.650   1.794   1.00 88.62  ? 104 PRO A N   1 
ATOM   80   C CA  . PRO A 1 11  ? 6.551   4.955   1.808   1.00 83.04  ? 104 PRO A CA  1 
ATOM   81   C C   . PRO A 1 11  ? 7.823   4.880   1.047   1.00 93.17  ? 104 PRO A C   1 
ATOM   82   O O   . PRO A 1 11  ? 8.510   3.881   1.156   1.00 97.14  ? 104 PRO A O   1 
ATOM   83   C CB  . PRO A 1 11  ? 6.868   5.172   3.270   1.00 82.75  ? 104 PRO A CB  1 
ATOM   84   C CG  . PRO A 1 11  ? 5.816   4.388   3.999   1.00 91.19  ? 104 PRO A CG  1 
ATOM   85   C CD  . PRO A 1 11  ? 5.587   3.173   3.153   1.00 85.06  ? 104 PRO A CD  1 
ATOM   86   N N   . PRO A 1 12  ? 8.161   5.931   0.296   1.00 113.95 ? 105 PRO A N   1 
ATOM   87   C CA  . PRO A 1 12  ? 9.370   5.950   -0.532  1.00 109.79 ? 105 PRO A CA  1 
ATOM   88   C C   . PRO A 1 12  ? 10.667  5.969   0.320   1.00 109.95 ? 105 PRO A C   1 
ATOM   89   O O   . PRO A 1 12  ? 11.732  5.681   -0.207  1.00 109.91 ? 105 PRO A O   1 
ATOM   90   C CB  . PRO A 1 12  ? 9.218   7.237   -1.294  1.00 108.69 ? 105 PRO A CB  1 
ATOM   91   C CG  . PRO A 1 12  ? 8.650   8.141   -0.228  1.00 119.99 ? 105 PRO A CG  1 
ATOM   92   C CD  . PRO A 1 12  ? 7.669   7.294   0.544   1.00 114.49 ? 105 PRO A CD  1 
ATOM   93   N N   . SER A 1 13  ? 10.581  6.312   1.608   1.00 96.37  ? 106 SER A N   1 
ATOM   94   C CA  . SER A 1 13  ? 11.654  5.989   2.533   1.00 100.49 ? 106 SER A CA  1 
ATOM   95   C C   . SER A 1 13  ? 11.882  4.430   2.678   1.00 117.71 ? 106 SER A C   1 
ATOM   96   O O   . SER A 1 13  ? 13.003  3.948   2.414   1.00 115.21 ? 106 SER A O   1 
ATOM   97   C CB  . SER A 1 13  ? 11.414  6.690   3.888   1.00 108.91 ? 106 SER A CB  1 
ATOM   98   O OG  . SER A 1 13  ? 10.656  5.920   4.819   1.00 104.60 ? 106 SER A OG  1 
ATOM   99   N N   . PHE A 1 14  ? 10.834  3.648   3.029   1.00 120.34 ? 107 PHE A N   1 
ATOM   100  C CA  . PHE A 1 14  ? 10.930  2.152   3.299   1.00 126.08 ? 107 PHE A CA  1 
ATOM   101  C C   . PHE A 1 14  ? 11.677  1.449   2.179   1.00 109.96 ? 107 PHE A C   1 
ATOM   102  O O   . PHE A 1 14  ? 11.824  0.220   2.197   1.00 117.65 ? 107 PHE A O   1 
ATOM   103  C CB  . PHE A 1 14  ? 9.524   1.444   3.431   1.00 140.13 ? 107 PHE A CB  1 
ATOM   104  C CG  . PHE A 1 14  ? 8.979   1.185   4.890   1.00 150.91 ? 107 PHE A CG  1 
ATOM   105  C CD1 . PHE A 1 14  ? 8.772   -0.139  5.366   1.00 143.70 ? 107 PHE A CD1 1 
ATOM   106  C CD2 . PHE A 1 14  ? 8.545   2.232   5.739   1.00 143.45 ? 107 PHE A CD2 1 
ATOM   107  C CE1 . PHE A 1 14  ? 8.229   -0.392  6.645   1.00 115.82 ? 107 PHE A CE1 1 
ATOM   108  C CE2 . PHE A 1 14  ? 8.005   1.965   7.015   1.00 131.76 ? 107 PHE A CE2 1 
ATOM   109  C CZ  . PHE A 1 14  ? 7.849   0.658   7.464   1.00 114.21 ? 107 PHE A CZ  1 
ATOM   110  N N   . CYS A 1 15  ? 12.093  2.257   1.205   1.00 114.37 ? 108 CYS A N   1 
ATOM   111  C CA  . CYS A 1 15  ? 12.574  1.832   -0.100  1.00 133.84 ? 108 CYS A CA  1 
ATOM   112  C C   . CYS A 1 15  ? 14.049  2.143   -0.299  1.00 124.90 ? 108 CYS A C   1 
ATOM   113  O O   . CYS A 1 15  ? 14.700  1.587   -1.187  1.00 99.23  ? 108 CYS A O   1 
ATOM   114  C CB  . CYS A 1 15  ? 11.781  2.569   -1.211  1.00 147.37 ? 108 CYS A CB  1 
ATOM   115  S SG  . CYS A 1 15  ? 9.979   2.813   -0.975  1.00 136.34 ? 108 CYS A SG  1 
ATOM   116  N N   . ASP A 1 16  ? 14.544  3.108   0.462   1.00 135.04 ? 109 ASP A N   1 
ATOM   117  C CA  . ASP A 1 16  ? 15.963  3.424   0.441   1.00 138.71 ? 109 ASP A CA  1 
ATOM   118  C C   . ASP A 1 16  ? 16.567  2.625   1.553   1.00 119.68 ? 109 ASP A C   1 
ATOM   119  O O   . ASP A 1 16  ? 17.721  2.237   1.459   1.00 116.63 ? 109 ASP A O   1 
ATOM   120  C CB  . ASP A 1 16  ? 16.295  4.933   0.594   1.00 158.04 ? 109 ASP A CB  1 
ATOM   121  C CG  . ASP A 1 16  ? 15.078  5.809   0.951   1.00 169.55 ? 109 ASP A CG  1 
ATOM   122  O OD1 . ASP A 1 16  ? 15.276  6.912   1.504   1.00 162.20 ? 109 ASP A OD1 1 
ATOM   123  O OD2 . ASP A 1 16  ? 13.935  5.428   0.645   1.00 178.00 ? 109 ASP A OD2 1 
ATOM   124  N N   . THR A 1 17  ? 15.775  2.379   2.597   1.00 115.53 ? 110 THR A N   1 
ATOM   125  C CA  . THR A 1 17  ? 16.189  1.521   3.713   1.00 125.24 ? 110 THR A CA  1 
ATOM   126  C C   . THR A 1 17  ? 16.582  0.114   3.206   1.00 117.61 ? 110 THR A C   1 
ATOM   127  O O   . THR A 1 17  ? 17.670  -0.414  3.451   1.00 106.83 ? 110 THR A O   1 
ATOM   128  C CB  . THR A 1 17  ? 15.035  1.334   4.732   1.00 127.31 ? 110 THR A CB  1 
ATOM   129  O OG1 . THR A 1 17  ? 14.645  2.582   5.339   1.00 114.68 ? 110 THR A OG1 1 
ATOM   130  C CG2 . THR A 1 17  ? 15.458  0.350   5.814   1.00 133.98 ? 110 THR A CG2 1 
ATOM   131  N N   . VAL A 1 18  ? 15.645  -0.482  2.505   1.00 111.54 ? 111 VAL A N   1 
ATOM   132  C CA  . VAL A 1 18  ? 15.876  -1.686  1.765   1.00 117.35 ? 111 VAL A CA  1 
ATOM   133  C C   . VAL A 1 18  ? 17.175  -1.524  0.927   1.00 115.64 ? 111 VAL A C   1 
ATOM   134  O O   . VAL A 1 18  ? 18.218  -2.098  1.278   1.00 98.08  ? 111 VAL A O   1 
ATOM   135  C CB  . VAL A 1 18  ? 14.620  -1.971  0.868   1.00 134.68 ? 111 VAL A CB  1 
ATOM   136  C CG1 . VAL A 1 18  ? 14.907  -3.050  -0.157  1.00 143.00 ? 111 VAL A CG1 1 
ATOM   137  C CG2 . VAL A 1 18  ? 13.357  -2.329  1.696   1.00 126.83 ? 111 VAL A CG2 1 
ATOM   138  N N   . SER A 1 19  ? 17.105  -0.692  -0.126  1.00 116.42 ? 112 SER A N   1 
ATOM   139  C CA  . SER A 1 19  ? 18.074  -0.705  -1.259  1.00 112.61 ? 112 SER A CA  1 
ATOM   140  C C   . SER A 1 19  ? 19.509  -0.566  -0.833  1.00 113.31 ? 112 SER A C   1 
ATOM   141  O O   . SER A 1 19  ? 20.401  -1.161  -1.454  1.00 102.66 ? 112 SER A O   1 
ATOM   142  C CB  . SER A 1 19  ? 17.771  0.395   -2.296  1.00 110.06 ? 112 SER A CB  1 
ATOM   143  O OG  . SER A 1 19  ? 18.349  1.643   -1.948  1.00 115.69 ? 112 SER A OG  1 
ATOM   144  N N   . SER A 1 20  ? 19.732  0.250   0.201   1.00 128.72 ? 113 SER A N   1 
ATOM   145  C CA  . SER A 1 20  ? 21.072  0.382   0.796   1.00 136.88 ? 113 SER A CA  1 
ATOM   146  C C   . SER A 1 20  ? 21.594  -0.991  1.191   1.00 131.34 ? 113 SER A C   1 
ATOM   147  O O   . SER A 1 20  ? 22.700  -1.367  0.786   1.00 97.29  ? 113 SER A O   1 
ATOM   148  C CB  . SER A 1 20  ? 21.101  1.323   2.016   1.00 127.25 ? 113 SER A CB  1 
ATOM   149  O OG  . SER A 1 20  ? 19.904  1.298   2.779   1.00 124.76 ? 113 SER A OG  1 
ATOM   150  N N   . VAL A 1 21  ? 20.756  -1.742  1.917   1.00 129.49 ? 114 VAL A N   1 
ATOM   151  C CA  . VAL A 1 21  ? 21.156  -3.010  2.559   1.00 116.06 ? 114 VAL A CA  1 
ATOM   152  C C   . VAL A 1 21  ? 21.489  -4.132  1.568   1.00 115.11 ? 114 VAL A C   1 
ATOM   153  O O   . VAL A 1 21  ? 22.419  -4.939  1.776   1.00 98.71  ? 114 VAL A O   1 
ATOM   154  C CB  . VAL A 1 21  ? 20.055  -3.571  3.472   1.00 108.09 ? 114 VAL A CB  1 
ATOM   155  C CG1 . VAL A 1 21  ? 20.652  -4.642  4.376   1.00 110.36 ? 114 VAL A CG1 1 
ATOM   156  C CG2 . VAL A 1 21  ? 19.367  -2.473  4.285   1.00 111.13 ? 114 VAL A CG2 1 
ATOM   157  N N   . LEU A 1 22  ? 20.714  -4.196  0.496   1.00 103.37 ? 115 LEU A N   1 
ATOM   158  C CA  . LEU A 1 22  ? 20.821  -5.313  -0.403  1.00 107.36 ? 115 LEU A CA  1 
ATOM   159  C C   . LEU A 1 22  ? 22.101  -5.274  -1.242  1.00 129.53 ? 115 LEU A C   1 
ATOM   160  O O   . LEU A 1 22  ? 22.575  -6.321  -1.697  1.00 115.21 ? 115 LEU A O   1 
ATOM   161  C CB  . LEU A 1 22  ? 19.586  -5.364  -1.283  1.00 117.86 ? 115 LEU A CB  1 
ATOM   162  C CG  . LEU A 1 22  ? 18.270  -5.708  -0.568  1.00 116.95 ? 115 LEU A CG  1 
ATOM   163  C CD1 . LEU A 1 22  ? 17.084  -5.151  -1.339  1.00 120.73 ? 115 LEU A CD1 1 
ATOM   164  C CD2 . LEU A 1 22  ? 18.120  -7.211  -0.384  1.00 103.79 ? 115 LEU A CD2 1 
ATOM   165  N N   . LEU A 1 23  ? 22.664  -4.078  -1.429  1.00 152.70 ? 116 LEU A N   1 
ATOM   166  C CA  . LEU A 1 23  ? 23.891  -3.906  -2.232  1.00 157.91 ? 116 LEU A CA  1 
ATOM   167  C C   . LEU A 1 23  ? 25.169  -4.410  -1.525  1.00 171.52 ? 116 LEU A C   1 
ATOM   168  O O   . LEU A 1 23  ? 26.131  -4.830  -2.204  1.00 148.89 ? 116 LEU A O   1 
ATOM   169  C CB  . LEU A 1 23  ? 24.052  -2.441  -2.628  1.00 163.68 ? 116 LEU A CB  1 
ATOM   170  C CG  . LEU A 1 23  ? 23.171  -1.965  -3.783  1.00 163.68 ? 116 LEU A CG  1 
ATOM   171  C CD1 . LEU A 1 23  ? 22.803  -0.484  -3.646  1.00 164.18 ? 116 LEU A CD1 1 
ATOM   172  C CD2 . LEU A 1 23  ? 23.871  -2.255  -5.109  1.00 160.45 ? 116 LEU A CD2 1 
ATOM   173  N N   . ASP A 1 24  ? 25.178  -4.341  -0.181  1.00 172.25 ? 117 ASP A N   1 
ATOM   174  C CA  . ASP A 1 24  ? 26.195  -5.021  0.647   1.00 168.71 ? 117 ASP A CA  1 
ATOM   175  C C   . ASP A 1 24  ? 26.364  -6.427  0.057   1.00 165.04 ? 117 ASP A C   1 
ATOM   176  O O   . ASP A 1 24  ? 27.435  -6.783  -0.472  1.00 149.14 ? 117 ASP A O   1 
ATOM   177  C CB  . ASP A 1 24  ? 25.766  -5.175  2.139   1.00 169.79 ? 117 ASP A CB  1 
ATOM   178  C CG  . ASP A 1 24  ? 25.294  -3.863  2.802   1.00 173.16 ? 117 ASP A CG  1 
ATOM   179  O OD1 . ASP A 1 24  ? 25.531  -2.772  2.243   1.00 183.98 ? 117 ASP A OD1 1 
ATOM   180  O OD2 . ASP A 1 24  ? 24.687  -3.936  3.907   1.00 140.95 ? 117 ASP A OD2 1 
ATOM   181  N N   . ASP A 1 25  ? 25.246  -7.168  0.105   1.00 150.09 ? 118 ASP A N   1 
ATOM   182  C CA  . ASP A 1 25  ? 25.159  -8.603  -0.167  1.00 127.70 ? 118 ASP A CA  1 
ATOM   183  C C   . ASP A 1 25  ? 24.903  -8.924  -1.640  1.00 122.74 ? 118 ASP A C   1 
ATOM   184  O O   . ASP A 1 25  ? 25.277  -10.005 -2.110  1.00 130.87 ? 118 ASP A O   1 
ATOM   185  C CB  . ASP A 1 25  ? 24.023  -9.229  0.666   1.00 128.49 ? 118 ASP A CB  1 
ATOM   186  C CG  . ASP A 1 25  ? 24.286  -9.195  2.178   1.00 135.92 ? 118 ASP A CG  1 
ATOM   187  O OD1 . ASP A 1 25  ? 24.987  -10.120 2.656   1.00 136.19 ? 118 ASP A OD1 1 
ATOM   188  O OD2 . ASP A 1 25  ? 23.763  -8.280  2.889   1.00 123.28 ? 118 ASP A OD2 1 
ATOM   189  N N   . PHE A 1 26  ? 24.254  -8.014  -2.369  1.00 125.10 ? 119 PHE A N   1 
ATOM   190  C CA  . PHE A 1 26  ? 23.945  -8.249  -3.799  1.00 128.64 ? 119 PHE A CA  1 
ATOM   191  C C   . PHE A 1 26  ? 24.645  -7.282  -4.740  1.00 133.51 ? 119 PHE A C   1 
ATOM   192  O O   . PHE A 1 26  ? 24.971  -6.130  -4.369  1.00 124.48 ? 119 PHE A O   1 
ATOM   193  C CB  . PHE A 1 26  ? 22.434  -8.204  -4.060  1.00 128.09 ? 119 PHE A CB  1 
ATOM   194  C CG  . PHE A 1 26  ? 21.718  -9.450  -3.630  1.00 122.02 ? 119 PHE A CG  1 
ATOM   195  C CD1 . PHE A 1 26  ? 21.592  -10.531 -4.516  1.00 114.75 ? 119 PHE A CD1 1 
ATOM   196  C CD2 . PHE A 1 26  ? 21.191  -9.560  -2.333  1.00 104.57 ? 119 PHE A CD2 1 
ATOM   197  C CE1 . PHE A 1 26  ? 20.965  -11.694 -4.107  1.00 101.66 ? 119 PHE A CE1 1 
ATOM   198  C CE2 . PHE A 1 26  ? 20.569  -10.725 -1.924  1.00 93.22  ? 119 PHE A CE2 1 
ATOM   199  C CZ  . PHE A 1 26  ? 20.457  -11.786 -2.808  1.00 91.78  ? 119 PHE A CZ  1 
ATOM   200  N N   . ASN A 1 27  ? 24.858  -7.756  -5.967  1.00 119.32 ? 120 ASN A N   1 
ATOM   201  C CA  . ASN A 1 27  ? 25.687  -7.017  -6.909  1.00 124.62 ? 120 ASN A CA  1 
ATOM   202  C C   . ASN A 1 27  ? 24.948  -6.480  -8.098  1.00 117.09 ? 120 ASN A C   1 
ATOM   203  O O   . ASN A 1 27  ? 25.420  -5.553  -8.748  1.00 117.97 ? 120 ASN A O   1 
ATOM   204  C CB  . ASN A 1 27  ? 26.882  -7.874  -7.331  1.00 139.24 ? 120 ASN A CB  1 
ATOM   205  C CG  . ASN A 1 27  ? 27.880  -8.068  -6.188  1.00 145.42 ? 120 ASN A CG  1 
ATOM   206  O OD1 . ASN A 1 27  ? 28.154  -9.208  -5.767  1.00 151.65 ? 120 ASN A OD1 1 
ATOM   207  N ND2 . ASN A 1 27  ? 28.403  -6.946  -5.646  1.00 128.40 ? 120 ASN A ND2 1 
ATOM   208  N N   . MET A 1 28  ? 23.801  -7.078  -8.387  1.00 121.01 ? 121 MET A N   1 
ATOM   209  C CA  . MET A 1 28  ? 22.788  -6.470  -9.248  1.00 110.45 ? 121 MET A CA  1 
ATOM   210  C C   . MET A 1 28  ? 21.409  -6.524  -8.514  1.00 101.01 ? 121 MET A C   1 
ATOM   211  O O   . MET A 1 28  ? 20.968  -7.592  -8.094  1.00 107.01 ? 121 MET A O   1 
ATOM   212  C CB  . MET A 1 28  ? 22.816  -7.162  -10.626 1.00 97.98  ? 121 MET A CB  1 
ATOM   213  C CG  . MET A 1 28  ? 21.543  -7.083  -11.489 1.00 111.39 ? 121 MET A CG  1 
ATOM   214  S SD  . MET A 1 28  ? 21.057  -5.536  -12.316 1.00 112.38 ? 121 MET A SD  1 
ATOM   215  C CE  . MET A 1 28  ? 20.965  -6.029  -14.046 1.00 85.47  ? 121 MET A CE  1 
ATOM   216  N N   . VAL A 1 29  ? 20.751  -5.370  -8.337  1.00 87.77  ? 122 VAL A N   1 
ATOM   217  C CA  . VAL A 1 29  ? 19.451  -5.286  -7.645  1.00 71.41  ? 122 VAL A CA  1 
ATOM   218  C C   . VAL A 1 29  ? 18.490  -4.425  -8.392  1.00 69.92  ? 122 VAL A C   1 
ATOM   219  O O   . VAL A 1 29  ? 18.653  -3.216  -8.389  1.00 71.18  ? 122 VAL A O   1 
ATOM   220  C CB  . VAL A 1 29  ? 19.581  -4.595  -6.292  1.00 67.99  ? 122 VAL A CB  1 
ATOM   221  C CG1 . VAL A 1 29  ? 18.241  -4.186  -5.753  1.00 69.13  ? 122 VAL A CG1 1 
ATOM   222  C CG2 . VAL A 1 29  ? 20.238  -5.493  -5.294  1.00 69.69  ? 122 VAL A CG2 1 
ATOM   223  N N   . SER A 1 30  ? 17.447  -5.004  -8.977  1.00 76.73  ? 123 SER A N   1 
ATOM   224  C CA  . SER A 1 30  ? 16.484  -4.160  -9.698  1.00 80.39  ? 123 SER A CA  1 
ATOM   225  C C   . SER A 1 30  ? 15.293  -3.896  -8.774  1.00 70.75  ? 123 SER A C   1 
ATOM   226  O O   . SER A 1 30  ? 14.922  -4.763  -8.027  1.00 75.88  ? 123 SER A O   1 
ATOM   227  C CB  . SER A 1 30  ? 16.092  -4.828  -11.010 1.00 83.67  ? 123 SER A CB  1 
ATOM   228  O OG  . SER A 1 30  ? 17.182  -5.589  -11.494 1.00 75.86  ? 123 SER A OG  1 
ATOM   229  N N   . LEU A 1 31  ? 14.763  -2.678  -8.781  1.00 69.28  ? 124 LEU A N   1 
ATOM   230  C CA  . LEU A 1 31  ? 13.626  -2.271  -7.936  1.00 73.37  ? 124 LEU A CA  1 
ATOM   231  C C   . LEU A 1 31  ? 12.398  -1.931  -8.780  1.00 75.58  ? 124 LEU A C   1 
ATOM   232  O O   . LEU A 1 31  ? 12.438  -0.952  -9.509  1.00 78.40  ? 124 LEU A O   1 
ATOM   233  C CB  . LEU A 1 31  ? 13.972  -1.017  -7.127  1.00 66.87  ? 124 LEU A CB  1 
ATOM   234  C CG  . LEU A 1 31  ? 15.190  -1.180  -6.238  1.00 79.47  ? 124 LEU A CG  1 
ATOM   235  C CD1 . LEU A 1 31  ? 15.506  0.084   -5.473  1.00 82.28  ? 124 LEU A CD1 1 
ATOM   236  C CD2 . LEU A 1 31  ? 14.963  -2.289  -5.244  1.00 87.17  ? 124 LEU A CD2 1 
ATOM   237  N N   . ILE A 1 32  ? 11.298  -2.684  -8.671  1.00 72.36  ? 125 ILE A N   1 
ATOM   238  C CA  . ILE A 1 32  ? 10.100  -2.331  -9.451  1.00 76.35  ? 125 ILE A CA  1 
ATOM   239  C C   . ILE A 1 32  ? 8.930   -1.774  -8.627  1.00 76.21  ? 125 ILE A C   1 
ATOM   240  O O   . ILE A 1 32  ? 8.539   -2.348  -7.620  1.00 81.52  ? 125 ILE A O   1 
ATOM   241  C CB  . ILE A 1 32  ? 9.554   -3.506  -10.266 1.00 73.61  ? 125 ILE A CB  1 
ATOM   242  C CG1 . ILE A 1 32  ? 10.648  -4.196  -11.079 1.00 80.48  ? 125 ILE A CG1 1 
ATOM   243  C CG2 . ILE A 1 32  ? 8.514   -2.960  -11.201 1.00 78.02  ? 125 ILE A CG2 1 
ATOM   244  C CD1 . ILE A 1 32  ? 11.294  -5.389  -10.397 1.00 93.95  ? 125 ILE A CD1 1 
ATOM   245  N N   . ARG A 1 33  ? 8.353   -0.677  -9.100  1.00 77.02  ? 126 ARG A N   1 
ATOM   246  C CA  . ARG A 1 33  ? 7.207   -0.062  -8.443  1.00 81.88  ? 126 ARG A CA  1 
ATOM   247  C C   . ARG A 1 33  ? 5.958   -0.580  -9.076  1.00 80.16  ? 126 ARG A C   1 
ATOM   248  O O   . ARG A 1 33  ? 5.943   -0.828  -10.271 1.00 90.61  ? 126 ARG A O   1 
ATOM   249  C CB  . ARG A 1 33  ? 7.207   1.472   -8.574  1.00 78.24  ? 126 ARG A CB  1 
ATOM   250  C CG  . ARG A 1 33  ? 8.252   2.144   -7.709  1.00 85.01  ? 126 ARG A CG  1 
ATOM   251  C CD  . ARG A 1 33  ? 8.022   1.919   -6.224  1.00 80.63  ? 126 ARG A CD  1 
ATOM   252  N NE  . ARG A 1 33  ? 7.807   3.156   -5.481  1.00 82.28  ? 126 ARG A NE  1 
ATOM   253  C CZ  . ARG A 1 33  ? 7.364   3.206   -4.222  1.00 98.68  ? 126 ARG A CZ  1 
ATOM   254  N NH1 . ARG A 1 33  ? 7.061   2.088   -3.570  1.00 107.34 ? 126 ARG A NH1 1 
ATOM   255  N NH2 . ARG A 1 33  ? 7.201   4.378   -3.599  1.00 109.12 ? 126 ARG A NH2 1 
ATOM   256  N N   . THR A 1 34  ? 4.902   -0.672  -8.274  1.00 80.08  ? 127 THR A N   1 
ATOM   257  C CA  . THR A 1 34  ? 3.657   -1.297  -8.693  1.00 82.37  ? 127 THR A CA  1 
ATOM   258  C C   . THR A 1 34  ? 2.435   -0.859  -7.841  1.00 74.39  ? 127 THR A C   1 
ATOM   259  O O   . THR A 1 34  ? 2.560   -0.544  -6.659  1.00 73.73  ? 127 THR A O   1 
ATOM   260  C CB  . THR A 1 34  ? 3.841   -2.823  -8.679  1.00 82.47  ? 127 THR A CB  1 
ATOM   261  O OG1 . THR A 1 34  ? 2.814   -3.419  -9.429  1.00 78.79  ? 127 THR A OG1 1 
ATOM   262  C CG2 . THR A 1 34  ? 3.770   -3.362  -7.276  1.00 97.24  ? 127 THR A CG2 1 
ATOM   263  N N   . SER A 1 35  ? 1.264   -0.795  -8.463  1.00 80.14  ? 128 SER A N   1 
ATOM   264  C CA  . SER A 1 35  ? 0.038   -0.536  -7.723  1.00 81.88  ? 128 SER A CA  1 
ATOM   265  C C   . SER A 1 35  ? -0.044  -1.666  -6.754  1.00 79.93  ? 128 SER A C   1 
ATOM   266  O O   . SER A 1 35  ? 0.433   -2.786  -7.056  1.00 76.73  ? 128 SER A O   1 
ATOM   267  C CB  . SER A 1 35  ? -1.203  -0.577  -8.614  1.00 87.06  ? 128 SER A CB  1 
ATOM   268  O OG  . SER A 1 35  ? -2.391  -0.450  -7.845  1.00 83.87  ? 128 SER A OG  1 
ATOM   269  N N   . PRO A 1 36  ? -0.608  -1.393  -5.580  1.00 66.52  ? 129 PRO A N   1 
ATOM   270  C CA  . PRO A 1 36  ? -0.777  -2.467  -4.614  1.00 72.60  ? 129 PRO A CA  1 
ATOM   271  C C   . PRO A 1 36  ? -1.790  -3.434  -5.166  1.00 75.04  ? 129 PRO A C   1 
ATOM   272  O O   . PRO A 1 36  ? -1.713  -4.635  -4.924  1.00 81.26  ? 129 PRO A O   1 
ATOM   273  C CB  . PRO A 1 36  ? -1.313  -1.775  -3.377  1.00 68.71  ? 129 PRO A CB  1 
ATOM   274  C CG  . PRO A 1 36  ? -0.943  -0.353  -3.548  1.00 75.07  ? 129 PRO A CG  1 
ATOM   275  C CD  . PRO A 1 36  ? -0.925  -0.086  -5.028  1.00 70.03  ? 129 PRO A CD  1 
ATOM   276  N N   . ALA A 1 37  ? -2.702  -2.921  -5.968  1.00 71.48  ? 130 ALA A N   1 
ATOM   277  C CA  . ALA A 1 37  ? -3.698  -3.783  -6.571  1.00 74.92  ? 130 ALA A CA  1 
ATOM   278  C C   . ALA A 1 37  ? -3.109  -4.765  -7.554  1.00 72.42  ? 130 ALA A C   1 
ATOM   279  O O   . ALA A 1 37  ? -3.795  -5.698  -7.946  1.00 71.14  ? 130 ALA A O   1 
ATOM   280  C CB  . ALA A 1 37  ? -4.756  -2.956  -7.264  1.00 80.95  ? 130 ALA A CB  1 
ATOM   281  N N   . ASP A 1 38  ? -1.867  -4.540  -7.977  1.00 76.56  ? 131 ASP A N   1 
ATOM   282  C CA  . ASP A 1 38  ? -1.212  -5.414  -8.962  1.00 76.80  ? 131 ASP A CA  1 
ATOM   283  C C   . ASP A 1 38  ? -0.007  -6.183  -8.421  1.00 75.21  ? 131 ASP A C   1 
ATOM   284  O O   . ASP A 1 38  ? 0.451   -7.142  -9.028  1.00 67.75  ? 131 ASP A O   1 
ATOM   285  C CB  . ASP A 1 38  ? -0.806  -4.573  -10.173 1.00 74.20  ? 131 ASP A CB  1 
ATOM   286  C CG  . ASP A 1 38  ? -2.008  -4.126  -10.986 1.00 87.90  ? 131 ASP A CG  1 
ATOM   287  O OD1 . ASP A 1 38  ? -2.881  -5.001  -11.223 1.00 86.80  ? 131 ASP A OD1 1 
ATOM   288  O OD2 . ASP A 1 38  ? -2.098  -2.928  -11.378 1.00 90.76  ? 131 ASP A OD2 1 
ATOM   289  N N   . SER A 1 39  ? 0.518   -5.755  -7.284  1.00 79.59  ? 132 SER A N   1 
ATOM   290  C CA  . SER A 1 39  ? 1.649   -6.438  -6.680  1.00 74.98  ? 132 SER A CA  1 
ATOM   291  C C   . SER A 1 39  ? 1.561   -7.965  -6.811  1.00 73.31  ? 132 SER A C   1 
ATOM   292  O O   . SER A 1 39  ? 2.380   -8.589  -7.480  1.00 74.23  ? 132 SER A O   1 
ATOM   293  C CB  . SER A 1 39  ? 1.682   -6.065  -5.232  1.00 69.79  ? 132 SER A CB  1 
ATOM   294  O OG  . SER A 1 39  ? 0.371   -6.246  -4.734  1.00 87.24  ? 132 SER A OG  1 
ATOM   295  N N   . LEU A 1 40  ? 0.557   -8.564  -6.184  1.00 79.62  ? 133 LEU A N   1 
ATOM   296  C CA  . LEU A 1 40  ? 0.564   -10.019 -6.011  1.00 79.75  ? 133 LEU A CA  1 
ATOM   297  C C   . LEU A 1 40  ? 0.305   -10.725 -7.341  1.00 79.11  ? 133 LEU A C   1 
ATOM   298  O O   . LEU A 1 40  ? 0.967   -11.709 -7.674  1.00 76.88  ? 133 LEU A O   1 
ATOM   299  C CB  . LEU A 1 40  ? -0.447  -10.454 -4.935  1.00 83.01  ? 133 LEU A CB  1 
ATOM   300  C CG  . LEU A 1 40  ? -0.183  -10.019 -3.477  1.00 85.59  ? 133 LEU A CG  1 
ATOM   301  C CD1 . LEU A 1 40  ? -1.385  -10.207 -2.547  1.00 89.57  ? 133 LEU A CD1 1 
ATOM   302  C CD2 . LEU A 1 40  ? 1.011   -10.768 -2.916  1.00 88.00  ? 133 LEU A CD2 1 
ATOM   303  N N   . ALA A 1 41  ? -0.625  -10.200 -8.126  1.00 77.47  ? 134 ALA A N   1 
ATOM   304  C CA  . ALA A 1 41  ? -0.809  -10.726 -9.471  1.00 75.41  ? 134 ALA A CA  1 
ATOM   305  C C   . ALA A 1 41  ? 0.518   -10.884 -10.159 1.00 71.76  ? 134 ALA A C   1 
ATOM   306  O O   . ALA A 1 41  ? 0.846   -11.976 -10.612 1.00 76.76  ? 134 ALA A O   1 
ATOM   307  C CB  . ALA A 1 41  ? -1.707  -9.834  -10.290 1.00 76.10  ? 134 ALA A CB  1 
ATOM   308  N N   . THR A 1 42  ? 1.271   -9.788  -10.208 1.00 73.23  ? 135 THR A N   1 
ATOM   309  C CA  . THR A 1 42  ? 2.586   -9.754  -10.832 1.00 71.96  ? 135 THR A CA  1 
ATOM   310  C C   . THR A 1 42  ? 3.555   -10.822 -10.350 1.00 72.84  ? 135 THR A C   1 
ATOM   311  O O   . THR A 1 42  ? 4.209   -11.475 -11.161 1.00 81.21  ? 135 THR A O   1 
ATOM   312  C CB  . THR A 1 42  ? 3.276   -8.423  -10.609 1.00 70.13  ? 135 THR A CB  1 
ATOM   313  O OG1 . THR A 1 42  ? 2.724   -7.445  -11.488 1.00 70.54  ? 135 THR A OG1 1 
ATOM   314  C CG2 . THR A 1 42  ? 4.720   -8.550  -10.945 1.00 75.11  ? 135 THR A CG2 1 
ATOM   315  N N   . ILE A 1 43  ? 3.682   -11.019 -9.053  1.00 72.74  ? 136 ILE A N   1 
ATOM   316  C CA  . ILE A 1 43  ? 4.651   -12.027 -8.618  1.00 84.10  ? 136 ILE A CA  1 
ATOM   317  C C   . ILE A 1 43  ? 4.182   -13.435 -8.932  1.00 86.87  ? 136 ILE A C   1 
ATOM   318  O O   . ILE A 1 43  ? 4.960   -14.370 -8.877  1.00 103.32 ? 136 ILE A O   1 
ATOM   319  C CB  . ILE A 1 43  ? 5.023   -11.954 -7.133  1.00 87.45  ? 136 ILE A CB  1 
ATOM   320  C CG1 . ILE A 1 43  ? 4.114   -12.836 -6.310  1.00 88.66  ? 136 ILE A CG1 1 
ATOM   321  C CG2 . ILE A 1 43  ? 4.985   -10.517 -6.627  1.00 101.07 ? 136 ILE A CG2 1 
ATOM   322  C CD1 . ILE A 1 43  ? 4.373   -12.669 -4.834  1.00 101.68 ? 136 ILE A CD1 1 
ATOM   323  N N   . LYS A 1 44  ? 2.912   -13.608 -9.249  1.00 93.85  ? 137 LYS A N   1 
ATOM   324  C CA  . LYS A 1 44  ? 2.448   -14.924 -9.668  1.00 96.49  ? 137 LYS A CA  1 
ATOM   325  C C   . LYS A 1 44  ? 2.860   -15.247 -11.109 1.00 101.49 ? 137 LYS A C   1 
ATOM   326  O O   . LYS A 1 44  ? 3.104   -16.411 -11.429 1.00 104.19 ? 137 LYS A O   1 
ATOM   327  C CB  . LYS A 1 44  ? 0.947   -15.067 -9.456  1.00 93.06  ? 137 LYS A CB  1 
ATOM   328  C CG  . LYS A 1 44  ? 0.563   -14.981 -7.975  1.00 99.41  ? 137 LYS A CG  1 
ATOM   329  C CD  . LYS A 1 44  ? -0.735  -15.717 -7.665  1.00 98.13  ? 137 LYS A CD  1 
ATOM   330  C CE  . LYS A 1 44  ? -1.513  -15.117 -6.504  1.00 92.28  ? 137 LYS A CE  1 
ATOM   331  N NZ  . LYS A 1 44  ? -2.392  -13.972 -6.887  1.00 94.08  ? 137 LYS A NZ  1 
ATOM   332  N N   . GLN A 1 45  ? 2.967   -14.230 -11.967 1.00 100.27 ? 138 GLN A N   1 
ATOM   333  C CA  . GLN A 1 45  ? 3.544   -14.421 -13.296 1.00 105.43 ? 138 GLN A CA  1 
ATOM   334  C C   . GLN A 1 45  ? 4.987   -14.885 -13.158 1.00 114.27 ? 138 GLN A C   1 
ATOM   335  O O   . GLN A 1 45  ? 5.821   -14.182 -12.555 1.00 107.95 ? 138 GLN A O   1 
ATOM   336  C CB  . GLN A 1 45  ? 3.569   -13.133 -14.093 1.00 107.10 ? 138 GLN A CB  1 
ATOM   337  C CG  . GLN A 1 45  ? 2.231   -12.606 -14.518 1.00 112.37 ? 138 GLN A CG  1 
ATOM   338  C CD  . GLN A 1 45  ? 2.404   -11.399 -15.416 1.00 125.17 ? 138 GLN A CD  1 
ATOM   339  O OE1 . GLN A 1 45  ? 2.848   -10.330 -14.980 1.00 134.19 ? 138 GLN A OE1 1 
ATOM   340  N NE2 . GLN A 1 45  ? 2.071   -11.569 -16.685 1.00 129.14 ? 138 GLN A NE2 1 
ATOM   341  N N   . ASP A 1 46  ? 5.281   -16.049 -13.737 1.00 110.79 ? 139 ASP A N   1 
ATOM   342  C CA  . ASP A 1 46  ? 6.554   -16.727 -13.496 1.00 109.94 ? 139 ASP A CA  1 
ATOM   343  C C   . ASP A 1 46  ? 7.644   -16.090 -14.282 1.00 100.75 ? 139 ASP A C   1 
ATOM   344  O O   . ASP A 1 46  ? 8.775   -15.968 -13.816 1.00 101.48 ? 139 ASP A O   1 
ATOM   345  C CB  . ASP A 1 46  ? 6.472   -18.185 -13.887 1.00 115.35 ? 139 ASP A CB  1 
ATOM   346  C CG  . ASP A 1 46  ? 5.234   -18.838 -13.369 1.00 123.74 ? 139 ASP A CG  1 
ATOM   347  O OD1 . ASP A 1 46  ? 5.379   -19.763 -12.532 1.00 115.28 ? 139 ASP A OD1 1 
ATOM   348  O OD2 . ASP A 1 46  ? 4.128   -18.402 -13.792 1.00 128.42 ? 139 ASP A OD2 1 
ATOM   349  N N   . ASN A 1 47  ? 7.287   -15.681 -15.484 1.00 101.67 ? 140 ASN A N   1 
ATOM   350  C CA  . ASN A 1 47  ? 8.210   -14.989 -16.342 1.00 114.17 ? 140 ASN A CA  1 
ATOM   351  C C   . ASN A 1 47  ? 8.758   -13.727 -15.648 1.00 117.63 ? 140 ASN A C   1 
ATOM   352  O O   . ASN A 1 47  ? 9.930   -13.379 -15.835 1.00 130.36 ? 140 ASN A O   1 
ATOM   353  C CB  . ASN A 1 47  ? 7.529   -14.634 -17.668 1.00 108.77 ? 140 ASN A CB  1 
ATOM   354  C CG  . ASN A 1 47  ? 6.676   -13.382 -17.565 1.00 121.94 ? 140 ASN A CG  1 
ATOM   355  O OD1 . ASN A 1 47  ? 5.458   -13.457 -17.499 1.00 133.87 ? 140 ASN A OD1 1 
ATOM   356  N ND2 . ASN A 1 47  ? 7.324   -12.220 -17.526 1.00 137.28 ? 140 ASN A ND2 1 
ATOM   357  N N   . ALA A 1 48  ? 7.925   -13.056 -14.843 1.00 107.38 ? 141 ALA A N   1 
ATOM   358  C CA  . ALA A 1 48  ? 8.315   -11.790 -14.199 1.00 93.19  ? 141 ALA A CA  1 
ATOM   359  C C   . ALA A 1 48  ? 9.464   -11.999 -13.196 1.00 89.10  ? 141 ALA A C   1 
ATOM   360  O O   . ALA A 1 48  ? 10.187  -11.070 -12.832 1.00 74.07  ? 141 ALA A O   1 
ATOM   361  C CB  . ALA A 1 48  ? 7.110   -11.134 -13.538 1.00 89.56  ? 141 ALA A CB  1 
ATOM   362  N N   . GLU A 1 49  ? 9.641   -13.241 -12.770 1.00 90.23  ? 142 GLU A N   1 
ATOM   363  C CA  . GLU A 1 49  ? 10.848  -13.627 -12.077 1.00 98.14  ? 142 GLU A CA  1 
ATOM   364  C C   . GLU A 1 49  ? 11.268  -12.651 -10.986 1.00 92.55  ? 142 GLU A C   1 
ATOM   365  O O   . GLU A 1 49  ? 12.442  -12.283 -10.876 1.00 93.93  ? 142 GLU A O   1 
ATOM   366  C CB  . GLU A 1 49  ? 11.971  -13.813 -13.083 1.00 114.26 ? 142 GLU A CB  1 
ATOM   367  C CG  . GLU A 1 49  ? 12.045  -15.232 -13.618 1.00 131.72 ? 142 GLU A CG  1 
ATOM   368  C CD  . GLU A 1 49  ? 13.415  -15.545 -14.180 1.00 141.08 ? 142 GLU A CD  1 
ATOM   369  O OE1 . GLU A 1 49  ? 13.973  -14.658 -14.878 1.00 125.85 ? 142 GLU A OE1 1 
ATOM   370  O OE2 . GLU A 1 49  ? 13.930  -16.662 -13.913 1.00 146.88 ? 142 GLU A OE2 1 
ATOM   371  N N   . ILE A 1 50  ? 10.286  -12.288 -10.162 1.00 81.98  ? 143 ILE A N   1 
ATOM   372  C CA  . ILE A 1 50  ? 10.479  -11.519 -8.946  1.00 66.89  ? 143 ILE A CA  1 
ATOM   373  C C   . ILE A 1 50  ? 10.902  -12.420 -7.828  1.00 62.05  ? 143 ILE A C   1 
ATOM   374  O O   . ILE A 1 50  ? 10.536  -13.565 -7.793  1.00 78.85  ? 143 ILE A O   1 
ATOM   375  C CB  . ILE A 1 50  ? 9.188   -10.777 -8.619  1.00 67.76  ? 143 ILE A CB  1 
ATOM   376  C CG1 . ILE A 1 50  ? 8.992   -9.774  -9.745  1.00 72.99  ? 143 ILE A CG1 1 
ATOM   377  C CG2 . ILE A 1 50  ? 9.246   -10.127 -7.243  1.00 72.70  ? 143 ILE A CG2 1 
ATOM   378  C CD1 . ILE A 1 50  ? 8.216   -8.558  -9.370  1.00 87.41  ? 143 ILE A CD1 1 
ATOM   379  N N   . ASP A 1 51  ? 11.749  -11.902 -6.962  1.00 64.73  ? 144 ASP A N   1 
ATOM   380  C CA  . ASP A 1 51  ? 12.383  -12.664 -5.897  1.00 65.29  ? 144 ASP A CA  1 
ATOM   381  C C   . ASP A 1 51  ? 11.877  -12.109 -4.581  1.00 69.35  ? 144 ASP A C   1 
ATOM   382  O O   . ASP A 1 51  ? 11.974  -12.788 -3.544  1.00 71.08  ? 144 ASP A O   1 
ATOM   383  C CB  . ASP A 1 51  ? 13.937  -12.512 -5.925  1.00 72.71  ? 144 ASP A CB  1 
ATOM   384  C CG  . ASP A 1 51  ? 14.582  -12.976 -7.240  1.00 84.43  ? 144 ASP A CG  1 
ATOM   385  O OD1 . ASP A 1 51  ? 14.706  -14.207 -7.456  1.00 100.62 ? 144 ASP A OD1 1 
ATOM   386  O OD2 . ASP A 1 51  ? 14.986  -12.114 -8.050  1.00 81.18  ? 144 ASP A OD2 1 
ATOM   387  N N   . ILE A 1 52  ? 11.407  -10.855 -4.563  1.00 63.22  ? 145 ILE A N   1 
ATOM   388  C CA  . ILE A 1 52  ? 10.917  -10.296 -3.305  1.00 66.59  ? 145 ILE A CA  1 
ATOM   389  C C   . ILE A 1 52  ? 9.855   -9.270  -3.537  1.00 66.36  ? 145 ILE A C   1 
ATOM   390  O O   . ILE A 1 52  ? 10.095  -8.324  -4.277  1.00 69.75  ? 145 ILE A O   1 
ATOM   391  C CB  . ILE A 1 52  ? 12.037  -9.627  -2.509  1.00 67.34  ? 145 ILE A CB  1 
ATOM   392  C CG1 . ILE A 1 52  ? 13.106  -10.667 -2.077  1.00 69.21  ? 145 ILE A CG1 1 
ATOM   393  C CG2 . ILE A 1 52  ? 11.437  -8.882  -1.318  1.00 65.63  ? 145 ILE A CG2 1 
ATOM   394  C CD1 . ILE A 1 52  ? 14.207  -10.108 -1.189  1.00 72.19  ? 145 ILE A CD1 1 
ATOM   395  N N   . ALA A 1 53  ? 8.681   -9.426  -2.919  1.00 65.43  ? 146 ALA A N   1 
ATOM   396  C CA  . ALA A 1 53  ? 7.712   -8.317  -3.017  1.00 69.62  ? 146 ALA A CA  1 
ATOM   397  C C   . ALA A 1 53  ? 7.446   -7.658  -1.671  1.00 66.53  ? 146 ALA A C   1 
ATOM   398  O O   . ALA A 1 53  ? 7.294   -8.337  -0.658  1.00 69.86  ? 146 ALA A O   1 
ATOM   399  C CB  . ALA A 1 53  ? 6.422   -8.768  -3.668  1.00 67.68  ? 146 ALA A CB  1 
ATOM   400  N N   . ILE A 1 54  ? 7.408   -6.335  -1.661  1.00 60.12  ? 147 ILE A N   1 
ATOM   401  C CA  . ILE A 1 54  ? 6.991   -5.623  -0.489  1.00 62.00  ? 147 ILE A CA  1 
ATOM   402  C C   . ILE A 1 54  ? 5.630   -4.977  -0.769  1.00 63.89  ? 147 ILE A C   1 
ATOM   403  O O   . ILE A 1 54  ? 5.544   -4.059  -1.587  1.00 67.74  ? 147 ILE A O   1 
ATOM   404  C CB  . ILE A 1 54  ? 8.062   -4.604  -0.091  1.00 63.17  ? 147 ILE A CB  1 
ATOM   405  C CG1 . ILE A 1 54  ? 9.198   -5.297  0.640   1.00 70.12  ? 147 ILE A CG1 1 
ATOM   406  C CG2 . ILE A 1 54  ? 7.537   -3.619  0.922   1.00 66.99  ? 147 ILE A CG2 1 
ATOM   407  C CD1 . ILE A 1 54  ? 10.245  -5.860  -0.277  1.00 84.54  ? 147 ILE A CD1 1 
ATOM   408  N N   . THR A 1 55  ? 4.571   -5.478  -0.121  1.00 66.42  ? 148 THR A N   1 
ATOM   409  C CA  . THR A 1 55  ? 3.195   -4.954  -0.344  1.00 68.51  ? 148 THR A CA  1 
ATOM   410  C C   . THR A 1 55  ? 2.346   -4.873  0.891   1.00 68.01  ? 148 THR A C   1 
ATOM   411  O O   . THR A 1 55  ? 2.598   -5.588  1.862   1.00 73.96  ? 148 THR A O   1 
ATOM   412  C CB  . THR A 1 55  ? 2.295   -5.868  -1.165  1.00 61.11  ? 148 THR A CB  1 
ATOM   413  O OG1 . THR A 1 55  ? 2.983   -7.042  -1.544  1.00 67.54  ? 148 THR A OG1 1 
ATOM   414  C CG2 . THR A 1 55  ? 1.772   -5.160  -2.331  1.00 61.12  ? 148 THR A CG2 1 
ATOM   415  N N   . ILE A 1 56  ? 1.300   -4.057  0.822   1.00 57.79  ? 149 ILE A N   1 
ATOM   416  C CA  . ILE A 1 56  ? 0.312   -4.086  1.875   1.00 66.15  ? 149 ILE A CA  1 
ATOM   417  C C   . ILE A 1 56  ? -0.716  -5.174  1.666   1.00 69.91  ? 149 ILE A C   1 
ATOM   418  O O   . ILE A 1 56  ? -1.496  -5.468  2.578   1.00 73.75  ? 149 ILE A O   1 
ATOM   419  C CB  . ILE A 1 56  ? -0.499  -2.807  1.957   1.00 69.34  ? 149 ILE A CB  1 
ATOM   420  C CG1 . ILE A 1 56  ? -1.014  -2.432  0.589   1.00 72.34  ? 149 ILE A CG1 1 
ATOM   421  C CG2 . ILE A 1 56  ? 0.308   -1.689  2.575   1.00 65.21  ? 149 ILE A CG2 1 
ATOM   422  C CD1 . ILE A 1 56  ? -2.191  -1.494  0.689   1.00 82.39  ? 149 ILE A CD1 1 
ATOM   423  N N   . ASP A 1 57  ? -0.747  -5.741  0.465   1.00 66.91  ? 150 ASP A N   1 
ATOM   424  C CA  . ASP A 1 57  ? -1.827  -6.638  0.088   1.00 69.18  ? 150 ASP A CA  1 
ATOM   425  C C   . ASP A 1 57  ? -1.557  -7.996  0.623   1.00 70.85  ? 150 ASP A C   1 
ATOM   426  O O   . ASP A 1 57  ? -0.395  -8.346  0.860   1.00 66.80  ? 150 ASP A O   1 
ATOM   427  C CB  . ASP A 1 57  ? -1.958  -6.708  -1.418  1.00 76.71  ? 150 ASP A CB  1 
ATOM   428  C CG  . ASP A 1 57  ? -3.284  -7.257  -1.878  1.00 77.64  ? 150 ASP A CG  1 
ATOM   429  O OD1 . ASP A 1 57  ? -4.265  -7.199  -1.117  1.00 88.37  ? 150 ASP A OD1 1 
ATOM   430  O OD2 . ASP A 1 57  ? -3.351  -7.699  -3.042  1.00 74.35  ? 150 ASP A OD2 1 
ATOM   431  N N   . GLU A 1 58  ? -2.636  -8.750  0.847   1.00 80.69  ? 151 GLU A N   1 
ATOM   432  C CA  . GLU A 1 58  ? -2.531  -10.039 1.547   1.00 88.65  ? 151 GLU A CA  1 
ATOM   433  C C   . GLU A 1 58  ? -3.251  -11.189 0.920   1.00 79.38  ? 151 GLU A C   1 
ATOM   434  O O   . GLU A 1 58  ? -4.375  -11.094 0.428   1.00 77.74  ? 151 GLU A O   1 
ATOM   435  C CB  . GLU A 1 58  ? -2.919  -9.958  3.027   1.00 95.57  ? 151 GLU A CB  1 
ATOM   436  C CG  . GLU A 1 58  ? -4.223  -9.250  3.328   1.00 104.06 ? 151 GLU A CG  1 
ATOM   437  C CD  . GLU A 1 58  ? -4.399  -8.898  4.815   1.00 114.85 ? 151 GLU A CD  1 
ATOM   438  O OE1 . GLU A 1 58  ? -5.513  -9.205  5.291   1.00 119.83 ? 151 GLU A OE1 1 
ATOM   439  O OE2 . GLU A 1 58  ? -3.476  -8.314  5.503   1.00 91.05  ? 151 GLU A OE2 1 
ATOM   440  N N   . GLU A 1 59  ? -2.564  -12.305 0.971   1.00 77.40  ? 152 GLU A N   1 
ATOM   441  C CA  . GLU A 1 59  ? -3.096  -13.511 0.456   1.00 83.31  ? 152 GLU A CA  1 
ATOM   442  C C   . GLU A 1 59  ? -2.230  -14.548 1.086   1.00 88.51  ? 152 GLU A C   1 
ATOM   443  O O   . GLU A 1 59  ? -1.053  -14.325 1.316   1.00 94.44  ? 152 GLU A O   1 
ATOM   444  C CB  . GLU A 1 59  ? -3.032  -13.520 -1.046  1.00 75.05  ? 152 GLU A CB  1 
ATOM   445  C CG  . GLU A 1 59  ? -3.408  -14.843 -1.664  1.00 82.43  ? 152 GLU A CG  1 
ATOM   446  C CD  . GLU A 1 59  ? -3.482  -14.741 -3.185  1.00 95.30  ? 152 GLU A CD  1 
ATOM   447  O OE1 . GLU A 1 59  ? -3.192  -15.786 -3.826  1.00 102.83 ? 152 GLU A OE1 1 
ATOM   448  O OE2 . GLU A 1 59  ? -3.804  -13.632 -3.734  1.00 76.37  ? 152 GLU A OE2 1 
ATOM   449  N N   . LEU A 1 60  ? -2.850  -15.661 1.412   1.00 98.96  ? 153 LEU A N   1 
ATOM   450  C CA  . LEU A 1 60  ? -2.254  -16.646 2.274   1.00 110.72 ? 153 LEU A CA  1 
ATOM   451  C C   . LEU A 1 60  ? -1.819  -17.700 1.296   1.00 112.25 ? 153 LEU A C   1 
ATOM   452  O O   . LEU A 1 60  ? -2.538  -17.976 0.326   1.00 125.53 ? 153 LEU A O   1 
ATOM   453  C CB  . LEU A 1 60  ? -3.279  -17.183 3.301   1.00 116.66 ? 153 LEU A CB  1 
ATOM   454  C CG  . LEU A 1 60  ? -4.760  -17.367 2.860   1.00 128.40 ? 153 LEU A CG  1 
ATOM   455  C CD1 . LEU A 1 60  ? -5.513  -18.345 3.762   1.00 121.63 ? 153 LEU A CD1 1 
ATOM   456  C CD2 . LEU A 1 60  ? -5.537  -16.043 2.755   1.00 134.58 ? 153 LEU A CD2 1 
ATOM   457  N N   . LYS A 1 61  ? -0.631  -18.244 1.524   1.00 106.40 ? 154 LYS A N   1 
ATOM   458  C CA  . LYS A 1 61  ? -0.036  -19.257 0.646   1.00 113.39 ? 154 LYS A CA  1 
ATOM   459  C C   . LYS A 1 61  ? -0.082  -18.908 -0.846  1.00 102.39 ? 154 LYS A C   1 
ATOM   460  O O   . LYS A 1 61  ? -1.136  -18.998 -1.490  1.00 77.90  ? 154 LYS A O   1 
ATOM   461  C CB  . LYS A 1 61  ? -0.663  -20.640 0.897   1.00 129.10 ? 154 LYS A CB  1 
ATOM   462  C CG  . LYS A 1 61  ? -0.138  -21.797 0.025   1.00 145.16 ? 154 LYS A CG  1 
ATOM   463  C CD  . LYS A 1 61  ? 1.351   -21.739 -0.387  1.00 148.33 ? 154 LYS A CD  1 
ATOM   464  C CE  . LYS A 1 61  ? 2.371   -21.681 0.758   1.00 135.40 ? 154 LYS A CE  1 
ATOM   465  N NZ  . LYS A 1 61  ? 3.709   -21.192 0.283   1.00 113.95 ? 154 LYS A NZ  1 
ATOM   466  N N   . ILE A 1 62  ? 1.085   -18.531 -1.380  1.00 97.78  ? 155 ILE A N   1 
ATOM   467  C CA  . ILE A 1 62  ? 1.248   -18.327 -2.816  1.00 97.05  ? 155 ILE A CA  1 
ATOM   468  C C   . ILE A 1 62  ? 2.274   -19.288 -3.414  1.00 94.81  ? 155 ILE A C   1 
ATOM   469  O O   . ILE A 1 62  ? 3.371   -19.453 -2.879  1.00 105.28 ? 155 ILE A O   1 
ATOM   470  C CB  . ILE A 1 62  ? 1.600   -16.861 -3.127  1.00 93.69  ? 155 ILE A CB  1 
ATOM   471  C CG1 . ILE A 1 62  ? 0.446   -15.978 -2.663  1.00 93.89  ? 155 ILE A CG1 1 
ATOM   472  C CG2 . ILE A 1 62  ? 1.828   -16.637 -4.620  1.00 88.54  ? 155 ILE A CG2 1 
ATOM   473  C CD1 . ILE A 1 62  ? 0.557   -14.548 -3.134  1.00 95.51  ? 155 ILE A CD1 1 
ATOM   474  N N   . SER A 1 63  ? 1.860   -19.946 -4.499  1.00 103.80 ? 156 SER A N   1 
ATOM   475  C CA  . SER A 1 63  ? 2.736   -20.679 -5.399  1.00 107.96 ? 156 SER A CA  1 
ATOM   476  C C   . SER A 1 63  ? 4.098   -20.942 -4.778  1.00 109.69 ? 156 SER A C   1 
ATOM   477  O O   . SER A 1 63  ? 4.201   -21.839 -3.962  1.00 127.53 ? 156 SER A O   1 
ATOM   478  C CB  . SER A 1 63  ? 2.867   -19.896 -6.716  1.00 131.48 ? 156 SER A CB  1 
ATOM   479  O OG  . SER A 1 63  ? 1.599   -19.687 -7.328  1.00 145.43 ? 156 SER A OG  1 
ATOM   480  N N   . ARG A 1 64  ? 5.117   -20.138 -5.101  1.00 104.31 ? 157 ARG A N   1 
ATOM   481  C CA  . ARG A 1 64  ? 6.514   -20.487 -4.803  1.00 102.95 ? 157 ARG A CA  1 
ATOM   482  C C   . ARG A 1 64  ? 7.072   -19.671 -3.661  1.00 96.79  ? 157 ARG A C   1 
ATOM   483  O O   . ARG A 1 64  ? 8.253   -19.784 -3.324  1.00 96.51  ? 157 ARG A O   1 
ATOM   484  C CB  . ARG A 1 64  ? 7.389   -20.275 -6.050  1.00 114.25 ? 157 ARG A CB  1 
ATOM   485  C CG  . ARG A 1 64  ? 7.037   -21.169 -7.248  1.00 115.47 ? 157 ARG A CG  1 
ATOM   486  C CD  . ARG A 1 64  ? 6.925   -20.376 -8.546  1.00 124.48 ? 157 ARG A CD  1 
ATOM   487  N NE  . ARG A 1 64  ? 5.854   -19.374 -8.448  1.00 154.49 ? 157 ARG A NE  1 
ATOM   488  C CZ  . ARG A 1 64  ? 5.595   -18.410 -9.338  1.00 154.27 ? 157 ARG A CZ  1 
ATOM   489  N NH1 . ARG A 1 64  ? 6.327   -18.283 -10.437 1.00 146.40 ? 157 ARG A NH1 1 
ATOM   490  N NH2 . ARG A 1 64  ? 4.589   -17.559 -9.120  1.00 142.37 ? 157 ARG A NH2 1 
ATOM   491  N N   . PHE A 1 65  ? 6.203   -18.872 -3.055  1.00 93.87  ? 158 PHE A N   1 
ATOM   492  C CA  . PHE A 1 65  ? 6.600   -17.817 -2.132  1.00 85.19  ? 158 PHE A CA  1 
ATOM   493  C C   . PHE A 1 65  ? 6.131   -18.021 -0.727  1.00 81.81  ? 158 PHE A C   1 
ATOM   494  O O   . PHE A 1 65  ? 5.124   -18.667 -0.500  1.00 106.84 ? 158 PHE A O   1 
ATOM   495  C CB  . PHE A 1 65  ? 5.963   -16.536 -2.561  1.00 82.71  ? 158 PHE A CB  1 
ATOM   496  C CG  . PHE A 1 65  ? 6.588   -15.938 -3.761  1.00 90.76  ? 158 PHE A CG  1 
ATOM   497  C CD1 . PHE A 1 65  ? 6.117   -16.234 -5.015  1.00 86.58  ? 158 PHE A CD1 1 
ATOM   498  C CD2 . PHE A 1 65  ? 7.648   -15.067 -3.633  1.00 97.19  ? 158 PHE A CD2 1 
ATOM   499  C CE1 . PHE A 1 65  ? 6.671   -15.659 -6.131  1.00 82.98  ? 158 PHE A CE1 1 
ATOM   500  C CE2 . PHE A 1 65  ? 8.221   -14.495 -4.750  1.00 92.57  ? 158 PHE A CE2 1 
ATOM   501  C CZ  . PHE A 1 65  ? 7.723   -14.790 -6.000  1.00 87.03  ? 158 PHE A CZ  1 
ATOM   502  N N   . ASN A 1 66  ? 6.875   -17.415 0.191   1.00 80.66  ? 159 ASN A N   1 
ATOM   503  C CA  . ASN A 1 66  ? 6.556   -17.287 1.605   1.00 81.39  ? 159 ASN A CA  1 
ATOM   504  C C   . ASN A 1 66  ? 6.304   -15.833 1.968   1.00 84.50  ? 159 ASN A C   1 
ATOM   505  O O   . ASN A 1 66  ? 6.627   -14.900 1.222   1.00 103.23 ? 159 ASN A O   1 
ATOM   506  C CB  . ASN A 1 66  ? 7.704   -17.802 2.472   1.00 91.94  ? 159 ASN A CB  1 
ATOM   507  C CG  . ASN A 1 66  ? 7.866   -19.314 2.404   1.00 102.79 ? 159 ASN A CG  1 
ATOM   508  O OD1 . ASN A 1 66  ? 6.903   -20.042 2.182   1.00 99.46  ? 159 ASN A OD1 1 
ATOM   509  N ND2 . ASN A 1 66  ? 9.094   -19.794 2.617   1.00 107.26 ? 159 ASN A ND2 1 
ATOM   510  N N   . GLN A 1 67  ? 5.754   -15.645 3.148   1.00 76.81  ? 160 GLN A N   1 
ATOM   511  C CA  . GLN A 1 67  ? 5.222   -14.379 3.539   1.00 69.05  ? 160 GLN A CA  1 
ATOM   512  C C   . GLN A 1 67  ? 5.837   -14.121 4.890   1.00 67.97  ? 160 GLN A C   1 
ATOM   513  O O   . GLN A 1 67  ? 6.147   -15.049 5.600   1.00 67.41  ? 160 GLN A O   1 
ATOM   514  C CB  . GLN A 1 67  ? 3.692   -14.485 3.625   1.00 77.59  ? 160 GLN A CB  1 
ATOM   515  C CG  . GLN A 1 67  ? 2.979   -13.124 3.668   1.00 97.63  ? 160 GLN A CG  1 
ATOM   516  C CD  . GLN A 1 67  ? 1.598   -13.125 4.348   1.00 101.14 ? 160 GLN A CD  1 
ATOM   517  O OE1 . GLN A 1 67  ? 1.492   -13.493 5.523   1.00 98.84  ? 160 GLN A OE1 1 
ATOM   518  N NE2 . GLN A 1 67  ? 0.541   -12.668 3.625   1.00 97.41  ? 160 GLN A NE2 1 
ATOM   519  N N   . CYS A 1 68  ? 6.063   -12.866 5.241   1.00 74.46  ? 161 CYS A N   1 
ATOM   520  C CA  . CYS A 1 68  ? 6.339   -12.493 6.640   1.00 71.40  ? 161 CYS A CA  1 
ATOM   521  C C   . CYS A 1 68  ? 6.066   -11.005 6.740   1.00 62.88  ? 161 CYS A C   1 
ATOM   522  O O   . CYS A 1 68  ? 5.697   -10.412 5.730   1.00 66.52  ? 161 CYS A O   1 
ATOM   523  C CB  . CYS A 1 68  ? 7.766   -12.834 7.024   1.00 78.60  ? 161 CYS A CB  1 
ATOM   524  S SG  . CYS A 1 68  ? 8.975   -11.975 6.020   1.00 86.49  ? 161 CYS A SG  1 
ATOM   525  N N   . VAL A 1 69  ? 6.192   -10.378 7.908   1.00 62.57  ? 162 VAL A N   1 
ATOM   526  C CA  . VAL A 1 69  ? 5.757   -8.969  7.973   1.00 71.42  ? 162 VAL A CA  1 
ATOM   527  C C   . VAL A 1 69  ? 6.894   -8.087  8.360   1.00 71.45  ? 162 VAL A C   1 
ATOM   528  O O   . VAL A 1 69  ? 7.611   -8.426  9.257   1.00 80.50  ? 162 VAL A O   1 
ATOM   529  C CB  . VAL A 1 69  ? 4.576   -8.710  8.938   1.00 69.44  ? 162 VAL A CB  1 
ATOM   530  C CG1 . VAL A 1 69  ? 3.757   -9.951  9.129   1.00 75.39  ? 162 VAL A CG1 1 
ATOM   531  C CG2 . VAL A 1 69  ? 5.044   -8.224  10.274  1.00 80.11  ? 162 VAL A CG2 1 
ATOM   532  N N   . LEU A 1 70  ? 7.039   -6.941  7.711   1.00 76.50  ? 163 LEU A N   1 
ATOM   533  C CA  . LEU A 1 70  ? 8.193   -6.071  7.965   1.00 78.19  ? 163 LEU A CA  1 
ATOM   534  C C   . LEU A 1 70  ? 7.892   -4.955  8.903   1.00 79.73  ? 163 LEU A C   1 
ATOM   535  O O   . LEU A 1 70  ? 8.778   -4.476  9.634   1.00 88.58  ? 163 LEU A O   1 
ATOM   536  C CB  . LEU A 1 70  ? 8.680   -5.398  6.691   1.00 84.06  ? 163 LEU A CB  1 
ATOM   537  C CG  . LEU A 1 70  ? 9.018   -6.216  5.452   1.00 87.01  ? 163 LEU A CG  1 
ATOM   538  C CD1 . LEU A 1 70  ? 9.601   -5.253  4.442   1.00 94.04  ? 163 LEU A CD1 1 
ATOM   539  C CD2 . LEU A 1 70  ? 9.993   -7.324  5.745   1.00 88.99  ? 163 LEU A CD2 1 
ATOM   540  N N   . GLY A 1 71  ? 6.669   -4.468  8.836   1.00 85.52  ? 164 GLY A N   1 
ATOM   541  C CA  . GLY A 1 71  ? 6.293   -3.386  9.710   1.00 84.51  ? 164 GLY A CA  1 
ATOM   542  C C   . GLY A 1 71  ? 4.872   -3.002  9.467   1.00 80.81  ? 164 GLY A C   1 
ATOM   543  O O   . GLY A 1 71  ? 4.071   -3.787  8.925   1.00 70.70  ? 164 GLY A O   1 
ATOM   544  N N   . TYR A 1 72  ? 4.602   -1.766  9.864   1.00 80.88  ? 165 TYR A N   1 
ATOM   545  C CA  . TYR A 1 72  ? 3.284   -1.174  9.830   1.00 80.48  ? 165 TYR A CA  1 
ATOM   546  C C   . TYR A 1 72  ? 3.385   0.278   9.320   1.00 80.13  ? 165 TYR A C   1 
ATOM   547  O O   . TYR A 1 72  ? 4.439   0.912   9.306   1.00 78.38  ? 165 TYR A O   1 
ATOM   548  C CB  . TYR A 1 72  ? 2.653   -1.244  11.228  1.00 86.62  ? 165 TYR A CB  1 
ATOM   549  C CG  . TYR A 1 72  ? 2.976   -2.548  11.942  1.00 83.79  ? 165 TYR A CG  1 
ATOM   550  C CD1 . TYR A 1 72  ? 2.255   -3.695  11.674  1.00 83.01  ? 165 TYR A CD1 1 
ATOM   551  C CD2 . TYR A 1 72  ? 4.034   -2.637  12.842  1.00 75.75  ? 165 TYR A CD2 1 
ATOM   552  C CE1 . TYR A 1 72  ? 2.565   -4.894  12.287  1.00 81.14  ? 165 TYR A CE1 1 
ATOM   553  C CE2 . TYR A 1 72  ? 4.347   -3.829  13.475  1.00 71.14  ? 165 TYR A CE2 1 
ATOM   554  C CZ  . TYR A 1 72  ? 3.614   -4.975  13.190  1.00 79.33  ? 165 TYR A CZ  1 
ATOM   555  O OH  . TYR A 1 72  ? 3.933   -6.232  13.759  1.00 69.19  ? 165 TYR A OH  1 
ATOM   556  N N   . THR A 1 73  ? 2.259   0.782   8.864   1.00 79.52  ? 166 THR A N   1 
ATOM   557  C CA  . THR A 1 73  ? 2.225   1.981   8.083   1.00 76.26  ? 166 THR A CA  1 
ATOM   558  C C   . THR A 1 73  ? 0.762   2.341   8.086   1.00 82.84  ? 166 THR A C   1 
ATOM   559  O O   . THR A 1 73  ? -0.086  1.496   8.401   1.00 87.62  ? 166 THR A O   1 
ATOM   560  C CB  . THR A 1 73  ? 2.749   1.713   6.670   1.00 78.10  ? 166 THR A CB  1 
ATOM   561  O OG1 . THR A 1 73  ? 3.158   2.945   6.074   1.00 87.83  ? 166 THR A OG1 1 
ATOM   562  C CG2 . THR A 1 73  ? 1.700   1.028   5.811   1.00 69.25  ? 166 THR A CG2 1 
ATOM   563  N N   . LYS A 1 74  ? 0.449   3.583   7.753   1.00 87.36  ? 167 LYS A N   1 
ATOM   564  C CA  . LYS A 1 74  ? -0.906  4.064   7.946   1.00 82.89  ? 167 LYS A CA  1 
ATOM   565  C C   . LYS A 1 74  ? -1.513  4.613   6.708   1.00 72.78  ? 167 LYS A C   1 
ATOM   566  O O   . LYS A 1 74  ? -0.837  5.039   5.817   1.00 88.61  ? 167 LYS A O   1 
ATOM   567  C CB  . LYS A 1 74  ? -0.932  5.051   9.081   1.00 85.55  ? 167 LYS A CB  1 
ATOM   568  C CG  . LYS A 1 74  ? -0.660  4.279   10.357  1.00 97.08  ? 167 LYS A CG  1 
ATOM   569  C CD  . LYS A 1 74  ? -0.735  5.109   11.618  1.00 106.24 ? 167 LYS A CD  1 
ATOM   570  C CE  . LYS A 1 74  ? -0.665  4.217   12.859  1.00 109.15 ? 167 LYS A CE  1 
ATOM   571  N NZ  . LYS A 1 74  ? -1.848  3.314   12.994  1.00 108.25 ? 167 LYS A NZ  1 
ATOM   572  N N   . ALA A 1 75  ? -2.818  4.503   6.642   1.00 75.12  ? 168 ALA A N   1 
ATOM   573  C CA  . ALA A 1 75  ? -3.582  4.936   5.501   1.00 74.02  ? 168 ALA A CA  1 
ATOM   574  C C   . ALA A 1 75  ? -4.745  5.682   6.070   1.00 74.81  ? 168 ALA A C   1 
ATOM   575  O O   . ALA A 1 75  ? -5.096  5.481   7.221   1.00 73.06  ? 168 ALA A O   1 
ATOM   576  C CB  . ALA A 1 75  ? -4.086  3.740   4.735   1.00 74.44  ? 168 ALA A CB  1 
ATOM   577  N N   . PHE A 1 76  ? -5.336  6.555   5.271   1.00 71.79  ? 169 PHE A N   1 
ATOM   578  C CA  . PHE A 1 76  ? -6.475  7.307   5.709   1.00 70.60  ? 169 PHE A CA  1 
ATOM   579  C C   . PHE A 1 76  ? -7.569  7.328   4.674   1.00 75.41  ? 169 PHE A C   1 
ATOM   580  O O   . PHE A 1 76  ? -7.296  7.281   3.470   1.00 80.25  ? 169 PHE A O   1 
ATOM   581  C CB  . PHE A 1 76  ? -6.038  8.703   5.959   1.00 74.43  ? 169 PHE A CB  1 
ATOM   582  C CG  . PHE A 1 76  ? -5.109  8.830   7.110   1.00 78.49  ? 169 PHE A CG  1 
ATOM   583  C CD1 . PHE A 1 76  ? -5.597  9.101   8.384   1.00 84.80  ? 169 PHE A CD1 1 
ATOM   584  C CD2 . PHE A 1 76  ? -3.759  8.707   6.923   1.00 76.04  ? 169 PHE A CD2 1 
ATOM   585  C CE1 . PHE A 1 76  ? -4.733  9.249   9.456   1.00 89.83  ? 169 PHE A CE1 1 
ATOM   586  C CE2 . PHE A 1 76  ? -2.891  8.841   7.982   1.00 83.21  ? 169 PHE A CE2 1 
ATOM   587  C CZ  . PHE A 1 76  ? -3.373  9.111   9.255   1.00 85.46  ? 169 PHE A CZ  1 
ATOM   588  N N   . VAL A 1 77  ? -8.813  7.414   5.123   1.00 74.89  ? 170 VAL A N   1 
ATOM   589  C CA  . VAL A 1 77  ? -9.864  7.603   4.162   1.00 75.13  ? 170 VAL A CA  1 
ATOM   590  C C   . VAL A 1 77  ? -10.041 9.106   4.135   1.00 78.83  ? 170 VAL A C   1 
ATOM   591  O O   . VAL A 1 77  ? -10.177 9.742   5.174   1.00 82.58  ? 170 VAL A O   1 
ATOM   592  C CB  . VAL A 1 77  ? -11.105 6.703   4.369   1.00 72.37  ? 170 VAL A CB  1 
ATOM   593  C CG1 . VAL A 1 77  ? -11.178 6.187   5.776   1.00 84.67  ? 170 VAL A CG1 1 
ATOM   594  C CG2 . VAL A 1 77  ? -12.378 7.397   3.958   1.00 74.10  ? 170 VAL A CG2 1 
ATOM   595  N N   . VAL A 1 78  ? -9.910  9.661   2.925   1.00 79.17  ? 171 VAL A N   1 
ATOM   596  C CA  . VAL A 1 78  ? -9.918  11.095  2.717   1.00 73.86  ? 171 VAL A CA  1 
ATOM   597  C C   . VAL A 1 78  ? -10.958 11.555  1.737   1.00 87.82  ? 171 VAL A C   1 
ATOM   598  O O   . VAL A 1 78  ? -11.371 10.807  0.803   1.00 79.53  ? 171 VAL A O   1 
ATOM   599  C CB  . VAL A 1 78  ? -8.596  11.602  2.172   1.00 79.20  ? 171 VAL A CB  1 
ATOM   600  C CG1 . VAL A 1 78  ? -7.530  11.516  3.253   1.00 86.54  ? 171 VAL A CG1 1 
ATOM   601  C CG2 . VAL A 1 78  ? -8.202  10.841  0.913   1.00 81.57  ? 171 VAL A CG2 1 
ATOM   602  N N   . ALA A 1 79  ? -11.372 12.809  1.962   1.00 99.54  ? 172 ALA A N   1 
ATOM   603  C CA  . ALA A 1 79  ? -12.200 13.530  1.005   1.00 103.48 ? 172 ALA A CA  1 
ATOM   604  C C   . ALA A 1 79  ? -11.963 15.051  0.995   1.00 105.07 ? 172 ALA A C   1 
ATOM   605  O O   . ALA A 1 79  ? -11.187 15.629  1.807   1.00 83.34  ? 172 ALA A O   1 
ATOM   606  C CB  . ALA A 1 79  ? -13.662 13.218  1.244   1.00 105.50 ? 172 ALA A CB  1 
ATOM   607  N N   . HIS A 1 80  ? -12.621 15.677  0.021   1.00 102.13 ? 173 HIS A N   1 
ATOM   608  C CA  . HIS A 1 80  ? -12.664 17.114  -0.060  1.00 101.96 ? 173 HIS A CA  1 
ATOM   609  C C   . HIS A 1 80  ? -13.205 17.717  1.253   1.00 95.21  ? 173 HIS A C   1 
ATOM   610  O O   . HIS A 1 80  ? -14.200 17.229  1.777   1.00 97.31  ? 173 HIS A O   1 
ATOM   611  C CB  . HIS A 1 80  ? -13.582 17.498  -1.206  1.00 111.50 ? 173 HIS A CB  1 
ATOM   612  C CG  . HIS A 1 80  ? -13.477 18.938  -1.576  1.00 123.80 ? 173 HIS A CG  1 
ATOM   613  N ND1 . HIS A 1 80  ? -14.513 19.829  -1.409  1.00 121.50 ? 173 HIS A ND1 1 
ATOM   614  C CD2 . HIS A 1 80  ? -12.435 19.653  -2.061  1.00 120.69 ? 173 HIS A CD2 1 
ATOM   615  C CE1 . HIS A 1 80  ? -14.124 21.025  -1.811  1.00 127.35 ? 173 HIS A CE1 1 
ATOM   616  N NE2 . HIS A 1 80  ? -12.866 20.945  -2.207  1.00 123.90 ? 173 HIS A NE2 1 
ATOM   617  N N   . PRO A 1 81  ? -12.597 18.800  1.771   1.00 86.10  ? 174 PRO A N   1 
ATOM   618  C CA  . PRO A 1 81  ? -13.026 19.287  3.097   1.00 92.91  ? 174 PRO A CA  1 
ATOM   619  C C   . PRO A 1 81  ? -14.468 19.827  3.197   1.00 99.58  ? 174 PRO A C   1 
ATOM   620  O O   . PRO A 1 81  ? -14.847 20.313  4.264   1.00 94.92  ? 174 PRO A O   1 
ATOM   621  C CB  . PRO A 1 81  ? -12.008 20.384  3.452   1.00 90.63  ? 174 PRO A CB  1 
ATOM   622  C CG  . PRO A 1 81  ? -10.930 20.290  2.419   1.00 96.98  ? 174 PRO A CG  1 
ATOM   623  C CD  . PRO A 1 81  ? -11.502 19.601  1.214   1.00 99.56  ? 174 PRO A CD  1 
ATOM   624  N N   . GLN A 1 82  ? -15.247 19.755  2.115   1.00 98.77  ? 175 GLN A N   1 
ATOM   625  C CA  . GLN A 1 82  ? -16.692 19.975  2.184   1.00 105.24 ? 175 GLN A CA  1 
ATOM   626  C C   . GLN A 1 82  ? -17.405 18.928  1.389   1.00 100.29 ? 175 GLN A C   1 
ATOM   627  O O   . GLN A 1 82  ? -18.409 19.201  0.723   1.00 89.40  ? 175 GLN A O   1 
ATOM   628  C CB  . GLN A 1 82  ? -17.090 21.309  1.587   1.00 116.44 ? 175 GLN A CB  1 
ATOM   629  C CG  . GLN A 1 82  ? -16.467 22.509  2.240   1.00 126.58 ? 175 GLN A CG  1 
ATOM   630  C CD  . GLN A 1 82  ? -16.355 23.631  1.250   1.00 132.78 ? 175 GLN A CD  1 
ATOM   631  O OE1 . GLN A 1 82  ? -17.243 23.827  0.411   1.00 128.41 ? 175 GLN A OE1 1 
ATOM   632  N NE2 . GLN A 1 82  ? -15.252 24.361  1.316   1.00 141.45 ? 175 GLN A NE2 1 
ATOM   633  N N   . HIS A 1 83  ? -16.871 17.725  1.430   1.00 101.68 ? 176 HIS A N   1 
ATOM   634  C CA  . HIS A 1 83  ? -17.608 16.597  0.943   1.00 103.04 ? 176 HIS A CA  1 
ATOM   635  C C   . HIS A 1 83  ? -18.747 16.478  1.952   1.00 109.60 ? 176 HIS A C   1 
ATOM   636  O O   . HIS A 1 83  ? -18.548 16.743  3.158   1.00 106.89 ? 176 HIS A O   1 
ATOM   637  C CB  . HIS A 1 83  ? -16.720 15.365  0.952   1.00 100.01 ? 176 HIS A CB  1 
ATOM   638  C CG  . HIS A 1 83  ? -17.296 14.190  0.238   1.00 101.31 ? 176 HIS A CG  1 
ATOM   639  N ND1 . HIS A 1 83  ? -18.229 13.363  0.813   1.00 111.41 ? 176 HIS A ND1 1 
ATOM   640  C CD2 . HIS A 1 83  ? -17.053 13.680  -0.994  1.00 115.87 ? 176 HIS A CD2 1 
ATOM   641  C CE1 . HIS A 1 83  ? -18.547 12.396  -0.033  1.00 108.08 ? 176 HIS A CE1 1 
ATOM   642  N NE2 . HIS A 1 83  ? -17.844 12.560  -1.137  1.00 105.29 ? 176 HIS A NE2 1 
ATOM   643  N N   . PRO A 1 84  ? -19.949 16.128  1.469   1.00 108.70 ? 177 PRO A N   1 
ATOM   644  C CA  . PRO A 1 84  ? -21.096 15.903  2.367   1.00 115.82 ? 177 PRO A CA  1 
ATOM   645  C C   . PRO A 1 84  ? -20.694 15.224  3.690   1.00 120.60 ? 177 PRO A C   1 
ATOM   646  O O   . PRO A 1 84  ? -20.876 15.802  4.762   1.00 120.94 ? 177 PRO A O   1 
ATOM   647  C CB  . PRO A 1 84  ? -22.034 14.997  1.529   1.00 116.58 ? 177 PRO A CB  1 
ATOM   648  C CG  . PRO A 1 84  ? -21.651 15.237  0.087   1.00 117.60 ? 177 PRO A CG  1 
ATOM   649  C CD  . PRO A 1 84  ? -20.302 15.928  0.048   1.00 114.16 ? 177 PRO A CD  1 
ATOM   650  N N   . LEU A 1 85  ? -20.091 14.036  3.583   1.00 119.20 ? 178 LEU A N   1 
ATOM   651  C CA  . LEU A 1 85  ? -19.706 13.193  4.720   1.00 102.08 ? 178 LEU A CA  1 
ATOM   652  C C   . LEU A 1 85  ? -18.653 13.792  5.597   1.00 97.00  ? 178 LEU A C   1 
ATOM   653  O O   . LEU A 1 85  ? -18.340 13.218  6.624   1.00 95.38  ? 178 LEU A O   1 
ATOM   654  C CB  . LEU A 1 85  ? -19.155 11.849  4.243   1.00 95.15  ? 178 LEU A CB  1 
ATOM   655  C CG  . LEU A 1 85  ? -20.025 11.019  3.299   1.00 109.60 ? 178 LEU A CG  1 
ATOM   656  C CD1 . LEU A 1 85  ? -19.252 9.781   2.904   1.00 106.03 ? 178 LEU A CD1 1 
ATOM   657  C CD2 . LEU A 1 85  ? -21.372 10.623  3.894   1.00 121.16 ? 178 LEU A CD2 1 
ATOM   658  N N   . CYS A 1 86  ? -18.073 14.916  5.208   1.00 103.77 ? 179 CYS A N   1 
ATOM   659  C CA  . CYS A 1 86  ? -17.070 15.524  6.058   1.00 123.48 ? 179 CYS A CA  1 
ATOM   660  C C   . CYS A 1 86  ? -17.729 15.814  7.401   1.00 135.33 ? 179 CYS A C   1 
ATOM   661  O O   . CYS A 1 86  ? -18.933 15.570  7.560   1.00 142.75 ? 179 CYS A O   1 
ATOM   662  C CB  . CYS A 1 86  ? -16.489 16.781  5.406   1.00 130.14 ? 179 CYS A CB  1 
ATOM   663  S SG  . CYS A 1 86  ? -14.710 16.609  5.148   1.00 137.35 ? 179 CYS A SG  1 
ATOM   664  N N   . ASN A 1 87  ? -16.972 16.319  8.374   1.00 145.17 ? 180 ASN A N   1 
ATOM   665  C CA  . ASN A 1 87  ? -17.578 16.670  9.663   1.00 160.70 ? 180 ASN A CA  1 
ATOM   666  C C   . ASN A 1 87  ? -18.307 15.415  10.215  1.00 147.54 ? 180 ASN A C   1 
ATOM   667  O O   . ASN A 1 87  ? -17.676 14.377  10.508  1.00 113.10 ? 180 ASN A O   1 
ATOM   668  C CB  . ASN A 1 87  ? -18.616 17.847  9.535   1.00 172.41 ? 180 ASN A CB  1 
ATOM   669  C CG  . ASN A 1 87  ? -18.100 19.076  8.784   1.00 165.06 ? 180 ASN A CG  1 
ATOM   670  O OD1 . ASN A 1 87  ? -17.824 20.105  9.397   1.00 153.95 ? 180 ASN A OD1 1 
ATOM   671  N ND2 . ASN A 1 87  ? -18.057 19.002  7.452   1.00 157.37 ? 180 ASN A ND2 1 
ATOM   672  N N   . ALA A 1 88  ? -19.637 15.554  10.338  1.00 148.38 ? 181 ALA A N   1 
ATOM   673  C CA  . ALA A 1 88  ? -20.597 14.476  10.539  1.00 148.32 ? 181 ALA A CA  1 
ATOM   674  C C   . ALA A 1 88  ? -19.982 13.102  10.300  1.00 158.08 ? 181 ALA A C   1 
ATOM   675  O O   . ALA A 1 88  ? -20.005 12.627  9.167   1.00 157.10 ? 181 ALA A O   1 
ATOM   676  C CB  . ALA A 1 88  ? -21.801 14.691  9.606   1.00 129.35 ? 181 ALA A CB  1 
ATOM   677  N N   . SER A 1 89  ? -19.430 12.481  11.355  1.00 145.62 ? 182 SER A N   1 
ATOM   678  C CA  . SER A 1 89  ? -18.887 11.112  11.277  1.00 133.81 ? 182 SER A CA  1 
ATOM   679  C C   . SER A 1 89  ? -19.837 10.039  11.894  1.00 139.12 ? 182 SER A C   1 
ATOM   680  O O   . SER A 1 89  ? -21.055 10.211  11.889  1.00 142.63 ? 182 SER A O   1 
ATOM   681  C CB  . SER A 1 89  ? -17.470 11.066  11.866  1.00 122.23 ? 182 SER A CB  1 
ATOM   682  O OG  . SER A 1 89  ? -16.553 11.640  10.970  1.00 111.87 ? 182 SER A OG  1 
ATOM   683  N N   . LEU A 1 90  ? -19.266 8.946   12.406  1.00 145.76 ? 183 LEU A N   1 
ATOM   684  C CA  . LEU A 1 90  ? -19.962 7.693   12.830  1.00 135.41 ? 183 LEU A CA  1 
ATOM   685  C C   . LEU A 1 90  ? -21.161 7.214   12.024  1.00 120.86 ? 183 LEU A C   1 
ATOM   686  O O   . LEU A 1 90  ? -21.066 6.150   11.428  1.00 109.07 ? 183 LEU A O   1 
ATOM   687  C CB  . LEU A 1 90  ? -20.256 7.668   14.345  1.00 147.47 ? 183 LEU A CB  1 
ATOM   688  C CG  . LEU A 1 90  ? -19.754 6.429   15.159  1.00 144.74 ? 183 LEU A CG  1 
ATOM   689  C CD1 . LEU A 1 90  ? -20.821 5.350   15.224  1.00 148.64 ? 183 LEU A CD1 1 
ATOM   690  C CD2 . LEU A 1 90  ? -18.422 5.817   14.708  1.00 122.66 ? 183 LEU A CD2 1 
ATOM   691  N N   . HIS A 1 91  ? -22.286 7.930   12.001  1.00 127.54 ? 184 HIS A N   1 
ATOM   692  C CA  . HIS A 1 91  ? -23.343 7.534   11.050  1.00 141.51 ? 184 HIS A CA  1 
ATOM   693  C C   . HIS A 1 91  ? -22.719 7.520   9.650   1.00 152.80 ? 184 HIS A C   1 
ATOM   694  O O   . HIS A 1 91  ? -22.654 6.470   9.001   1.00 155.39 ? 184 HIS A O   1 
ATOM   695  C CB  . HIS A 1 91  ? -24.589 8.450   11.071  1.00 140.06 ? 184 HIS A CB  1 
ATOM   696  C CG  . HIS A 1 91  ? -25.459 8.337   9.838   1.00 146.03 ? 184 HIS A CG  1 
ATOM   697  N ND1 . HIS A 1 91  ? -26.332 7.287   9.620   1.00 151.72 ? 184 HIS A ND1 1 
ATOM   698  C CD2 . HIS A 1 91  ? -25.584 9.151   8.759   1.00 136.76 ? 184 HIS A CD2 1 
ATOM   699  C CE1 . HIS A 1 91  ? -26.955 7.456   8.464   1.00 134.84 ? 184 HIS A CE1 1 
ATOM   700  N NE2 . HIS A 1 91  ? -26.516 8.577   7.920   1.00 134.29 ? 184 HIS A NE2 1 
ATOM   701  N N   . SER A 1 92  ? -22.224 8.680   9.220   1.00 152.03 ? 185 SER A N   1 
ATOM   702  C CA  . SER A 1 92  ? -21.737 8.880   7.846   1.00 146.88 ? 185 SER A CA  1 
ATOM   703  C C   . SER A 1 92  ? -20.551 7.977   7.470   1.00 134.78 ? 185 SER A C   1 
ATOM   704  O O   . SER A 1 92  ? -20.419 7.556   6.317   1.00 125.19 ? 185 SER A O   1 
ATOM   705  C CB  . SER A 1 92  ? -21.388 10.351  7.631   1.00 146.93 ? 185 SER A CB  1 
ATOM   706  O OG  . SER A 1 92  ? -20.583 10.820  8.686   1.00 141.44 ? 185 SER A OG  1 
ATOM   707  N N   . ILE A 1 93  ? -19.708 7.666   8.448   1.00 126.28 ? 186 ILE A N   1 
ATOM   708  C CA  . ILE A 1 93  ? -18.720 6.591   8.311   1.00 124.98 ? 186 ILE A CA  1 
ATOM   709  C C   . ILE A 1 93  ? -19.354 5.241   7.848   1.00 124.59 ? 186 ILE A C   1 
ATOM   710  O O   . ILE A 1 93  ? -18.660 4.379   7.295   1.00 134.68 ? 186 ILE A O   1 
ATOM   711  C CB  . ILE A 1 93  ? -17.907 6.447   9.630   1.00 122.02 ? 186 ILE A CB  1 
ATOM   712  C CG1 . ILE A 1 93  ? -16.905 7.603   9.751   1.00 124.52 ? 186 ILE A CG1 1 
ATOM   713  C CG2 . ILE A 1 93  ? -17.176 5.121   9.703   1.00 118.19 ? 186 ILE A CG2 1 
ATOM   714  C CD1 . ILE A 1 93  ? -16.007 7.544   10.970  1.00 128.74 ? 186 ILE A CD1 1 
ATOM   715  N N   . ALA A 1 94  ? -20.657 5.048   8.052   1.00 105.72 ? 187 ALA A N   1 
ATOM   716  C CA  . ALA A 1 94  ? -21.338 3.879   7.483   1.00 111.05 ? 187 ALA A CA  1 
ATOM   717  C C   . ALA A 1 94  ? -21.907 4.147   6.067   1.00 110.53 ? 187 ALA A C   1 
ATOM   718  O O   . ALA A 1 94  ? -22.105 3.209   5.276   1.00 101.01 ? 187 ALA A O   1 
ATOM   719  C CB  . ALA A 1 94  ? -22.427 3.393   8.433   1.00 112.63 ? 187 ALA A CB  1 
ATOM   720  N N   . SER A 1 95  ? -22.159 5.426   5.765   1.00 112.80 ? 188 SER A N   1 
ATOM   721  C CA  . SER A 1 95  ? -22.678 5.866   4.453   1.00 122.67 ? 188 SER A CA  1 
ATOM   722  C C   . SER A 1 95  ? -21.623 5.940   3.342   1.00 112.45 ? 188 SER A C   1 
ATOM   723  O O   . SER A 1 95  ? -21.954 6.194   2.181   1.00 106.30 ? 188 SER A O   1 
ATOM   724  C CB  . SER A 1 95  ? -23.328 7.257   4.562   1.00 132.97 ? 188 SER A CB  1 
ATOM   725  O OG  . SER A 1 95  ? -24.388 7.272   5.490   1.00 152.10 ? 188 SER A OG  1 
ATOM   726  N N   . LEU A 1 96  ? -20.356 5.762   3.688   1.00 102.25 ? 189 LEU A N   1 
ATOM   727  C CA  . LEU A 1 96  ? -19.331 5.600   2.677   1.00 92.14  ? 189 LEU A CA  1 
ATOM   728  C C   . LEU A 1 96  ? -19.767 4.555   1.672   1.00 94.94  ? 189 LEU A C   1 
ATOM   729  O O   . LEU A 1 96  ? -19.540 4.722   0.484   1.00 119.15 ? 189 LEU A O   1 
ATOM   730  C CB  . LEU A 1 96  ? -18.028 5.132   3.291   1.00 87.41  ? 189 LEU A CB  1 
ATOM   731  C CG  . LEU A 1 96  ? -17.324 6.015   4.316   1.00 97.15  ? 189 LEU A CG  1 
ATOM   732  C CD1 . LEU A 1 96  ? -16.055 5.314   4.768   1.00 100.52 ? 189 LEU A CD1 1 
ATOM   733  C CD2 . LEU A 1 96  ? -16.959 7.399   3.814   1.00 99.39  ? 189 LEU A CD2 1 
ATOM   734  N N   . ALA A 1 97  ? -20.403 3.486   2.140   1.00 90.92  ? 190 ALA A N   1 
ATOM   735  C CA  . ALA A 1 97  ? -20.916 2.446   1.244   1.00 99.44  ? 190 ALA A CA  1 
ATOM   736  C C   . ALA A 1 97  ? -21.991 2.931   0.239   1.00 100.46 ? 190 ALA A C   1 
ATOM   737  O O   . ALA A 1 97  ? -22.453 2.134   -0.588  1.00 106.12 ? 190 ALA A O   1 
ATOM   738  C CB  . ALA A 1 97  ? -21.436 1.264   2.051   1.00 105.40 ? 190 ALA A CB  1 
ATOM   739  N N   . ASN A 1 98  ? -22.372 4.210   0.319   1.00 97.13  ? 191 ASN A N   1 
ATOM   740  C CA  . ASN A 1 98  ? -23.331 4.842   -0.599  1.00 107.30 ? 191 ASN A CA  1 
ATOM   741  C C   . ASN A 1 98  ? -22.702 5.884   -1.486  1.00 107.52 ? 191 ASN A C   1 
ATOM   742  O O   . ASN A 1 98  ? -23.234 6.200   -2.546  1.00 114.88 ? 191 ASN A O   1 
ATOM   743  C CB  . ASN A 1 98  ? -24.402 5.603   0.172   1.00 112.02 ? 191 ASN A CB  1 
ATOM   744  C CG  . ASN A 1 98  ? -25.025 4.786   1.257   1.00 117.41 ? 191 ASN A CG  1 
ATOM   745  O OD1 . ASN A 1 98  ? -25.239 5.284   2.378   1.00 111.85 ? 191 ASN A OD1 1 
ATOM   746  N ND2 . ASN A 1 98  ? -25.323 3.515   0.943   1.00 107.72 ? 191 ASN A ND2 1 
ATOM   747  N N   . TYR A 1 99  ? -21.618 6.476   -1.010  1.00 101.94 ? 192 TYR A N   1 
ATOM   748  C CA  . TYR A 1 99  ? -20.937 7.508   -1.750  1.00 92.15  ? 192 TYR A CA  1 
ATOM   749  C C   . TYR A 1 99  ? -19.907 6.958   -2.704  1.00 106.79 ? 192 TYR A C   1 
ATOM   750  O O   . TYR A 1 99  ? -19.479 5.790   -2.628  1.00 108.28 ? 192 TYR A O   1 
ATOM   751  C CB  . TYR A 1 99  ? -20.326 8.491   -0.804  1.00 92.26  ? 192 TYR A CB  1 
ATOM   752  C CG  . TYR A 1 99  ? -21.397 9.415   -0.294  1.00 108.29 ? 192 TYR A CG  1 
ATOM   753  C CD1 . TYR A 1 99  ? -21.405 10.746  -0.672  1.00 106.48 ? 192 TYR A CD1 1 
ATOM   754  C CD2 . TYR A 1 99  ? -22.433 8.953   0.519   1.00 102.62 ? 192 TYR A CD2 1 
ATOM   755  C CE1 . TYR A 1 99  ? -22.373 11.610  -0.233  1.00 106.93 ? 192 TYR A CE1 1 
ATOM   756  C CE2 . TYR A 1 99  ? -23.410 9.821   0.966   1.00 113.10 ? 192 TYR A CE2 1 
ATOM   757  C CZ  . TYR A 1 99  ? -23.369 11.152  0.572   1.00 112.76 ? 192 TYR A CZ  1 
ATOM   758  O OH  . TYR A 1 99  ? -24.305 12.075  0.957   1.00 113.36 ? 192 TYR A OH  1 
ATOM   759  N N   . ARG A 1 100 ? -19.540 7.806   -3.647  1.00 109.06 ? 193 ARG A N   1 
ATOM   760  C CA  . ARG A 1 100 ? -18.707 7.349   -4.703  1.00 98.73  ? 193 ARG A CA  1 
ATOM   761  C C   . ARG A 1 100 ? -17.359 7.258   -4.070  1.00 97.19  ? 193 ARG A C   1 
ATOM   762  O O   . ARG A 1 100 ? -16.946 8.172   -3.321  1.00 81.02  ? 193 ARG A O   1 
ATOM   763  C CB  . ARG A 1 100 ? -18.699 8.339   -5.833  1.00 104.21 ? 193 ARG A CB  1 
ATOM   764  C CG  . ARG A 1 100 ? -17.518 8.196   -6.756  1.00 106.99 ? 193 ARG A CG  1 
ATOM   765  C CD  . ARG A 1 100 ? -17.718 9.048   -7.977  1.00 101.28 ? 193 ARG A CD  1 
ATOM   766  N NE  . ARG A 1 100 ? -18.682 8.398   -8.851  1.00 103.96 ? 193 ARG A NE  1 
ATOM   767  C CZ  . ARG A 1 100 ? -19.857 8.905   -9.214  1.00 97.75  ? 193 ARG A CZ  1 
ATOM   768  N NH1 . ARG A 1 100 ? -20.236 10.111  -8.780  1.00 87.50  ? 193 ARG A NH1 1 
ATOM   769  N NH2 . ARG A 1 100 ? -20.652 8.192   -10.029 1.00 96.56  ? 193 ARG A NH2 1 
ATOM   770  N N   . GLN A 1 101 ? -16.703 6.138   -4.355  1.00 94.25  ? 194 GLN A N   1 
ATOM   771  C CA  . GLN A 1 101 ? -15.352 5.881   -3.879  1.00 95.25  ? 194 GLN A CA  1 
ATOM   772  C C   . GLN A 1 101 ? -14.427 5.812   -5.050  1.00 89.92  ? 194 GLN A C   1 
ATOM   773  O O   . GLN A 1 101 ? -14.735 5.111   -6.011  1.00 80.42  ? 194 GLN A O   1 
ATOM   774  C CB  . GLN A 1 101 ? -15.260 4.524   -3.166  1.00 95.17  ? 194 GLN A CB  1 
ATOM   775  C CG  . GLN A 1 101 ? -13.863 4.222   -2.646  1.00 79.27  ? 194 GLN A CG  1 
ATOM   776  C CD  . GLN A 1 101 ? -13.690 2.869   -1.979  1.00 75.23  ? 194 GLN A CD  1 
ATOM   777  O OE1 . GLN A 1 101 ? -14.544 1.971   -2.023  1.00 77.60  ? 194 GLN A OE1 1 
ATOM   778  N NE2 . GLN A 1 101 ? -12.553 2.724   -1.339  1.00 80.08  ? 194 GLN A NE2 1 
ATOM   779  N N   . ILE A 1 102 ? -13.270 6.471   -4.926  1.00 88.91  ? 195 ILE A N   1 
ATOM   780  C CA  . ILE A 1 102 ? -12.200 6.378   -5.918  1.00 82.01  ? 195 ILE A CA  1 
ATOM   781  C C   . ILE A 1 102 ? -11.227 5.258   -5.537  1.00 79.50  ? 195 ILE A C   1 
ATOM   782  O O   . ILE A 1 102 ? -10.422 5.401   -4.612  1.00 89.03  ? 195 ILE A O   1 
ATOM   783  C CB  . ILE A 1 102 ? -11.431 7.692   -6.032  1.00 87.20  ? 195 ILE A CB  1 
ATOM   784  C CG1 . ILE A 1 102 ? -12.375 8.894   -5.985  1.00 96.13  ? 195 ILE A CG1 1 
ATOM   785  C CG2 . ILE A 1 102 ? -10.650 7.717   -7.326  1.00 90.73  ? 195 ILE A CG2 1 
ATOM   786  C CD1 . ILE A 1 102 ? -13.387 8.902   -7.112  1.00 99.20  ? 195 ILE A CD1 1 
ATOM   787  N N   . SER A 1 103 ? -11.330 4.128   -6.228  1.00 79.40  ? 196 SER A N   1 
ATOM   788  C CA  . SER A 1 103 ? -10.518 2.948   -5.920  1.00 86.88  ? 196 SER A CA  1 
ATOM   789  C C   . SER A 1 103 ? -9.420  2.682   -6.944  1.00 89.54  ? 196 SER A C   1 
ATOM   790  O O   . SER A 1 103 ? -9.476  3.089   -8.107  1.00 91.16  ? 196 SER A O   1 
ATOM   791  C CB  . SER A 1 103 ? -11.380 1.682   -5.799  1.00 90.88  ? 196 SER A CB  1 
ATOM   792  O OG  . SER A 1 103 ? -12.293 1.761   -4.720  1.00 94.18  ? 196 SER A OG  1 
ATOM   793  N N   . LEU A 1 104 ? -8.418  1.968   -6.469  1.00 92.39  ? 197 LEU A N   1 
ATOM   794  C CA  . LEU A 1 104 ? -7.274  1.604   -7.256  1.00 88.29  ? 197 LEU A CA  1 
ATOM   795  C C   . LEU A 1 104 ? -7.757  0.446   -8.088  1.00 92.25  ? 197 LEU A C   1 
ATOM   796  O O   . LEU A 1 104 ? -8.232  -0.568  -7.545  1.00 86.43  ? 197 LEU A O   1 
ATOM   797  C CB  . LEU A 1 104 ? -6.147  1.130   -6.326  1.00 98.68  ? 197 LEU A CB  1 
ATOM   798  C CG  . LEU A 1 104 ? -4.752  1.770   -6.322  1.00 100.73 ? 197 LEU A CG  1 
ATOM   799  C CD1 . LEU A 1 104 ? -4.786  3.269   -6.597  1.00 92.74  ? 197 LEU A CD1 1 
ATOM   800  C CD2 . LEU A 1 104 ? -4.109  1.494   -4.961  1.00 94.00  ? 197 LEU A CD2 1 
ATOM   801  N N   . GLY A 1 105 ? -7.658  0.590   -9.403  1.00 86.02  ? 198 GLY A N   1 
ATOM   802  C CA  . GLY A 1 105 ? -8.018  -0.501  -10.300 1.00 79.64  ? 198 GLY A CA  1 
ATOM   803  C C   . GLY A 1 105 ? -6.860  -1.457  -10.418 1.00 77.00  ? 198 GLY A C   1 
ATOM   804  O O   . GLY A 1 105 ? -5.693  -1.090  -10.201 1.00 88.17  ? 198 GLY A O   1 
ATOM   805  N N   . SER A 1 106 ? -7.189  -2.683  -10.779 1.00 73.86  ? 199 SER A N   1 
ATOM   806  C CA  . SER A 1 106 ? -6.218  -3.700  -11.067 1.00 81.65  ? 199 SER A CA  1 
ATOM   807  C C   . SER A 1 106 ? -6.294  -4.132  -12.542 1.00 88.48  ? 199 SER A C   1 
ATOM   808  O O   . SER A 1 106 ? -7.379  -4.241  -13.104 1.00 105.63 ? 199 SER A O   1 
ATOM   809  C CB  . SER A 1 106 ? -6.486  -4.901  -10.161 1.00 83.45  ? 199 SER A CB  1 
ATOM   810  O OG  . SER A 1 106 ? -7.621  -5.641  -10.593 1.00 83.15  ? 199 SER A OG  1 
ATOM   811  N N   . ARG A 1 107 ? -5.133  -4.365  -13.149 1.00 93.93  ? 200 ARG A N   1 
ATOM   812  C CA  . ARG A 1 107 ? -5.005  -5.129  -14.403 1.00 101.26 ? 200 ARG A CA  1 
ATOM   813  C C   . ARG A 1 107 ? -5.984  -6.320  -14.508 1.00 99.85  ? 200 ARG A C   1 
ATOM   814  O O   . ARG A 1 107 ? -6.832  -6.375  -15.388 1.00 102.90 ? 200 ARG A O   1 
ATOM   815  C CB  . ARG A 1 107 ? -3.570  -5.668  -14.524 1.00 112.59 ? 200 ARG A CB  1 
ATOM   816  C CG  . ARG A 1 107 ? -2.932  -5.479  -15.873 1.00 121.60 ? 200 ARG A CG  1 
ATOM   817  C CD  . ARG A 1 107 ? -2.299  -4.108  -15.956 1.00 128.74 ? 200 ARG A CD  1 
ATOM   818  N NE  . ARG A 1 107 ? -0.941  -4.119  -15.426 1.00 131.65 ? 200 ARG A NE  1 
ATOM   819  C CZ  . ARG A 1 107 ? -0.086  -3.104  -15.537 1.00 128.57 ? 200 ARG A CZ  1 
ATOM   820  N NH1 . ARG A 1 107 ? -0.445  -1.980  -16.153 1.00 111.29 ? 200 ARG A NH1 1 
ATOM   821  N NH2 . ARG A 1 107 ? 1.137   -3.214  -15.029 1.00 128.98 ? 200 ARG A NH2 1 
ATOM   822  N N   . SER A 1 108 ? -5.876  -7.276  -13.602 1.00 103.00 ? 201 SER A N   1 
ATOM   823  C CA  . SER A 1 108 ? -6.720  -8.453  -13.675 1.00 103.12 ? 201 SER A CA  1 
ATOM   824  C C   . SER A 1 108 ? -8.206  -8.147  -13.398 1.00 108.25 ? 201 SER A C   1 
ATOM   825  O O   . SER A 1 108 ? -9.024  -9.058  -13.459 1.00 119.00 ? 201 SER A O   1 
ATOM   826  C CB  . SER A 1 108 ? -6.189  -9.572  -12.738 1.00 103.33 ? 201 SER A CB  1 
ATOM   827  O OG  . SER A 1 108 ? -6.101  -9.179  -11.370 1.00 95.52  ? 201 SER A OG  1 
ATOM   828  N N   . GLY A 1 109 ? -8.566  -6.894  -13.092 1.00 108.76 ? 202 GLY A N   1 
ATOM   829  C CA  . GLY A 1 109 ? -9.948  -6.552  -12.677 1.00 110.78 ? 202 GLY A CA  1 
ATOM   830  C C   . GLY A 1 109 ? -10.402 -7.157  -11.338 1.00 116.76 ? 202 GLY A C   1 
ATOM   831  O O   . GLY A 1 109 ? -11.390 -6.700  -10.735 1.00 111.33 ? 202 GLY A O   1 
ATOM   832  N N   . GLN A 1 110 ? -9.682  -8.194  -10.890 1.00 114.72 ? 203 GLN A N   1 
ATOM   833  C CA  . GLN A 1 110 ? -9.848  -8.832  -9.577  1.00 118.42 ? 203 GLN A CA  1 
ATOM   834  C C   . GLN A 1 110 ? -9.279  -8.033  -8.403  1.00 108.70 ? 203 GLN A C   1 
ATOM   835  O O   . GLN A 1 110 ? -8.272  -7.344  -8.571  1.00 110.02 ? 203 GLN A O   1 
ATOM   836  C CB  . GLN A 1 110 ? -9.126  -10.193 -9.591  1.00 129.36 ? 203 GLN A CB  1 
ATOM   837  C CG  . GLN A 1 110 ? -9.879  -11.291 -10.312 1.00 134.73 ? 203 GLN A CG  1 
ATOM   838  C CD  . GLN A 1 110 ? -11.301 -11.430 -9.787  1.00 136.46 ? 203 GLN A CD  1 
ATOM   839  O OE1 . GLN A 1 110 ? -12.200 -10.675 -10.178 1.00 122.19 ? 203 GLN A OE1 1 
ATOM   840  N NE2 . GLN A 1 110 ? -11.510 -12.383 -8.886  1.00 136.06 ? 203 GLN A NE2 1 
ATOM   841  N N   . HIS A 1 111 ? -9.902  -8.156  -7.221  1.00 98.25  ? 204 HIS A N   1 
ATOM   842  C CA  . HIS A 1 111 ? -9.363  -7.569  -5.967  1.00 87.68  ? 204 HIS A CA  1 
ATOM   843  C C   . HIS A 1 111 ? -9.397  -8.482  -4.776  1.00 86.45  ? 204 HIS A C   1 
ATOM   844  O O   . HIS A 1 111 ? -10.286 -9.316  -4.654  1.00 86.59  ? 204 HIS A O   1 
ATOM   845  C CB  . HIS A 1 111 ? -10.148 -6.350  -5.558  1.00 84.69  ? 204 HIS A CB  1 
ATOM   846  C CG  . HIS A 1 111 ? -10.031 -5.224  -6.523  1.00 94.88  ? 204 HIS A CG  1 
ATOM   847  N ND1 . HIS A 1 111 ? -9.348  -4.065  -6.223  1.00 96.60  ? 204 HIS A ND1 1 
ATOM   848  C CD2 . HIS A 1 111 ? -10.509 -5.072  -7.780  1.00 96.98  ? 204 HIS A CD2 1 
ATOM   849  C CE1 . HIS A 1 111 ? -9.409  -3.244  -7.254  1.00 96.86  ? 204 HIS A CE1 1 
ATOM   850  N NE2 . HIS A 1 111 ? -10.108 -3.831  -8.213  1.00 107.32 ? 204 HIS A NE2 1 
ATOM   851  N N   . SER A 1 112 ? -8.452  -8.289  -3.857  1.00 94.41  ? 205 SER A N   1 
ATOM   852  C CA  . SER A 1 112 ? -8.499  -9.015  -2.581  1.00 84.26  ? 205 SER A CA  1 
ATOM   853  C C   . SER A 1 112 ? -9.554  -8.368  -1.708  1.00 85.06  ? 205 SER A C   1 
ATOM   854  O O   . SER A 1 112 ? -10.005 -7.240  -1.977  1.00 77.87  ? 205 SER A O   1 
ATOM   855  C CB  . SER A 1 112 ? -7.179  -8.964  -1.827  1.00 79.45  ? 205 SER A CB  1 
ATOM   856  O OG  . SER A 1 112 ? -7.081  -7.734  -1.120  1.00 82.95  ? 205 SER A OG  1 
ATOM   857  N N   . ASN A 1 113 ? -9.909  -9.090  -0.650  1.00 82.16  ? 206 ASN A N   1 
ATOM   858  C CA  . ASN A 1 113 ? -10.850 -8.604  0.348   1.00 80.61  ? 206 ASN A CA  1 
ATOM   859  C C   . ASN A 1 113 ? -10.414 -7.286  0.863   1.00 75.32  ? 206 ASN A C   1 
ATOM   860  O O   . ASN A 1 113 ? -11.211 -6.368  1.049   1.00 88.95  ? 206 ASN A O   1 
ATOM   861  C CB  . ASN A 1 113 ? -10.898 -9.551  1.534   1.00 94.95  ? 206 ASN A CB  1 
ATOM   862  C CG  . ASN A 1 113 ? -11.930 -10.645 1.378   1.00 98.28  ? 206 ASN A CG  1 
ATOM   863  O OD1 . ASN A 1 113 ? -12.597 -10.758 0.357   1.00 115.21 ? 206 ASN A OD1 1 
ATOM   864  N ND2 . ASN A 1 113 ? -12.064 -11.463 2.409   1.00 103.09 ? 206 ASN A ND2 1 
ATOM   865  N N   . LEU A 1 114 ? -9.116  -7.219  1.089   1.00 80.16  ? 207 LEU A N   1 
ATOM   866  C CA  . LEU A 1 114 ? -8.469  -6.066  1.655   1.00 75.04  ? 207 LEU A CA  1 
ATOM   867  C C   . LEU A 1 114 ? -8.611  -4.867  0.750   1.00 74.77  ? 207 LEU A C   1 
ATOM   868  O O   . LEU A 1 114 ? -8.951  -3.794  1.238   1.00 80.89  ? 207 LEU A O   1 
ATOM   869  C CB  . LEU A 1 114 ? -6.996  -6.406  1.930   1.00 78.48  ? 207 LEU A CB  1 
ATOM   870  C CG  . LEU A 1 114 ? -6.035  -5.542  2.757   1.00 75.21  ? 207 LEU A CG  1 
ATOM   871  C CD1 . LEU A 1 114 ? -5.304  -4.588  1.849   1.00 88.78  ? 207 LEU A CD1 1 
ATOM   872  C CD2 . LEU A 1 114 ? -6.693  -4.752  3.871   1.00 82.75  ? 207 LEU A CD2 1 
ATOM   873  N N   . LEU A 1 115 ? -8.405  -5.029  -0.557  1.00 80.72  ? 208 LEU A N   1 
ATOM   874  C CA  . LEU A 1 115 ? -8.420  -3.849  -1.460  1.00 82.40  ? 208 LEU A CA  1 
ATOM   875  C C   . LEU A 1 115 ? -9.693  -3.629  -2.246  1.00 75.47  ? 208 LEU A C   1 
ATOM   876  O O   . LEU A 1 115 ? -9.901  -2.552  -2.793  1.00 100.56 ? 208 LEU A O   1 
ATOM   877  C CB  . LEU A 1 115 ? -7.220  -3.881  -2.418  1.00 83.86  ? 208 LEU A CB  1 
ATOM   878  C CG  . LEU A 1 115 ? -5.886  -4.038  -1.673  1.00 90.55  ? 208 LEU A CG  1 
ATOM   879  C CD1 . LEU A 1 115 ? -4.762  -4.460  -2.591  1.00 98.51  ? 208 LEU A CD1 1 
ATOM   880  C CD2 . LEU A 1 115 ? -5.509  -2.739  -0.977  1.00 91.77  ? 208 LEU A CD2 1 
ATOM   881  N N   . ARG A 1 116 ? -10.545 -4.636  -2.330  1.00 81.29  ? 209 ARG A N   1 
ATOM   882  C CA  . ARG A 1 116 ? -11.835 -4.445  -2.971  1.00 83.69  ? 209 ARG A CA  1 
ATOM   883  C C   . ARG A 1 116 ? -12.567 -3.205  -2.442  1.00 79.35  ? 209 ARG A C   1 
ATOM   884  O O   . ARG A 1 116 ? -12.556 -2.909  -1.254  1.00 80.15  ? 209 ARG A O   1 
ATOM   885  C CB  . ARG A 1 116 ? -12.719 -5.673  -2.805  1.00 92.30  ? 209 ARG A CB  1 
ATOM   886  C CG  . ARG A 1 116 ? -13.972 -5.620  -3.683  1.00 112.88 ? 209 ARG A CG  1 
ATOM   887  C CD  . ARG A 1 116 ? -14.756 -6.931  -3.773  1.00 117.18 ? 209 ARG A CD  1 
ATOM   888  N NE  . ARG A 1 116 ? -13.925 -8.098  -3.498  1.00 111.47 ? 209 ARG A NE  1 
ATOM   889  C CZ  . ARG A 1 116 ? -13.701 -8.605  -2.283  1.00 114.74 ? 209 ARG A CZ  1 
ATOM   890  N NH1 . ARG A 1 116 ? -14.247 -8.062  -1.178  1.00 119.92 ? 209 ARG A NH1 1 
ATOM   891  N NH2 . ARG A 1 116 ? -12.910 -9.669  -2.174  1.00 101.14 ? 209 ARG A NH2 1 
ATOM   892  N N   . PRO A 1 117 ? -13.189 -2.454  -3.338  1.00 86.66  ? 210 PRO A N   1 
ATOM   893  C CA  . PRO A 1 117 ? -13.906 -1.257  -2.910  1.00 88.60  ? 210 PRO A CA  1 
ATOM   894  C C   . PRO A 1 117 ? -15.052 -1.562  -1.954  1.00 83.84  ? 210 PRO A C   1 
ATOM   895  O O   . PRO A 1 117 ? -15.672 -2.624  -2.027  1.00 77.18  ? 210 PRO A O   1 
ATOM   896  C CB  . PRO A 1 117 ? -14.467 -0.712  -4.218  1.00 92.62  ? 210 PRO A CB  1 
ATOM   897  C CG  . PRO A 1 117 ? -14.463 -1.900  -5.159  1.00 96.32  ? 210 PRO A CG  1 
ATOM   898  C CD  . PRO A 1 117 ? -13.205 -2.599  -4.800  1.00 93.67  ? 210 PRO A CD  1 
ATOM   899  N N   . VAL A 1 118 ? -15.339 -0.624  -1.069  1.00 79.27  ? 211 VAL A N   1 
ATOM   900  C CA  . VAL A 1 118 ? -16.373 -0.857  -0.083  1.00 82.46  ? 211 VAL A CA  1 
ATOM   901  C C   . VAL A 1 118 ? -17.757 -0.482  -0.579  1.00 88.82  ? 211 VAL A C   1 
ATOM   902  O O   . VAL A 1 118 ? -18.736 -1.133  -0.201  1.00 90.69  ? 211 VAL A O   1 
ATOM   903  C CB  . VAL A 1 118 ? -16.114 -0.083  1.194   1.00 76.06  ? 211 VAL A CB  1 
ATOM   904  C CG1 . VAL A 1 118 ? -14.769 -0.455  1.741   1.00 79.90  ? 211 VAL A CG1 1 
ATOM   905  C CG2 . VAL A 1 118 ? -16.181 1.401   0.949   1.00 82.25  ? 211 VAL A CG2 1 
ATOM   906  N N   . SER A 1 119 ? -17.837 0.552   -1.421  1.00 96.06  ? 212 SER A N   1 
ATOM   907  C CA  . SER A 1 119 ? -19.122 1.042   -1.919  1.00 95.47  ? 212 SER A CA  1 
ATOM   908  C C   . SER A 1 119 ? -19.403 0.708   -3.364  1.00 91.64  ? 212 SER A C   1 
ATOM   909  O O   . SER A 1 119 ? -18.802 -0.182  -3.962  1.00 97.41  ? 212 SER A O   1 
ATOM   910  C CB  . SER A 1 119 ? -19.211 2.562   -1.728  1.00 97.52  ? 212 SER A CB  1 
ATOM   911  O OG  . SER A 1 119 ? -18.554 3.280   -2.732  1.00 99.01  ? 212 SER A OG  1 
ATOM   912  N N   . ASP A 1 120 ? -20.412 1.393   -3.871  1.00 110.25 ? 213 ASP A N   1 
ATOM   913  C CA  . ASP A 1 120 ? -20.537 1.757   -5.283  1.00 118.61 ? 213 ASP A CA  1 
ATOM   914  C C   . ASP A 1 120 ? -21.251 3.101   -5.236  1.00 133.14 ? 213 ASP A C   1 
ATOM   915  O O   . ASP A 1 120 ? -21.902 3.414   -4.242  1.00 167.14 ? 213 ASP A O   1 
ATOM   916  C CB  . ASP A 1 120 ? -21.348 0.738   -6.094  1.00 114.32 ? 213 ASP A CB  1 
ATOM   917  C CG  . ASP A 1 120 ? -22.046 -0.299  -5.207  1.00 122.94 ? 213 ASP A CG  1 
ATOM   918  O OD1 . ASP A 1 120 ? -22.480 0.031   -4.066  1.00 114.90 ? 213 ASP A OD1 1 
ATOM   919  O OD2 . ASP A 1 120 ? -22.137 -1.461  -5.653  1.00 120.81 ? 213 ASP A OD2 1 
ATOM   920  N N   . LYS A 1 121 ? -21.122 3.903   -6.278  1.00 131.88 ? 214 LYS A N   1 
ATOM   921  C CA  . LYS A 1 121 ? -20.337 3.508   -7.416  1.00 148.00 ? 214 LYS A CA  1 
ATOM   922  C C   . LYS A 1 121 ? -18.860 3.644   -7.010  1.00 132.86 ? 214 LYS A C   1 
ATOM   923  O O   . LYS A 1 121 ? -18.457 4.343   -6.036  1.00 93.62  ? 214 LYS A O   1 
ATOM   924  C CB  . LYS A 1 121 ? -20.697 4.332   -8.697  1.00 176.31 ? 214 LYS A CB  1 
ATOM   925  C CG  . LYS A 1 121 ? -20.916 3.527   -10.009 1.00 166.13 ? 214 LYS A CG  1 
ATOM   926  C CD  . LYS A 1 121 ? -22.379 3.469   -10.506 1.00 144.58 ? 214 LYS A CD  1 
ATOM   927  C CE  . LYS A 1 121 ? -22.768 4.696   -11.337 1.00 139.93 ? 214 LYS A CE  1 
ATOM   928  N NZ  . LYS A 1 121 ? -24.236 4.853   -11.595 1.00 127.23 ? 214 LYS A NZ  1 
ATOM   929  N N   . VAL A 1 122 ? -18.079 2.893   -7.765  1.00 123.06 ? 215 VAL A N   1 
ATOM   930  C CA  . VAL A 1 122 ? -16.651 2.971   -7.750  1.00 106.70 ? 215 VAL A CA  1 
ATOM   931  C C   . VAL A 1 122 ? -16.236 3.608   -9.071  1.00 98.27  ? 215 VAL A C   1 
ATOM   932  O O   . VAL A 1 122 ? -16.903 3.455   -10.097 1.00 106.64 ? 215 VAL A O   1 
ATOM   933  C CB  . VAL A 1 122 ? -16.042 1.556   -7.654  1.00 105.64 ? 215 VAL A CB  1 
ATOM   934  C CG1 . VAL A 1 122 ? -14.523 1.628   -7.578  1.00 108.14 ? 215 VAL A CG1 1 
ATOM   935  C CG2 . VAL A 1 122 ? -16.626 0.789   -6.463  1.00 100.58 ? 215 VAL A CG2 1 
ATOM   936  N N   . LEU A 1 123 ? -15.136 4.335   -9.033  1.00 92.90  ? 216 LEU A N   1 
ATOM   937  C CA  . LEU A 1 123 ? -14.509 4.838   -10.225 1.00 93.95  ? 216 LEU A CA  1 
ATOM   938  C C   . LEU A 1 123 ? -13.017 4.454   -10.165 1.00 91.41  ? 216 LEU A C   1 
ATOM   939  O O   . LEU A 1 123 ? -12.250 5.028   -9.394  1.00 98.79  ? 216 LEU A O   1 
ATOM   940  C CB  . LEU A 1 123 ? -14.742 6.346   -10.266 1.00 102.42 ? 216 LEU A CB  1 
ATOM   941  C CG  . LEU A 1 123 ? -14.643 7.141   -11.576 1.00 104.73 ? 216 LEU A CG  1 
ATOM   942  C CD1 . LEU A 1 123 ? -13.534 8.187   -11.446 1.00 101.74 ? 216 LEU A CD1 1 
ATOM   943  C CD2 . LEU A 1 123 ? -14.485 6.233   -12.805 1.00 105.98 ? 216 LEU A CD2 1 
ATOM   944  N N   . PHE A 1 124 ? -12.611 3.456   -10.944 1.00 85.89  ? 217 PHE A N   1 
ATOM   945  C CA  . PHE A 1 124 ? -11.232 2.977   -10.892 1.00 81.10  ? 217 PHE A CA  1 
ATOM   946  C C   . PHE A 1 124 ? -10.174 3.899   -11.506 1.00 80.94  ? 217 PHE A C   1 
ATOM   947  O O   . PHE A 1 124 ? -10.452 4.646   -12.448 1.00 77.16  ? 217 PHE A O   1 
ATOM   948  C CB  . PHE A 1 124 ? -11.138 1.635   -11.567 1.00 81.39  ? 217 PHE A CB  1 
ATOM   949  C CG  . PHE A 1 124 ? -11.862 0.551   -10.838 1.00 82.64  ? 217 PHE A CG  1 
ATOM   950  C CD1 . PHE A 1 124 ? -11.744 0.413   -9.480  1.00 86.30  ? 217 PHE A CD1 1 
ATOM   951  C CD2 . PHE A 1 124 ? -12.617 -0.361  -11.521 1.00 86.92  ? 217 PHE A CD2 1 
ATOM   952  C CE1 . PHE A 1 124 ? -12.393 -0.606  -8.817  1.00 86.48  ? 217 PHE A CE1 1 
ATOM   953  C CE2 . PHE A 1 124 ? -13.275 -1.374  -10.863 1.00 89.56  ? 217 PHE A CE2 1 
ATOM   954  C CZ  . PHE A 1 124 ? -13.165 -1.494  -9.509  1.00 79.98  ? 217 PHE A CZ  1 
ATOM   955  N N   . VAL A 1 125 ? -8.973  3.845   -10.927 1.00 79.61  ? 218 VAL A N   1 
ATOM   956  C CA  . VAL A 1 125 ? -7.799  4.546   -11.428 1.00 83.88  ? 218 VAL A CA  1 
ATOM   957  C C   . VAL A 1 125 ? -6.512  3.686   -11.369 1.00 92.62  ? 218 VAL A C   1 
ATOM   958  O O   . VAL A 1 125 ? -6.507  2.593   -10.806 1.00 91.85  ? 218 VAL A O   1 
ATOM   959  C CB  . VAL A 1 125 ? -7.563  5.877   -10.673 1.00 83.85  ? 218 VAL A CB  1 
ATOM   960  C CG1 . VAL A 1 125 ? -8.871  6.618   -10.472 1.00 74.53  ? 218 VAL A CG1 1 
ATOM   961  C CG2 . VAL A 1 125 ? -6.858  5.664   -9.343  1.00 86.33  ? 218 VAL A CG2 1 
ATOM   962  N N   . GLU A 1 126 ? -5.422  4.211   -11.934 1.00 101.20 ? 219 GLU A N   1 
ATOM   963  C CA  . GLU A 1 126 ? -4.156  3.482   -12.059 1.00 99.53  ? 219 GLU A CA  1 
ATOM   964  C C   . GLU A 1 126 ? -3.341  3.595   -10.795 1.00 90.79  ? 219 GLU A C   1 
ATOM   965  O O   . GLU A 1 126 ? -2.652  2.647   -10.422 1.00 94.51  ? 219 GLU A O   1 
ATOM   966  C CB  . GLU A 1 126 ? -3.306  4.046   -13.208 1.00 115.98 ? 219 GLU A CB  1 
ATOM   967  C CG  . GLU A 1 126 ? -2.440  3.017   -13.930 1.00 124.77 ? 219 GLU A CG  1 
ATOM   968  C CD  . GLU A 1 126 ? -3.213  2.254   -15.005 1.00 132.78 ? 219 GLU A CD  1 
ATOM   969  O OE1 . GLU A 1 126 ? -3.832  2.896   -15.896 1.00 116.19 ? 219 GLU A OE1 1 
ATOM   970  O OE2 . GLU A 1 126 ? -3.202  1.004   -14.968 1.00 139.26 ? 219 GLU A OE2 1 
ATOM   971  N N   . ASN A 1 127 ? -3.397  4.760   -10.156 1.00 81.00  ? 220 ASN A N   1 
ATOM   972  C CA  . ASN A 1 127 ? -2.518  5.049   -9.036  1.00 81.37  ? 220 ASN A CA  1 
ATOM   973  C C   . ASN A 1 127 ? -3.004  6.172   -8.105  1.00 81.94  ? 220 ASN A C   1 
ATOM   974  O O   . ASN A 1 127 ? -3.980  6.854   -8.382  1.00 85.40  ? 220 ASN A O   1 
ATOM   975  C CB  . ASN A 1 127 ? -1.224  5.489   -9.609  1.00 90.58  ? 220 ASN A CB  1 
ATOM   976  C CG  . ASN A 1 127 ? -1.343  6.862   -10.221 1.00 97.96  ? 220 ASN A CG  1 
ATOM   977  O OD1 . ASN A 1 127 ? -2.182  7.113   -11.087 1.00 82.99  ? 220 ASN A OD1 1 
ATOM   978  N ND2 . ASN A 1 127 ? -0.532  7.774   -9.729  1.00 106.57 ? 220 ASN A ND2 1 
ATOM   979  N N   . PHE A 1 128 ? -2.276  6.398   -7.019  1.00 81.03  ? 221 PHE A N   1 
ATOM   980  C CA  . PHE A 1 128 ? -2.757  7.299   -5.971  1.00 78.77  ? 221 PHE A CA  1 
ATOM   981  C C   . PHE A 1 128 ? -2.728  8.756   -6.361  1.00 81.35  ? 221 PHE A C   1 
ATOM   982  O O   . PHE A 1 128 ? -3.030  9.629   -5.532  1.00 88.01  ? 221 PHE A O   1 
ATOM   983  C CB  . PHE A 1 128 ? -1.939  7.157   -4.655  1.00 79.48  ? 221 PHE A CB  1 
ATOM   984  C CG  . PHE A 1 128 ? -2.098  5.828   -3.970  1.00 84.91  ? 221 PHE A CG  1 
ATOM   985  C CD1 . PHE A 1 128 ? -1.026  4.947   -3.881  1.00 89.05  ? 221 PHE A CD1 1 
ATOM   986  C CD2 . PHE A 1 128 ? -3.329  5.447   -3.444  1.00 86.21  ? 221 PHE A CD2 1 
ATOM   987  C CE1 . PHE A 1 128 ? -1.172  3.722   -3.274  1.00 83.04  ? 221 PHE A CE1 1 
ATOM   988  C CE2 . PHE A 1 128 ? -3.483  4.226   -2.848  1.00 81.25  ? 221 PHE A CE2 1 
ATOM   989  C CZ  . PHE A 1 128 ? -2.401  3.368   -2.759  1.00 82.58  ? 221 PHE A CZ  1 
ATOM   990  N N   . ASP A 1 129 ? -2.293  9.066   -7.572  1.00 87.55  ? 222 ASP A N   1 
ATOM   991  C CA  . ASP A 1 129 ? -2.150  10.481  -7.902  1.00 92.64  ? 222 ASP A CA  1 
ATOM   992  C C   . ASP A 1 129 ? -3.408  10.820  -8.568  1.00 80.93  ? 222 ASP A C   1 
ATOM   993  O O   . ASP A 1 129 ? -4.103  11.745  -8.161  1.00 69.53  ? 222 ASP A O   1 
ATOM   994  C CB  . ASP A 1 129 ? -0.969  10.757  -8.808  1.00 97.51  ? 222 ASP A CB  1 
ATOM   995  C CG  . ASP A 1 129 ? 0.329   10.690  -8.070  1.00 101.12 ? 222 ASP A CG  1 
ATOM   996  O OD1 . ASP A 1 129 ? 1.235   9.936   -8.478  1.00 102.27 ? 222 ASP A OD1 1 
ATOM   997  O OD2 . ASP A 1 129 ? 0.421   11.398  -7.050  1.00 116.28 ? 222 ASP A OD2 1 
ATOM   998  N N   . ASP A 1 130 ? -3.728  10.022  -9.576  1.00 82.18  ? 223 ASP A N   1 
ATOM   999  C CA  . ASP A 1 130 ? -5.046  10.115  -10.143 1.00 91.92  ? 223 ASP A CA  1 
ATOM   1000 C C   . ASP A 1 130 ? -6.095  10.102  -8.996  1.00 87.62  ? 223 ASP A C   1 
ATOM   1001 O O   . ASP A 1 130 ? -6.903  11.014  -8.907  1.00 88.68  ? 223 ASP A O   1 
ATOM   1002 C CB  . ASP A 1 130 ? -5.246  9.045   -11.221 1.00 97.41  ? 223 ASP A CB  1 
ATOM   1003 C CG  . ASP A 1 130 ? -4.429  9.334   -12.504 1.00 97.48  ? 223 ASP A CG  1 
ATOM   1004 O OD1 . ASP A 1 130 ? -4.208  8.399   -13.297 1.00 106.27 ? 223 ASP A OD1 1 
ATOM   1005 O OD2 . ASP A 1 130 ? -4.016  10.490  -12.733 1.00 94.11  ? 223 ASP A OD2 1 
ATOM   1006 N N   . MET A 1 131 ? -6.017  9.160   -8.062  1.00 88.34  ? 224 MET A N   1 
ATOM   1007 C CA  . MET A 1 131 ? -6.990  9.117   -6.981  1.00 89.59  ? 224 MET A CA  1 
ATOM   1008 C C   . MET A 1 131 ? -7.219  10.465  -6.277  1.00 87.56  ? 224 MET A C   1 
ATOM   1009 O O   . MET A 1 131 ? -8.373  10.869  -6.003  1.00 83.48  ? 224 MET A O   1 
ATOM   1010 C CB  . MET A 1 131 ? -6.574  8.103   -5.933  1.00 98.15  ? 224 MET A CB  1 
ATOM   1011 C CG  . MET A 1 131 ? -7.443  8.149   -4.674  1.00 94.61  ? 224 MET A CG  1 
ATOM   1012 S SD  . MET A 1 131 ? -7.033  6.876   -3.484  1.00 86.94  ? 224 MET A SD  1 
ATOM   1013 C CE  . MET A 1 131 ? -7.422  5.411   -4.474  1.00 82.90  ? 224 MET A CE  1 
ATOM   1014 N N   . LEU A 1 132 ? -6.138  11.153  -5.960  1.00 82.60  ? 225 LEU A N   1 
ATOM   1015 C CA  . LEU A 1 132 ? -6.278  12.374  -5.181  1.00 91.64  ? 225 LEU A CA  1 
ATOM   1016 C C   . LEU A 1 132 ? -6.727  13.573  -6.027  1.00 105.62 ? 225 LEU A C   1 
ATOM   1017 O O   . LEU A 1 132 ? -7.546  14.366  -5.555  1.00 115.79 ? 225 LEU A O   1 
ATOM   1018 C CB  . LEU A 1 132 ? -5.032  12.653  -4.344  1.00 86.57  ? 225 LEU A CB  1 
ATOM   1019 C CG  . LEU A 1 132 ? -4.697  11.476  -3.414  1.00 92.53  ? 225 LEU A CG  1 
ATOM   1020 C CD1 . LEU A 1 132 ? -3.576  11.825  -2.457  1.00 96.50  ? 225 LEU A CD1 1 
ATOM   1021 C CD2 . LEU A 1 132 ? -5.891  11.002  -2.610  1.00 97.10  ? 225 LEU A CD2 1 
ATOM   1022 N N   . ARG A 1 133 ? -6.250  13.699  -7.268  1.00 110.55 ? 226 ARG A N   1 
ATOM   1023 C CA  . ARG A 1 133 ? -6.815  14.710  -8.188  1.00 114.99 ? 226 ARG A CA  1 
ATOM   1024 C C   . ARG A 1 133 ? -8.344  14.701  -8.032  1.00 110.95 ? 226 ARG A C   1 
ATOM   1025 O O   . ARG A 1 133 ? -8.982  15.716  -7.720  1.00 109.71 ? 226 ARG A O   1 
ATOM   1026 C CB  . ARG A 1 133 ? -6.450  14.385  -9.644  1.00 123.44 ? 226 ARG A CB  1 
ATOM   1027 C CG  . ARG A 1 133 ? -6.628  15.523  -10.670 1.00 140.01 ? 226 ARG A CG  1 
ATOM   1028 C CD  . ARG A 1 133 ? -5.709  15.317  -11.870 1.00 141.84 ? 226 ARG A CD  1 
ATOM   1029 N NE  . ARG A 1 133 ? -4.437  14.770  -11.385 1.00 141.68 ? 226 ARG A NE  1 
ATOM   1030 C CZ  . ARG A 1 133 ? -3.592  14.015  -12.083 1.00 139.13 ? 226 ARG A CZ  1 
ATOM   1031 N NH1 . ARG A 1 133 ? -3.817  13.729  -13.367 1.00 145.60 ? 226 ARG A NH1 1 
ATOM   1032 N NH2 . ARG A 1 133 ? -2.487  13.564  -11.482 1.00 124.28 ? 226 ARG A NH2 1 
ATOM   1033 N N   . LEU A 1 134 ? -8.897  13.517  -8.212  1.00 89.87  ? 227 LEU A N   1 
ATOM   1034 C CA  . LEU A 1 134 ? -10.298 13.306  -8.100  1.00 87.98  ? 227 LEU A CA  1 
ATOM   1035 C C   . LEU A 1 134 ? -10.947 13.571  -6.759  1.00 98.40  ? 227 LEU A C   1 
ATOM   1036 O O   . LEU A 1 134 ? -12.015 14.163  -6.739  1.00 114.01 ? 227 LEU A O   1 
ATOM   1037 C CB  . LEU A 1 134 ? -10.585 11.879  -8.486  1.00 89.37  ? 227 LEU A CB  1 
ATOM   1038 C CG  . LEU A 1 134 ? -11.103 11.720  -9.904  1.00 88.85  ? 227 LEU A CG  1 
ATOM   1039 C CD1 . LEU A 1 134 ? -10.849 12.958  -10.744 1.00 95.07  ? 227 LEU A CD1 1 
ATOM   1040 C CD2 . LEU A 1 134 ? -10.482 10.490  -10.535 1.00 85.71  ? 227 LEU A CD2 1 
ATOM   1041 N N   . VAL A 1 135 ? -10.382 13.121  -5.647  1.00 105.56 ? 228 VAL A N   1 
ATOM   1042 C CA  . VAL A 1 135 ? -11.046 13.431  -4.355  1.00 114.97 ? 228 VAL A CA  1 
ATOM   1043 C C   . VAL A 1 135 ? -10.832 14.892  -3.913  1.00 109.16 ? 228 VAL A C   1 
ATOM   1044 O O   . VAL A 1 135 ? -11.680 15.447  -3.208  1.00 129.60 ? 228 VAL A O   1 
ATOM   1045 C CB  . VAL A 1 135 ? -10.750 12.420  -3.210  1.00 96.79  ? 228 VAL A CB  1 
ATOM   1046 C CG1 . VAL A 1 135 ? -10.917 11.005  -3.729  1.00 97.90  ? 228 VAL A CG1 1 
ATOM   1047 C CG2 . VAL A 1 135 ? -9.383  12.617  -2.610  1.00 89.42  ? 228 VAL A CG2 1 
ATOM   1048 N N   . GLU A 1 136 ? -9.722  15.495  -4.345  1.00 102.45 ? 229 GLU A N   1 
ATOM   1049 C CA  . GLU A 1 136 ? -9.488  16.945  -4.213  1.00 107.67 ? 229 GLU A CA  1 
ATOM   1050 C C   . GLU A 1 136 ? -10.505 17.746  -5.023  1.00 104.62 ? 229 GLU A C   1 
ATOM   1051 O O   . GLU A 1 136 ? -10.769 18.905  -4.716  1.00 97.40  ? 229 GLU A O   1 
ATOM   1052 C CB  . GLU A 1 136 ? -8.105  17.342  -4.767  1.00 114.91 ? 229 GLU A CB  1 
ATOM   1053 C CG  . GLU A 1 136 ? -6.895  17.204  -3.848  1.00 117.35 ? 229 GLU A CG  1 
ATOM   1054 C CD  . GLU A 1 136 ? -5.632  17.852  -4.439  1.00 119.86 ? 229 GLU A CD  1 
ATOM   1055 O OE1 . GLU A 1 136 ? -5.210  17.443  -5.546  1.00 117.18 ? 229 GLU A OE1 1 
ATOM   1056 O OE2 . GLU A 1 136 ? -5.057  18.774  -3.802  1.00 119.72 ? 229 GLU A OE2 1 
ATOM   1057 N N   . ALA A 1 137 ? -11.018 17.122  -6.085  1.00 101.83 ? 230 ALA A N   1 
ATOM   1058 C CA  . ALA A 1 137 ? -11.805 17.783  -7.124  1.00 93.78  ? 230 ALA A CA  1 
ATOM   1059 C C   . ALA A 1 137 ? -13.094 18.452  -6.665  1.00 104.09 ? 230 ALA A C   1 
ATOM   1060 C CB  . ALA A 1 137 ? -12.110 16.813  -8.264  1.00 92.78  ? 230 ALA A CB  1 
ATOM   1061 N N   . GLY A 1 138 ? -14.017 17.773  -5.991  1.00 104.77 ? 231 GLY A N   1 
ATOM   1062 C CA  . GLY A 1 138 ? -13.830 16.444  -5.460  1.00 95.76  ? 231 GLY A CA  1 
ATOM   1063 C C   . GLY A 1 138 ? -15.007 15.568  -5.796  1.00 95.82  ? 231 GLY A C   1 
ATOM   1064 O O   . GLY A 1 138 ? -15.994 15.543  -5.096  1.00 81.94  ? 231 GLY A O   1 
ATOM   1065 N N   . VAL A 1 139 ? -14.924 14.839  -6.887  1.00 99.86  ? 232 VAL A N   1 
ATOM   1066 C CA  . VAL A 1 139 ? -15.790 13.679  -7.007  1.00 98.28  ? 232 VAL A CA  1 
ATOM   1067 C C   . VAL A 1 139 ? -15.234 12.620  -6.083  1.00 108.78 ? 232 VAL A C   1 
ATOM   1068 O O   . VAL A 1 139 ? -14.013 12.516  -5.937  1.00 130.65 ? 232 VAL A O   1 
ATOM   1069 C CB  . VAL A 1 139 ? -15.791 13.109  -8.418  1.00 93.61  ? 232 VAL A CB  1 
ATOM   1070 C CG1 . VAL A 1 139 ? -14.381 13.066  -8.988  1.00 85.31  ? 232 VAL A CG1 1 
ATOM   1071 C CG2 . VAL A 1 139 ? -16.452 11.742  -8.401  1.00 98.81  ? 232 VAL A CG2 1 
ATOM   1072 N N   . GLY A 1 140 ? -16.111 11.832  -5.471  1.00 103.40 ? 233 GLY A N   1 
ATOM   1073 C CA  . GLY A 1 140 ? -15.695 10.744  -4.552  1.00 103.63 ? 233 GLY A CA  1 
ATOM   1074 C C   . GLY A 1 140 ? -14.694 10.973  -3.396  1.00 88.72  ? 233 GLY A C   1 
ATOM   1075 O O   . GLY A 1 140 ? -14.159 12.094  -3.194  1.00 78.90  ? 233 GLY A O   1 
ATOM   1076 N N   . TRP A 1 141 ? -14.506 9.887   -2.624  1.00 81.19  ? 234 TRP A N   1 
ATOM   1077 C CA  . TRP A 1 141 ? -13.567 9.784   -1.476  1.00 79.89  ? 234 TRP A CA  1 
ATOM   1078 C C   . TRP A 1 141 ? -12.663 8.571   -1.749  1.00 85.56  ? 234 TRP A C   1 
ATOM   1079 O O   . TRP A 1 141 ? -13.037 7.673   -2.555  1.00 79.83  ? 234 TRP A O   1 
ATOM   1080 C CB  . TRP A 1 141 ? -14.324 9.548   -0.143  1.00 79.19  ? 234 TRP A CB  1 
ATOM   1081 C CG  . TRP A 1 141 ? -15.175 8.253   -0.141  1.00 75.52  ? 234 TRP A CG  1 
ATOM   1082 C CD1 . TRP A 1 141 ? -16.476 8.120   -0.545  1.00 81.85  ? 234 TRP A CD1 1 
ATOM   1083 C CD2 . TRP A 1 141 ? -14.747 6.937   0.235   1.00 77.48  ? 234 TRP A CD2 1 
ATOM   1084 N NE1 . TRP A 1 141 ? -16.897 6.811   -0.417  1.00 74.53  ? 234 TRP A NE1 1 
ATOM   1085 C CE2 . TRP A 1 141 ? -15.845 6.061   0.035   1.00 76.70  ? 234 TRP A CE2 1 
ATOM   1086 C CE3 . TRP A 1 141 ? -13.540 6.407   0.727   1.00 76.62  ? 234 TRP A CE3 1 
ATOM   1087 C CZ2 . TRP A 1 141 ? -15.762 4.696   0.293   1.00 72.97  ? 234 TRP A CZ2 1 
ATOM   1088 C CZ3 . TRP A 1 141 ? -13.461 5.050   0.997   1.00 66.42  ? 234 TRP A CZ3 1 
ATOM   1089 C CH2 . TRP A 1 141 ? -14.560 4.215   0.784   1.00 72.26  ? 234 TRP A CH2 1 
ATOM   1090 N N   . GLY A 1 142 ? -11.507 8.507   -1.078  1.00 71.97  ? 235 GLY A N   1 
ATOM   1091 C CA  . GLY A 1 142 ? -10.646 7.322   -1.220  1.00 79.73  ? 235 GLY A CA  1 
ATOM   1092 C C   . GLY A 1 142 ? -9.778  6.973   -0.042  1.00 76.91  ? 235 GLY A C   1 
ATOM   1093 O O   . GLY A 1 142 ? -9.656  7.743   0.906   1.00 88.73  ? 235 GLY A O   1 
ATOM   1094 N N   . ILE A 1 143 ? -9.150  5.814   -0.106  1.00 76.52  ? 236 ILE A N   1 
ATOM   1095 C CA  . ILE A 1 143 ? -8.180  5.442   0.934   1.00 73.91  ? 236 ILE A CA  1 
ATOM   1096 C C   . ILE A 1 143 ? -6.774  5.531   0.362   1.00 65.71  ? 236 ILE A C   1 
ATOM   1097 O O   . ILE A 1 143 ? -6.431  4.824   -0.591  1.00 67.03  ? 236 ILE A O   1 
ATOM   1098 C CB  . ILE A 1 143 ? -8.380  3.996   1.452   1.00 70.46  ? 236 ILE A CB  1 
ATOM   1099 C CG1 . ILE A 1 143 ? -9.824  3.741   1.879   1.00 69.44  ? 236 ILE A CG1 1 
ATOM   1100 C CG2 . ILE A 1 143 ? -7.461  3.722   2.617   1.00 76.56  ? 236 ILE A CG2 1 
ATOM   1101 C CD1 . ILE A 1 143 ? -10.303 2.338   1.596   1.00 64.06  ? 236 ILE A CD1 1 
ATOM   1102 N N   . ALA A 1 144 ? -5.953  6.346   0.988   1.00 63.21  ? 237 ALA A N   1 
ATOM   1103 C CA  . ALA A 1 144 ? -4.606  6.534   0.521   1.00 69.22  ? 237 ALA A CA  1 
ATOM   1104 C C   . ALA A 1 144 ? -3.573  6.472   1.622   1.00 70.14  ? 237 ALA A C   1 
ATOM   1105 O O   . ALA A 1 144 ? -3.865  6.818   2.746   1.00 77.06  ? 237 ALA A O   1 
ATOM   1106 C CB  . ALA A 1 144 ? -4.518  7.869   -0.152  1.00 76.14  ? 237 ALA A CB  1 
ATOM   1107 N N   . PRO A 1 145 ? -2.328  6.081   1.287   1.00 76.87  ? 238 PRO A N   1 
ATOM   1108 C CA  . PRO A 1 145 ? -1.285  6.037   2.321   1.00 70.94  ? 238 PRO A CA  1 
ATOM   1109 C C   . PRO A 1 145 ? -1.044  7.380   2.948   1.00 77.12  ? 238 PRO A C   1 
ATOM   1110 O O   . PRO A 1 145 ? -1.253  8.399   2.311   1.00 84.75  ? 238 PRO A O   1 
ATOM   1111 C CB  . PRO A 1 145 ? -0.025  5.646   1.552   1.00 71.39  ? 238 PRO A CB  1 
ATOM   1112 C CG  . PRO A 1 145 ? -0.501  5.061   0.250   1.00 77.49  ? 238 PRO A CG  1 
ATOM   1113 C CD  . PRO A 1 145 ? -1.800  5.741   -0.056  1.00 77.78  ? 238 PRO A CD  1 
ATOM   1114 N N   . HIS A 1 146 ? -0.567  7.371   4.182   1.00 86.00  ? 239 HIS A N   1 
ATOM   1115 C CA  . HIS A 1 146 ? -0.185  8.585   4.889   1.00 85.18  ? 239 HIS A CA  1 
ATOM   1116 C C   . HIS A 1 146 ? 0.700   9.466   4.048   1.00 81.19  ? 239 HIS A C   1 
ATOM   1117 O O   . HIS A 1 146 ? 0.326   10.579  3.742   1.00 88.96  ? 239 HIS A O   1 
ATOM   1118 C CB  . HIS A 1 146 ? 0.552   8.229   6.165   1.00 92.99  ? 239 HIS A CB  1 
ATOM   1119 C CG  . HIS A 1 146 ? 0.945   9.410   6.992   1.00 109.56 ? 239 HIS A CG  1 
ATOM   1120 N ND1 . HIS A 1 146 ? 0.024   10.294  7.519   1.00 108.49 ? 239 HIS A ND1 1 
ATOM   1121 C CD2 . HIS A 1 146 ? 2.160   9.831   7.420   1.00 115.81 ? 239 HIS A CD2 1 
ATOM   1122 C CE1 . HIS A 1 146 ? 0.657   11.212  8.230   1.00 122.05 ? 239 HIS A CE1 1 
ATOM   1123 N NE2 . HIS A 1 146 ? 1.953   10.957  8.181   1.00 124.35 ? 239 HIS A NE2 1 
ATOM   1124 N N   . TYR A 1 147 ? 1.857   8.964   3.641   1.00 86.17  ? 240 TYR A N   1 
ATOM   1125 C CA  . TYR A 1 147 ? 2.878   9.830   3.021   1.00 85.46  ? 240 TYR A CA  1 
ATOM   1126 C C   . TYR A 1 147 ? 2.350   10.724  1.911   1.00 85.79  ? 240 TYR A C   1 
ATOM   1127 O O   . TYR A 1 147 ? 2.694   11.898  1.877   1.00 101.80 ? 240 TYR A O   1 
ATOM   1128 C CB  . TYR A 1 147 ? 4.105   9.046   2.550   1.00 84.44  ? 240 TYR A CB  1 
ATOM   1129 C CG  . TYR A 1 147 ? 3.971   8.304   1.247   1.00 81.95  ? 240 TYR A CG  1 
ATOM   1130 C CD1 . TYR A 1 147 ? 4.383   8.868   0.082   1.00 81.98  ? 240 TYR A CD1 1 
ATOM   1131 C CD2 . TYR A 1 147 ? 3.473   7.007   1.198   1.00 94.98  ? 240 TYR A CD2 1 
ATOM   1132 C CE1 . TYR A 1 147 ? 4.316   8.176   -1.114  1.00 82.86  ? 240 TYR A CE1 1 
ATOM   1133 C CE2 . TYR A 1 147 ? 3.385   6.307   -0.001  1.00 91.16  ? 240 TYR A CE2 1 
ATOM   1134 C CZ  . TYR A 1 147 ? 3.808   6.908   -1.163  1.00 86.54  ? 240 TYR A CZ  1 
ATOM   1135 O OH  . TYR A 1 147 ? 3.711   6.275   -2.387  1.00 75.64  ? 240 TYR A OH  1 
ATOM   1136 N N   . PHE A 1 148 ? 1.504   10.189  1.040   1.00 79.50  ? 241 PHE A N   1 
ATOM   1137 C CA  . PHE A 1 148 ? 0.775   10.998  0.050   1.00 80.16  ? 241 PHE A CA  1 
ATOM   1138 C C   . PHE A 1 148 ? -0.013  12.196  0.580   1.00 85.39  ? 241 PHE A C   1 
ATOM   1139 O O   . PHE A 1 148 ? 0.005   13.332  0.077   1.00 101.52 ? 241 PHE A O   1 
ATOM   1140 C CB  . PHE A 1 148 ? -0.239  10.120  -0.617  1.00 78.68  ? 241 PHE A CB  1 
ATOM   1141 C CG  . PHE A 1 148 ? 0.172   9.691   -1.948  1.00 82.76  ? 241 PHE A CG  1 
ATOM   1142 C CD1 . PHE A 1 148 ? 0.931   8.557   -2.116  1.00 85.36  ? 241 PHE A CD1 1 
ATOM   1143 C CD2 . PHE A 1 148 ? -0.180  10.446  -3.048  1.00 93.89  ? 241 PHE A CD2 1 
ATOM   1144 C CE1 . PHE A 1 148 ? 1.328   8.164   -3.382  1.00 92.52  ? 241 PHE A CE1 1 
ATOM   1145 C CE2 . PHE A 1 148 ? 0.200   10.068  -4.315  1.00 93.55  ? 241 PHE A CE2 1 
ATOM   1146 C CZ  . PHE A 1 148 ? 0.965   8.927   -4.489  1.00 96.45  ? 241 PHE A CZ  1 
ATOM   1147 N N   . VAL A 1 149 ? -0.726  11.917  1.623   1.00 88.10  ? 242 VAL A N   1 
ATOM   1148 C CA  . VAL A 1 149 ? -1.800  12.749  2.000   1.00 91.61  ? 242 VAL A CA  1 
ATOM   1149 C C   . VAL A 1 149 ? -1.364  13.783  3.036   1.00 96.44  ? 242 VAL A C   1 
ATOM   1150 O O   . VAL A 1 149 ? -1.910  14.869  3.068   1.00 105.86 ? 242 VAL A O   1 
ATOM   1151 C CB  . VAL A 1 149 ? -2.917  11.826  2.485   1.00 93.93  ? 242 VAL A CB  1 
ATOM   1152 C CG1 . VAL A 1 149 ? -3.745  12.474  3.564   1.00 101.16 ? 242 VAL A CG1 1 
ATOM   1153 C CG2 . VAL A 1 149 ? -3.744  11.404  1.282   1.00 95.61  ? 242 VAL A CG2 1 
ATOM   1154 N N   . GLU A 1 150 ? -0.380  13.484  3.870   1.00 91.08  ? 243 GLU A N   1 
ATOM   1155 C CA  . GLU A 1 150 ? -0.095  14.389  4.972   1.00 111.39 ? 243 GLU A CA  1 
ATOM   1156 C C   . GLU A 1 150 ? 0.284   15.790  4.517   1.00 116.42 ? 243 GLU A C   1 
ATOM   1157 O O   . GLU A 1 150 ? -0.034  16.761  5.205   1.00 115.07 ? 243 GLU A O   1 
ATOM   1158 C CB  . GLU A 1 150 ? 0.980   13.830  5.885   1.00 131.96 ? 243 GLU A CB  1 
ATOM   1159 C CG  . GLU A 1 150 ? 2.351   13.661  5.256   1.00 135.07 ? 243 GLU A CG  1 
ATOM   1160 C CD  . GLU A 1 150 ? 3.431   14.045  6.227   1.00 142.23 ? 243 GLU A CD  1 
ATOM   1161 O OE1 . GLU A 1 150 ? 4.315   13.207  6.529   1.00 155.44 ? 243 GLU A OE1 1 
ATOM   1162 O OE2 . GLU A 1 150 ? 3.362   15.193  6.704   1.00 144.57 ? 243 GLU A OE2 1 
ATOM   1163 N N   . GLU A 1 151 ? 0.969   15.874  3.374   1.00 128.28 ? 244 GLU A N   1 
ATOM   1164 C CA  . GLU A 1 151 ? 1.190   17.137  2.663   1.00 128.25 ? 244 GLU A CA  1 
ATOM   1165 C C   . GLU A 1 151 ? -0.131  17.951  2.672   1.00 115.95 ? 244 GLU A C   1 
ATOM   1166 O O   . GLU A 1 151 ? -0.329  18.850  3.495   1.00 113.81 ? 244 GLU A O   1 
ATOM   1167 C CB  . GLU A 1 151 ? 1.707   16.828  1.228   1.00 138.26 ? 244 GLU A CB  1 
ATOM   1168 C CG  . GLU A 1 151 ? 1.675   17.971  0.199   1.00 150.66 ? 244 GLU A CG  1 
ATOM   1169 C CD  . GLU A 1 151 ? 2.778   19.018  0.375   1.00 150.53 ? 244 GLU A CD  1 
ATOM   1170 O OE1 . GLU A 1 151 ? 2.982   19.536  1.498   1.00 146.72 ? 244 GLU A OE1 1 
ATOM   1171 O OE2 . GLU A 1 151 ? 3.438   19.350  -0.632  1.00 144.87 ? 244 GLU A OE2 1 
ATOM   1172 N N   . ARG A 1 152 ? -1.053  17.585  1.793   1.00 105.66 ? 245 ARG A N   1 
ATOM   1173 C CA  . ARG A 1 152 ? -2.356  18.229  1.708   1.00 104.50 ? 245 ARG A CA  1 
ATOM   1174 C C   . ARG A 1 152 ? -3.191  18.319  2.997   1.00 113.36 ? 245 ARG A C   1 
ATOM   1175 O O   . ARG A 1 152 ? -4.134  19.103  3.078   1.00 129.73 ? 245 ARG A O   1 
ATOM   1176 C CB  . ARG A 1 152 ? -3.192  17.487  0.673   1.00 95.61  ? 245 ARG A CB  1 
ATOM   1177 C CG  . ARG A 1 152 ? -2.951  17.974  -0.718  1.00 98.48  ? 245 ARG A CG  1 
ATOM   1178 C CD  . ARG A 1 152 ? -3.388  16.953  -1.721  1.00 100.01 ? 245 ARG A CD  1 
ATOM   1179 N NE  . ARG A 1 152 ? -2.349  15.950  -1.933  1.00 103.97 ? 245 ARG A NE  1 
ATOM   1180 C CZ  . ARG A 1 152 ? -2.276  15.183  -3.016  1.00 96.61  ? 245 ARG A CZ  1 
ATOM   1181 N NH1 . ARG A 1 152 ? -1.297  14.303  -3.117  1.00 110.37 ? 245 ARG A NH1 1 
ATOM   1182 N NH2 . ARG A 1 152 ? -3.169  15.290  -4.002  1.00 89.66  ? 245 ARG A NH2 1 
ATOM   1183 N N   . LEU A 1 153 ? -2.885  17.501  3.985   1.00 111.70 ? 246 LEU A N   1 
ATOM   1184 C CA  . LEU A 1 153 ? -3.798  17.335  5.089   1.00 114.03 ? 246 LEU A CA  1 
ATOM   1185 C C   . LEU A 1 153 ? -3.698  18.571  5.962   1.00 119.62 ? 246 LEU A C   1 
ATOM   1186 O O   . LEU A 1 153 ? -4.715  19.232  6.211   1.00 118.18 ? 246 LEU A O   1 
ATOM   1187 C CB  . LEU A 1 153 ? -3.455  16.053  5.859   1.00 116.62 ? 246 LEU A CB  1 
ATOM   1188 C CG  . LEU A 1 153 ? -4.591  15.149  6.342   1.00 104.44 ? 246 LEU A CG  1 
ATOM   1189 C CD1 . LEU A 1 153 ? -5.543  14.755  5.224   1.00 100.64 ? 246 LEU A CD1 1 
ATOM   1190 C CD2 . LEU A 1 153 ? -3.989  13.920  7.009   1.00 102.73 ? 246 LEU A CD2 1 
ATOM   1191 N N   . ARG A 1 154 ? -2.472  18.891  6.388   1.00 126.42 ? 247 ARG A N   1 
ATOM   1192 C CA  . ARG A 1 154 ? -2.204  20.068  7.225   1.00 136.82 ? 247 ARG A CA  1 
ATOM   1193 C C   . ARG A 1 154 ? -2.496  21.343  6.426   1.00 134.87 ? 247 ARG A C   1 
ATOM   1194 O O   . ARG A 1 154 ? -2.985  22.341  6.968   1.00 127.60 ? 247 ARG A O   1 
ATOM   1195 C CB  . ARG A 1 154 ? -0.756  20.085  7.700   1.00 138.07 ? 247 ARG A CB  1 
ATOM   1196 C CG  . ARG A 1 154 ? -0.320  18.902  8.565   1.00 142.72 ? 247 ARG A CG  1 
ATOM   1197 C CD  . ARG A 1 154 ? 1.189   18.944  8.802   1.00 145.72 ? 247 ARG A CD  1 
ATOM   1198 N NE  . ARG A 1 154 ? 1.913   19.361  7.583   1.00 161.75 ? 247 ARG A NE  1 
ATOM   1199 C CZ  . ARG A 1 154 ? 2.901   18.688  6.975   1.00 158.61 ? 247 ARG A CZ  1 
ATOM   1200 N NH1 . ARG A 1 154 ? 3.373   17.552  7.476   1.00 172.46 ? 247 ARG A NH1 1 
ATOM   1201 N NH2 . ARG A 1 154 ? 3.450   19.177  5.858   1.00 127.39 ? 247 ARG A NH2 1 
ATOM   1202 N N   . ASN A 1 155 ? -2.217  21.288  5.125   1.00 121.81 ? 248 ASN A N   1 
ATOM   1203 C CA  . ASN A 1 155 ? -2.681  22.317  4.190   1.00 114.79 ? 248 ASN A CA  1 
ATOM   1204 C C   . ASN A 1 155 ? -4.179  22.475  4.068   1.00 110.76 ? 248 ASN A C   1 
ATOM   1205 O O   . ASN A 1 155 ? -4.601  23.196  3.189   1.00 109.88 ? 248 ASN A O   1 
ATOM   1206 C CB  . ASN A 1 155 ? -2.207  22.010  2.762   1.00 111.85 ? 248 ASN A CB  1 
ATOM   1207 C CG  . ASN A 1 155 ? -0.793  22.439  2.523   1.00 119.03 ? 248 ASN A CG  1 
ATOM   1208 O OD1 . ASN A 1 155 ? -0.391  23.511  2.946   1.00 125.72 ? 248 ASN A OD1 1 
ATOM   1209 N ND2 . ASN A 1 155 ? -0.024  21.606  1.832   1.00 132.20 ? 248 ASN A ND2 1 
ATOM   1210 N N   . GLY A 1 156 ? -4.994  21.776  4.855   1.00 107.37 ? 249 GLY A N   1 
ATOM   1211 C CA  . GLY A 1 156 ? -6.453  21.848  4.680   1.00 108.62 ? 249 GLY A CA  1 
ATOM   1212 C C   . GLY A 1 156 ? -7.075  21.525  3.300   1.00 111.33 ? 249 GLY A C   1 
ATOM   1213 O O   . GLY A 1 156 ? -8.294  21.617  3.153   1.00 102.63 ? 249 GLY A O   1 
ATOM   1214 N N   . THR A 1 157 ? -6.285  21.131  2.295   1.00 110.71 ? 250 THR A N   1 
ATOM   1215 C CA  . THR A 1 157 ? -6.827  20.798  0.962   1.00 108.41 ? 250 THR A CA  1 
ATOM   1216 C C   . THR A 1 157 ? -7.706  19.532  0.997   1.00 115.12 ? 250 THR A C   1 
ATOM   1217 O O   . THR A 1 157 ? -8.638  19.363  0.191   1.00 111.36 ? 250 THR A O   1 
ATOM   1218 C CB  . THR A 1 157 ? -5.696  20.572  -0.071  1.00 111.80 ? 250 THR A CB  1 
ATOM   1219 O OG1 . THR A 1 157 ? -4.513  21.307  0.304   1.00 107.38 ? 250 THR A OG1 1 
ATOM   1220 C CG2 . THR A 1 157 ? -6.165  20.984  -1.476  1.00 112.47 ? 250 THR A CG2 1 
ATOM   1221 N N   . LEU A 1 158 ? -7.364  18.638  1.927   1.00 118.91 ? 251 LEU A N   1 
ATOM   1222 C CA  . LEU A 1 158 ? -8.083  17.387  2.172   1.00 108.34 ? 251 LEU A CA  1 
ATOM   1223 C C   . LEU A 1 158 ? -8.403  17.230  3.662   1.00 106.65 ? 251 LEU A C   1 
ATOM   1224 O O   . LEU A 1 158 ? -7.610  17.662  4.540   1.00 95.11  ? 251 LEU A O   1 
ATOM   1225 C CB  . LEU A 1 158 ? -7.201  16.203  1.758   1.00 99.05  ? 251 LEU A CB  1 
ATOM   1226 C CG  . LEU A 1 158 ? -7.202  15.788  0.297   1.00 96.23  ? 251 LEU A CG  1 
ATOM   1227 C CD1 . LEU A 1 158 ? -6.202  14.666  0.048   1.00 94.91  ? 251 LEU A CD1 1 
ATOM   1228 C CD2 . LEU A 1 158 ? -8.596  15.368  -0.104  1.00 100.21 ? 251 LEU A CD2 1 
ATOM   1229 N N   . ALA A 1 159 ? -9.534  16.576  3.940   1.00 97.35  ? 252 ALA A N   1 
ATOM   1230 C CA  . ALA A 1 159 ? -9.851  16.133  5.300   1.00 100.75 ? 252 ALA A CA  1 
ATOM   1231 C C   . ALA A 1 159 ? -9.988  14.594  5.440   1.00 102.59 ? 252 ALA A C   1 
ATOM   1232 O O   . ALA A 1 159 ? -10.361 13.873  4.493   1.00 97.83  ? 252 ALA A O   1 
ATOM   1233 C CB  . ALA A 1 159 ? -11.114 16.826  5.789   1.00 102.80 ? 252 ALA A CB  1 
ATOM   1234 N N   . VAL A 1 160 ? -9.695  14.124  6.650   1.00 93.42  ? 253 VAL A N   1 
ATOM   1235 C CA  . VAL A 1 160 ? -9.835  12.727  7.025   1.00 85.65  ? 253 VAL A CA  1 
ATOM   1236 C C   . VAL A 1 160 ? -11.237 12.361  7.466   1.00 81.61  ? 253 VAL A C   1 
ATOM   1237 O O   . VAL A 1 160 ? -11.828 13.061  8.248   1.00 85.24  ? 253 VAL A O   1 
ATOM   1238 C CB  . VAL A 1 160 ? -9.028  12.463  8.283   1.00 84.14  ? 253 VAL A CB  1 
ATOM   1239 C CG1 . VAL A 1 160 ? -9.265  11.041  8.755   1.00 89.68  ? 253 VAL A CG1 1 
ATOM   1240 C CG2 . VAL A 1 160 ? -7.561  12.740  8.040   1.00 92.61  ? 253 VAL A CG2 1 
ATOM   1241 N N   . LEU A 1 161 ? -11.710 11.202  7.066   1.00 87.73  ? 254 LEU A N   1 
ATOM   1242 C CA  . LEU A 1 161 ? -12.917 10.602  7.665   1.00 89.95  ? 254 LEU A CA  1 
ATOM   1243 C C   . LEU A 1 161 ? -12.692 9.360   8.538   1.00 83.91  ? 254 LEU A C   1 
ATOM   1244 O O   . LEU A 1 161 ? -13.593 8.942   9.232   1.00 95.60  ? 254 LEU A O   1 
ATOM   1245 C CB  . LEU A 1 161 ? -13.839 10.160  6.548   1.00 94.92  ? 254 LEU A CB  1 
ATOM   1246 C CG  . LEU A 1 161 ? -13.865 11.068  5.319   1.00 98.84  ? 254 LEU A CG  1 
ATOM   1247 C CD1 . LEU A 1 161 ? -14.765 10.476  4.238   1.00 93.88  ? 254 LEU A CD1 1 
ATOM   1248 C CD2 . LEU A 1 161 ? -14.347 12.446  5.732   1.00 99.21  ? 254 LEU A CD2 1 
ATOM   1249 N N   . SER A 1 162 ? -11.512 8.748   8.446   1.00 88.50  ? 255 SER A N   1 
ATOM   1250 C CA  . SER A 1 162 ? -11.234 7.432   9.013   1.00 79.85  ? 255 SER A CA  1 
ATOM   1251 C C   . SER A 1 162 ? -11.287 7.447   10.524  1.00 86.34  ? 255 SER A C   1 
ATOM   1252 O O   . SER A 1 162 ? -11.244 6.391   11.139  1.00 86.19  ? 255 SER A O   1 
ATOM   1253 C CB  . SER A 1 162 ? -9.816  6.995   8.610   1.00 81.79  ? 255 SER A CB  1 
ATOM   1254 O OG  . SER A 1 162 ? -8.833  7.357   9.610   1.00 91.79  ? 255 SER A OG  1 
ATOM   1255 N N   . GLU A 1 163 ? -11.347 8.632   11.131  1.00 87.24  ? 256 GLU A N   1 
ATOM   1256 C CA  . GLU A 1 163 ? -10.922 8.759   12.514  1.00 93.30  ? 256 GLU A CA  1 
ATOM   1257 C C   . GLU A 1 163 ? -11.767 8.012   13.589  1.00 92.78  ? 256 GLU A C   1 
ATOM   1258 O O   . GLU A 1 163 ? -11.208 7.334   14.473  1.00 81.07  ? 256 GLU A O   1 
ATOM   1259 C CB  . GLU A 1 163 ? -10.726 10.223  12.872  1.00 96.74  ? 256 GLU A CB  1 
ATOM   1260 C CG  . GLU A 1 163 ? -9.630  10.411  13.913  1.00 101.68 ? 256 GLU A CG  1 
ATOM   1261 C CD  . GLU A 1 163 ? -8.236  9.984   13.432  1.00 110.95 ? 256 GLU A CD  1 
ATOM   1262 O OE1 . GLU A 1 163 ? -8.016  9.677   12.214  1.00 98.99  ? 256 GLU A OE1 1 
ATOM   1263 O OE2 . GLU A 1 163 ? -7.341  9.953   14.309  1.00 100.42 ? 256 GLU A OE2 1 
ATOM   1264 N N   . LEU A 1 164 ? -13.088 8.084   13.499  1.00 80.14  ? 257 LEU A N   1 
ATOM   1265 C CA  . LEU A 1 164 ? -13.901 7.286   14.410  1.00 88.33  ? 257 LEU A CA  1 
ATOM   1266 C C   . LEU A 1 164 ? -13.866 5.806   14.084  1.00 85.23  ? 257 LEU A C   1 
ATOM   1267 O O   . LEU A 1 164 ? -14.161 4.995   14.935  1.00 85.45  ? 257 LEU A O   1 
ATOM   1268 C CB  . LEU A 1 164 ? -15.342 7.779   14.478  1.00 98.31  ? 257 LEU A CB  1 
ATOM   1269 C CG  . LEU A 1 164 ? -15.363 9.182   15.107  1.00 123.78 ? 257 LEU A CG  1 
ATOM   1270 C CD1 . LEU A 1 164 ? -16.735 9.831   14.981  1.00 128.42 ? 257 LEU A CD1 1 
ATOM   1271 C CD2 . LEU A 1 164 ? -14.888 9.180   16.566  1.00 120.61 ? 257 LEU A CD2 1 
ATOM   1272 N N   . TYR A 1 165 ? -13.486 5.426   12.875  1.00 81.03  ? 258 TYR A N   1 
ATOM   1273 C CA  . TYR A 1 165 ? -13.349 4.000   12.578  1.00 69.54  ? 258 TYR A CA  1 
ATOM   1274 C C   . TYR A 1 165 ? -12.098 3.507   13.238  1.00 75.68  ? 258 TYR A C   1 
ATOM   1275 O O   . TYR A 1 165 ? -12.135 2.528   14.018  1.00 81.45  ? 258 TYR A O   1 
ATOM   1276 C CB  . TYR A 1 165 ? -13.314 3.724   11.066  1.00 71.38  ? 258 TYR A CB  1 
ATOM   1277 C CG  . TYR A 1 165 ? -12.922 2.321   10.710  1.00 68.52  ? 258 TYR A CG  1 
ATOM   1278 C CD1 . TYR A 1 165 ? -11.601 1.988   10.541  1.00 68.57  ? 258 TYR A CD1 1 
ATOM   1279 C CD2 . TYR A 1 165 ? -13.875 1.321   10.574  1.00 75.20  ? 258 TYR A CD2 1 
ATOM   1280 C CE1 . TYR A 1 165 ? -11.226 0.711   10.228  1.00 69.82  ? 258 TYR A CE1 1 
ATOM   1281 C CE2 . TYR A 1 165 ? -13.512 0.026   10.254  1.00 68.41  ? 258 TYR A CE2 1 
ATOM   1282 C CZ  . TYR A 1 165 ? -12.177 -0.261  10.081  1.00 69.55  ? 258 TYR A CZ  1 
ATOM   1283 O OH  . TYR A 1 165 ? -11.760 -1.530  9.771   1.00 70.22  ? 258 TYR A OH  1 
ATOM   1284 N N   . GLU A 1 166 ? -10.984 4.190   12.945  1.00 74.66  ? 259 GLU A N   1 
ATOM   1285 C CA  . GLU A 1 166 ? -9.705  3.829   13.571  1.00 73.90  ? 259 GLU A CA  1 
ATOM   1286 C C   . GLU A 1 166 ? -8.813  5.038   13.834  1.00 78.57  ? 259 GLU A C   1 
ATOM   1287 O O   . GLU A 1 166 ? -8.020  5.444   12.979  1.00 80.21  ? 259 GLU A O   1 
ATOM   1288 C CB  . GLU A 1 166 ? -8.966  2.795   12.741  1.00 72.54  ? 259 GLU A CB  1 
ATOM   1289 C CG  . GLU A 1 166 ? -7.657  2.366   13.391  1.00 80.89  ? 259 GLU A CG  1 
ATOM   1290 C CD  . GLU A 1 166 ? -7.052  1.109   12.779  1.00 84.30  ? 259 GLU A CD  1 
ATOM   1291 O OE1 . GLU A 1 166 ? -7.575  0.569   11.759  1.00 73.57  ? 259 GLU A OE1 1 
ATOM   1292 O OE2 . GLU A 1 166 ? -6.034  0.675   13.349  1.00 74.54  ? 259 GLU A OE2 1 
ATOM   1293 N N   . PRO A 1 167 ? -8.891  5.592   15.048  1.00 84.38  ? 260 PRO A N   1 
ATOM   1294 C CA  . PRO A 1 167 ? -8.125  6.802   15.313  1.00 85.19  ? 260 PRO A CA  1 
ATOM   1295 C C   . PRO A 1 167 ? -6.641  6.570   15.122  1.00 81.22  ? 260 PRO A C   1 
ATOM   1296 O O   . PRO A 1 167 ? -6.132  5.539   15.512  1.00 85.84  ? 260 PRO A O   1 
ATOM   1297 C CB  . PRO A 1 167 ? -8.419  7.098   16.774  1.00 79.71  ? 260 PRO A CB  1 
ATOM   1298 C CG  . PRO A 1 167 ? -9.517  6.186   17.146  1.00 81.05  ? 260 PRO A CG  1 
ATOM   1299 C CD  . PRO A 1 167 ? -9.371  4.993   16.289  1.00 78.58  ? 260 PRO A CD  1 
ATOM   1300 N N   . GLY A 1 168 ? -5.969  7.539   14.515  1.00 87.10  ? 261 GLY A N   1 
ATOM   1301 C CA  . GLY A 1 168 ? -4.546  7.439   14.195  1.00 87.63  ? 261 GLY A CA  1 
ATOM   1302 C C   . GLY A 1 168 ? -4.308  6.924   12.791  1.00 83.67  ? 261 GLY A C   1 
ATOM   1303 O O   . GLY A 1 168 ? -3.212  6.526   12.445  1.00 81.75  ? 261 GLY A O   1 
ATOM   1304 N N   . GLY A 1 169 ? -5.338  6.934   11.963  1.00 91.07  ? 262 GLY A N   1 
ATOM   1305 C CA  . GLY A 1 169 ? -5.256  6.253   10.687  1.00 86.22  ? 262 GLY A CA  1 
ATOM   1306 C C   . GLY A 1 169 ? -5.329  4.748   10.821  1.00 76.72  ? 262 GLY A C   1 
ATOM   1307 O O   . GLY A 1 169 ? -5.153  4.184   11.904  1.00 77.04  ? 262 GLY A O   1 
ATOM   1308 N N   . ILE A 1 170 ? -5.579  4.107   9.690   1.00 78.64  ? 263 ILE A N   1 
ATOM   1309 C CA  . ILE A 1 170 ? -5.929  2.700   9.640   1.00 73.97  ? 263 ILE A CA  1 
ATOM   1310 C C   . ILE A 1 170 ? -4.664  1.923   9.635   1.00 71.26  ? 263 ILE A C   1 
ATOM   1311 O O   . ILE A 1 170 ? -3.937  1.986   8.671   1.00 76.87  ? 263 ILE A O   1 
ATOM   1312 C CB  . ILE A 1 170 ? -6.681  2.379   8.356   1.00 70.54  ? 263 ILE A CB  1 
ATOM   1313 C CG1 . ILE A 1 170 ? -7.917  3.263   8.264   1.00 66.48  ? 263 ILE A CG1 1 
ATOM   1314 C CG2 . ILE A 1 170 ? -7.095  0.925   8.352   1.00 76.76  ? 263 ILE A CG2 1 
ATOM   1315 C CD1 . ILE A 1 170 ? -8.794  2.964   7.078   1.00 65.81  ? 263 ILE A CD1 1 
ATOM   1316 N N   . ASP A 1 171 ? -4.364  1.221   10.716  1.00 77.95  ? 264 ASP A N   1 
ATOM   1317 C CA  . ASP A 1 171 ? -3.079  0.555   10.784  1.00 78.26  ? 264 ASP A CA  1 
ATOM   1318 C C   . ASP A 1 171 ? -3.139  -0.519  9.747   1.00 77.04  ? 264 ASP A C   1 
ATOM   1319 O O   . ASP A 1 171 ? -4.179  -1.159  9.599   1.00 86.70  ? 264 ASP A O   1 
ATOM   1320 C CB  . ASP A 1 171 ? -2.804  -0.041  12.153  1.00 81.10  ? 264 ASP A CB  1 
ATOM   1321 C CG  . ASP A 1 171 ? -1.325  -0.274  12.375  1.00 88.54  ? 264 ASP A CG  1 
ATOM   1322 O OD1 . ASP A 1 171 ? -0.890  -1.464  12.322  1.00 77.46  ? 264 ASP A OD1 1 
ATOM   1323 O OD2 . ASP A 1 171 ? -0.595  0.746   12.558  1.00 92.97  ? 264 ASP A OD2 1 
ATOM   1324 N N   . THR A 1 172 ? -2.062  -0.665  8.979   1.00 77.29  ? 265 THR A N   1 
ATOM   1325 C CA  . THR A 1 172 ? -2.006  -1.674  7.909   1.00 79.12  ? 265 THR A CA  1 
ATOM   1326 C C   . THR A 1 172 ? -0.602  -2.265  7.795   1.00 75.84  ? 265 THR A C   1 
ATOM   1327 O O   . THR A 1 172 ? 0.392   -1.542  7.719   1.00 63.93  ? 265 THR A O   1 
ATOM   1328 C CB  . THR A 1 172 ? -2.502  -1.164  6.519   1.00 82.81  ? 265 THR A CB  1 
ATOM   1329 O OG1 . THR A 1 172 ? -1.441  -1.261  5.573   1.00 79.64  ? 265 THR A OG1 1 
ATOM   1330 C CG2 . THR A 1 172 ? -2.938  0.262   6.528   1.00 84.76  ? 265 THR A CG2 1 
ATOM   1331 N N   . LYS A 1 173 ? -0.554  -3.599  7.794   1.00 81.36  ? 266 LYS A N   1 
ATOM   1332 C CA  . LYS A 1 173 ? 0.698   -4.338  7.803   1.00 76.85  ? 266 LYS A CA  1 
ATOM   1333 C C   . LYS A 1 173 ? 1.285   -4.276  6.451   1.00 80.67  ? 266 LYS A C   1 
ATOM   1334 O O   . LYS A 1 173 ? 0.526   -4.231  5.461   1.00 74.18  ? 266 LYS A O   1 
ATOM   1335 C CB  . LYS A 1 173 ? 0.508   -5.823  8.088   1.00 70.39  ? 266 LYS A CB  1 
ATOM   1336 C CG  . LYS A 1 173 ? 0.062   -6.154  9.493   1.00 75.12  ? 266 LYS A CG  1 
ATOM   1337 C CD  . LYS A 1 173 ? -0.056  -7.660  9.702   1.00 74.76  ? 266 LYS A CD  1 
ATOM   1338 C CE  . LYS A 1 173 ? -0.295  -7.997  11.163  1.00 77.33  ? 266 LYS A CE  1 
ATOM   1339 N NZ  . LYS A 1 173 ? -0.287  -9.473  11.293  1.00 90.77  ? 266 LYS A NZ  1 
ATOM   1340 N N   . VAL A 1 174 ? 2.627   -4.341  6.448   1.00 78.65  ? 267 VAL A N   1 
ATOM   1341 C CA  . VAL A 1 174 ? 3.452   -4.388  5.267   1.00 66.90  ? 267 VAL A CA  1 
ATOM   1342 C C   . VAL A 1 174 ? 4.117   -5.728  5.185   1.00 68.46  ? 267 VAL A C   1 
ATOM   1343 O O   . VAL A 1 174 ? 4.983   -6.063  5.986   1.00 73.66  ? 267 VAL A O   1 
ATOM   1344 C CB  . VAL A 1 174 ? 4.520   -3.321  5.341   1.00 67.83  ? 267 VAL A CB  1 
ATOM   1345 C CG1 . VAL A 1 174 ? 5.489   -3.481  4.199   1.00 63.49  ? 267 VAL A CG1 1 
ATOM   1346 C CG2 . VAL A 1 174 ? 3.858   -1.949  5.291   1.00 75.63  ? 267 VAL A CG2 1 
ATOM   1347 N N   . TYR A 1 175 ? 3.703   -6.506  4.209   1.00 70.33  ? 268 TYR A N   1 
ATOM   1348 C CA  . TYR A 1 175 ? 4.208   -7.858  4.044   1.00 70.19  ? 268 TYR A CA  1 
ATOM   1349 C C   . TYR A 1 175 ? 5.416   -7.938  3.130   1.00 71.49  ? 268 TYR A C   1 
ATOM   1350 O O   . TYR A 1 175 ? 5.669   -7.027  2.313   1.00 65.52  ? 268 TYR A O   1 
ATOM   1351 C CB  . TYR A 1 175 ? 3.122   -8.692  3.422   1.00 71.13  ? 268 TYR A CB  1 
ATOM   1352 C CG  . TYR A 1 175 ? 1.947   -8.859  4.335   1.00 80.78  ? 268 TYR A CG  1 
ATOM   1353 C CD1 . TYR A 1 175 ? 1.962   -9.822  5.328   1.00 86.72  ? 268 TYR A CD1 1 
ATOM   1354 C CD2 . TYR A 1 175 ? 0.818   -8.059  4.219   1.00 81.78  ? 268 TYR A CD2 1 
ATOM   1355 C CE1 . TYR A 1 175 ? 0.885   -9.990  6.172   1.00 81.19  ? 268 TYR A CE1 1 
ATOM   1356 C CE2 . TYR A 1 175 ? -0.256  -8.218  5.074   1.00 79.20  ? 268 TYR A CE2 1 
ATOM   1357 C CZ  . TYR A 1 175 ? -0.209  -9.197  6.042   1.00 71.71  ? 268 TYR A CZ  1 
ATOM   1358 O OH  . TYR A 1 175 ? -1.241  -9.397  6.902   1.00 72.76  ? 268 TYR A OH  1 
ATOM   1359 N N   . CYS A 1 176 ? 6.117   -9.067  3.265   1.00 67.57  ? 269 CYS A N   1 
ATOM   1360 C CA  . CYS A 1 176 ? 7.275   -9.420  2.445   1.00 71.44  ? 269 CYS A CA  1 
ATOM   1361 C C   . CYS A 1 176 ? 7.083   -10.770 1.786   1.00 71.03  ? 269 CYS A C   1 
ATOM   1362 O O   . CYS A 1 176 ? 7.045   -11.802 2.450   1.00 71.74  ? 269 CYS A O   1 
ATOM   1363 C CB  . CYS A 1 176 ? 8.571   -9.480  3.272   1.00 73.11  ? 269 CYS A CB  1 
ATOM   1364 S SG  . CYS A 1 176 ? 10.082  -9.750  2.273   1.00 85.20  ? 269 CYS A SG  1 
ATOM   1365 N N   . TYR A 1 177 ? 6.997   -10.783 0.471   1.00 67.24  ? 270 TYR A N   1 
ATOM   1366 C CA  . TYR A 1 177 ? 6.912   -12.047 -0.174  1.00 72.97  ? 270 TYR A CA  1 
ATOM   1367 C C   . TYR A 1 177 ? 8.217   -12.255 -0.898  1.00 70.20  ? 270 TYR A C   1 
ATOM   1368 C CB  . TYR A 1 177 ? 5.688   -12.181 -1.092  1.00 74.85  ? 270 TYR A CB  1 
ATOM   1369 C CG  . TYR A 1 177 ? 4.318   -11.846 -0.465  1.00 73.38  ? 270 TYR A CG  1 
ATOM   1370 C CD1 . TYR A 1 177 ? 3.424   -12.841 -0.087  1.00 74.19  ? 270 TYR A CD1 1 
ATOM   1371 C CD2 . TYR A 1 177 ? 3.902   -10.527 -0.331  1.00 79.50  ? 270 TYR A CD2 1 
ATOM   1372 C CE1 . TYR A 1 177 ? 2.182   -12.530 0.450   1.00 68.89  ? 270 TYR A CE1 1 
ATOM   1373 C CE2 . TYR A 1 177 ? 2.669   -10.198 0.196   1.00 78.95  ? 270 TYR A CE2 1 
ATOM   1374 C CZ  . TYR A 1 177 ? 1.810   -11.198 0.595   1.00 77.38  ? 270 TYR A CZ  1 
ATOM   1375 O OH  . TYR A 1 177 ? 0.593   -10.827 1.135   1.00 70.42  ? 270 TYR A OH  1 
ATOM   1376 N N   . TYR A 1 178 ? 8.766   -13.365 -0.442  1.00 70.78  ? 271 TYR A N   1 
ATOM   1377 C CA  . TYR A 1 178 ? 10.058  -13.781 -0.838  1.00 79.27  ? 271 TYR A CA  1 
ATOM   1378 C C   . TYR A 1 178 ? 10.080  -15.210 -1.309  1.00 78.23  ? 271 TYR A C   1 
ATOM   1379 O O   . TYR A 1 178 ? 9.693   -16.090 -0.609  1.00 86.55  ? 271 TYR A O   1 
ATOM   1380 C CB  . TYR A 1 178 ? 11.008  -13.651 0.344   1.00 81.57  ? 271 TYR A CB  1 
ATOM   1381 C CG  . TYR A 1 178 ? 10.752  -14.565 1.485   1.00 73.42  ? 271 TYR A CG  1 
ATOM   1382 C CD1 . TYR A 1 178 ? 10.000  -14.161 2.588   1.00 91.17  ? 271 TYR A CD1 1 
ATOM   1383 C CD2 . TYR A 1 178 ? 11.290  -15.806 1.498   1.00 76.97  ? 271 TYR A CD2 1 
ATOM   1384 C CE1 . TYR A 1 178 ? 9.796   -15.003 3.672   1.00 83.38  ? 271 TYR A CE1 1 
ATOM   1385 C CE2 . TYR A 1 178 ? 11.081  -16.660 2.552   1.00 83.56  ? 271 TYR A CE2 1 
ATOM   1386 C CZ  . TYR A 1 178 ? 10.346  -16.260 3.635   1.00 85.97  ? 271 TYR A CZ  1 
ATOM   1387 O OH  . TYR A 1 178 ? 10.180  -17.174 4.646   1.00 89.89  ? 271 TYR A OH  1 
ATOM   1388 N N   . ASN A 1 179 ? 10.549  -15.414 -2.518  1.00 86.02  ? 272 ASN A N   1 
ATOM   1389 C CA  . ASN A 1 179 ? 10.828  -16.729 -3.090  1.00 89.58  ? 272 ASN A CA  1 
ATOM   1390 C C   . ASN A 1 179 ? 11.446  -17.669 -2.087  1.00 90.15  ? 272 ASN A C   1 
ATOM   1391 O O   . ASN A 1 179 ? 12.337  -17.260 -1.370  1.00 74.99  ? 272 ASN A O   1 
ATOM   1392 C CB  . ASN A 1 179 ? 11.837  -16.521 -4.208  1.00 94.47  ? 272 ASN A CB  1 
ATOM   1393 C CG  . ASN A 1 179 ? 11.773  -17.572 -5.239  1.00 85.81  ? 272 ASN A CG  1 
ATOM   1394 O OD1 . ASN A 1 179 ? 12.111  -18.716 -4.968  1.00 89.86  ? 272 ASN A OD1 1 
ATOM   1395 N ND2 . ASN A 1 179 ? 11.367  -17.186 -6.452  1.00 90.78  ? 272 ASN A ND2 1 
ATOM   1396 N N   . THR A 1 180 ? 11.004  -18.925 -2.044  1.00 98.65  ? 273 THR A N   1 
ATOM   1397 C CA  . THR A 1 180 ? 11.382  -19.776 -0.913  1.00 103.70 ? 273 THR A CA  1 
ATOM   1398 C C   . THR A 1 180 ? 12.885  -20.024 -0.904  1.00 103.62 ? 273 THR A C   1 
ATOM   1399 O O   . THR A 1 180 ? 13.484  -20.191 0.172   1.00 92.73  ? 273 THR A O   1 
ATOM   1400 C CB  . THR A 1 180 ? 10.627  -21.118 -0.883  1.00 99.88  ? 273 THR A CB  1 
ATOM   1401 O OG1 . THR A 1 180 ? 10.878  -21.814 -2.100  1.00 111.39 ? 273 THR A OG1 1 
ATOM   1402 C CG2 . THR A 1 180 ? 9.111   -20.908 -0.701  1.00 100.32 ? 273 THR A CG2 1 
ATOM   1403 N N   . ALA A 1 181 ? 13.493  -20.003 -2.095  1.00 102.39 ? 274 ALA A N   1 
ATOM   1404 C CA  . ALA A 1 181 ? 14.941  -20.246 -2.246  1.00 102.20 ? 274 ALA A CA  1 
ATOM   1405 C C   . ALA A 1 181 ? 15.769  -19.393 -1.276  1.00 98.73  ? 274 ALA A C   1 
ATOM   1406 O O   . ALA A 1 181 ? 16.770  -19.855 -0.732  1.00 93.68  ? 274 ALA A O   1 
ATOM   1407 C CB  . ALA A 1 181 ? 15.379  -20.012 -3.693  1.00 102.90 ? 274 ALA A CB  1 
ATOM   1408 N N   . LEU A 1 182 ? 15.309  -18.168 -1.035  1.00 93.93  ? 275 LEU A N   1 
ATOM   1409 C CA  . LEU A 1 182 ? 15.944  -17.275 -0.079  1.00 96.79  ? 275 LEU A CA  1 
ATOM   1410 C C   . LEU A 1 182 ? 15.722  -17.610 1.420   1.00 106.06 ? 275 LEU A C   1 
ATOM   1411 O O   . LEU A 1 182 ? 16.273  -16.909 2.293   1.00 101.73 ? 275 LEU A O   1 
ATOM   1412 C CB  . LEU A 1 182 ? 15.499  -15.821 -0.314  1.00 99.91  ? 275 LEU A CB  1 
ATOM   1413 C CG  . LEU A 1 182 ? 15.332  -15.255 -1.729  1.00 98.52  ? 275 LEU A CG  1 
ATOM   1414 C CD1 . LEU A 1 182 ? 14.724  -13.862 -1.654  1.00 101.09 ? 275 LEU A CD1 1 
ATOM   1415 C CD2 . LEU A 1 182 ? 16.639  -15.200 -2.481  1.00 94.12  ? 275 LEU A CD2 1 
ATOM   1416 N N   . GLU A 1 183 ? 14.918  -18.627 1.749   1.00 105.05 ? 276 GLU A N   1 
ATOM   1417 C CA  . GLU A 1 183 ? 14.684  -18.907 3.169   1.00 118.28 ? 276 GLU A CA  1 
ATOM   1418 C C   . GLU A 1 183 ? 15.993  -19.419 3.695   1.00 121.45 ? 276 GLU A C   1 
ATOM   1419 O O   . GLU A 1 183 ? 16.710  -20.129 2.974   1.00 128.47 ? 276 GLU A O   1 
ATOM   1420 C CB  . GLU A 1 183 ? 13.509  -19.878 3.416   1.00 130.07 ? 276 GLU A CB  1 
ATOM   1421 C CG  . GLU A 1 183 ? 13.707  -21.337 3.004   1.00 137.51 ? 276 GLU A CG  1 
ATOM   1422 C CD  . GLU A 1 183 ? 12.398  -22.086 2.709   1.00 142.44 ? 276 GLU A CD  1 
ATOM   1423 O OE1 . GLU A 1 183 ? 11.339  -21.447 2.498   1.00 132.20 ? 276 GLU A OE1 1 
ATOM   1424 O OE2 . GLU A 1 183 ? 12.426  -23.340 2.673   1.00 147.80 ? 276 GLU A OE2 1 
ATOM   1425 N N   . SER A 1 184 ? 16.347  -19.028 4.915   1.00 132.73 ? 277 SER A N   1 
ATOM   1426 C CA  . SER A 1 184 ? 17.703  -19.311 5.406   1.00 149.54 ? 277 SER A CA  1 
ATOM   1427 C C   . SER A 1 184 ? 18.737  -19.176 4.254   1.00 138.10 ? 277 SER A C   1 
ATOM   1428 O O   . SER A 1 184 ? 19.201  -20.172 3.684   1.00 110.49 ? 277 SER A O   1 
ATOM   1429 C CB  . SER A 1 184 ? 17.779  -20.691 6.097   1.00 152.05 ? 277 SER A CB  1 
ATOM   1430 O OG  . SER A 1 184 ? 17.134  -21.722 5.356   1.00 131.99 ? 277 SER A OG  1 
ATOM   1431 N N   . GLU A 1 185 ? 18.983  -17.921 3.867   1.00 131.95 ? 278 GLU A N   1 
ATOM   1432 C CA  . GLU A 1 185 ? 20.154  -17.508 3.094   1.00 117.57 ? 278 GLU A CA  1 
ATOM   1433 C C   . GLU A 1 185 ? 20.755  -16.381 3.900   1.00 118.71 ? 278 GLU A C   1 
ATOM   1434 O O   . GLU A 1 185 ? 20.164  -15.310 4.022   1.00 111.96 ? 278 GLU A O   1 
ATOM   1435 C CB  . GLU A 1 185 ? 19.782  -16.990 1.709   1.00 111.11 ? 278 GLU A CB  1 
ATOM   1436 C CG  . GLU A 1 185 ? 19.474  -18.070 0.677   1.00 126.28 ? 278 GLU A CG  1 
ATOM   1437 C CD  . GLU A 1 185 ? 20.665  -18.476 -0.187  1.00 130.87 ? 278 GLU A CD  1 
ATOM   1438 O OE1 . GLU A 1 185 ? 20.831  -17.942 -1.310  1.00 124.93 ? 278 GLU A OE1 1 
ATOM   1439 O OE2 . GLU A 1 185 ? 21.434  -19.350 0.249   1.00 136.58 ? 278 GLU A OE2 1 
ATOM   1440 N N   . ARG A 1 186 ? 21.925  -16.621 4.468   1.00 129.54 ? 279 ARG A N   1 
ATOM   1441 C CA  . ARG A 1 186 ? 22.543  -15.659 5.375   1.00 133.18 ? 279 ARG A CA  1 
ATOM   1442 C C   . ARG A 1 186 ? 22.187  -14.209 4.975   1.00 115.75 ? 279 ARG A C   1 
ATOM   1443 O O   . ARG A 1 186 ? 21.883  -13.392 5.838   1.00 107.88 ? 279 ARG A O   1 
ATOM   1444 C CB  . ARG A 1 186 ? 24.075  -15.886 5.455   1.00 150.81 ? 279 ARG A CB  1 
ATOM   1445 C CG  . ARG A 1 186 ? 24.529  -17.245 6.044   1.00 160.82 ? 279 ARG A CG  1 
ATOM   1446 C CD  . ARG A 1 186 ? 24.512  -17.337 7.581   1.00 162.75 ? 279 ARG A CD  1 
ATOM   1447 N NE  . ARG A 1 186 ? 25.581  -16.549 8.211   1.00 164.21 ? 279 ARG A NE  1 
ATOM   1448 C CZ  . ARG A 1 186 ? 25.465  -15.286 8.643   1.00 176.08 ? 279 ARG A CZ  1 
ATOM   1449 N NH1 . ARG A 1 186 ? 24.312  -14.618 8.543   1.00 185.29 ? 279 ARG A NH1 1 
ATOM   1450 N NH2 . ARG A 1 186 ? 26.517  -14.672 9.186   1.00 161.46 ? 279 ARG A NH2 1 
ATOM   1451 N N   . SER A 1 187 ? 22.173  -13.913 3.672   1.00 110.25 ? 280 SER A N   1 
ATOM   1452 C CA  . SER A 1 187 ? 21.978  -12.531 3.182   1.00 107.96 ? 280 SER A CA  1 
ATOM   1453 C C   . SER A 1 187 ? 20.568  -12.013 3.308   1.00 98.24  ? 280 SER A C   1 
ATOM   1454 O O   . SER A 1 187 ? 20.349  -10.881 3.754   1.00 90.37  ? 280 SER A O   1 
ATOM   1455 C CB  . SER A 1 187 ? 22.426  -12.379 1.722   1.00 108.23 ? 280 SER A CB  1 
ATOM   1456 O OG  . SER A 1 187 ? 22.193  -13.557 0.993   1.00 116.85 ? 280 SER A OG  1 
ATOM   1457 N N   . PHE A 1 188 ? 19.608  -12.832 2.904   1.00 97.80  ? 281 PHE A N   1 
ATOM   1458 C CA  . PHE A 1 188 ? 18.206  -12.440 2.998   1.00 93.34  ? 281 PHE A CA  1 
ATOM   1459 C C   . PHE A 1 188 ? 17.852  -12.117 4.454   1.00 92.44  ? 281 PHE A C   1 
ATOM   1460 O O   . PHE A 1 188 ? 17.361  -11.016 4.761   1.00 88.35  ? 281 PHE A O   1 
ATOM   1461 C CB  . PHE A 1 188 ? 17.278  -13.520 2.433   1.00 87.12  ? 281 PHE A CB  1 
ATOM   1462 C CG  . PHE A 1 188 ? 15.835  -13.175 2.578   1.00 93.77  ? 281 PHE A CG  1 
ATOM   1463 C CD1 . PHE A 1 188 ? 14.984  -13.958 3.353   1.00 99.70  ? 281 PHE A CD1 1 
ATOM   1464 C CD2 . PHE A 1 188 ? 15.332  -12.030 1.998   1.00 86.25  ? 281 PHE A CD2 1 
ATOM   1465 C CE1 . PHE A 1 188 ? 13.645  -13.620 3.508   1.00 89.73  ? 281 PHE A CE1 1 
ATOM   1466 C CE2 . PHE A 1 188 ? 14.004  -11.693 2.154   1.00 88.67  ? 281 PHE A CE2 1 
ATOM   1467 C CZ  . PHE A 1 188 ? 13.160  -12.487 2.908   1.00 81.13  ? 281 PHE A CZ  1 
ATOM   1468 N N   . LEU A 1 189 ? 18.143  -13.062 5.344   1.00 88.71  ? 282 LEU A N   1 
ATOM   1469 C CA  . LEU A 1 189 ? 18.007  -12.837 6.792   1.00 102.40 ? 282 LEU A CA  1 
ATOM   1470 C C   . LEU A 1 189 ? 18.583  -11.518 7.315   1.00 105.36 ? 282 LEU A C   1 
ATOM   1471 O O   . LEU A 1 189 ? 17.974  -10.885 8.187   1.00 103.12 ? 282 LEU A O   1 
ATOM   1472 C CB  . LEU A 1 189 ? 18.622  -14.000 7.557   1.00 110.69 ? 282 LEU A CB  1 
ATOM   1473 C CG  . LEU A 1 189 ? 17.541  -15.005 7.924   1.00 126.03 ? 282 LEU A CG  1 
ATOM   1474 C CD1 . LEU A 1 189 ? 17.924  -16.429 7.521   1.00 130.20 ? 282 LEU A CD1 1 
ATOM   1475 C CD2 . LEU A 1 189 ? 17.248  -14.842 9.415   1.00 125.42 ? 282 LEU A CD2 1 
ATOM   1476 N N   . ARG A 1 190 ? 19.749  -11.114 6.802   1.00 111.17 ? 283 ARG A N   1 
ATOM   1477 C CA  . ARG A 1 190 ? 20.313  -9.810  7.148   1.00 110.47 ? 283 ARG A CA  1 
ATOM   1478 C C   . ARG A 1 190 ? 19.372  -8.731  6.675   1.00 101.04 ? 283 ARG A C   1 
ATOM   1479 O O   . ARG A 1 190 ? 19.123  -7.776  7.398   1.00 95.51  ? 283 ARG A O   1 
ATOM   1480 C CB  . ARG A 1 190 ? 21.721  -9.581  6.564   1.00 130.39 ? 283 ARG A CB  1 
ATOM   1481 C CG  . ARG A 1 190 ? 22.857  -9.860  7.553   1.00 152.87 ? 283 ARG A CG  1 
ATOM   1482 C CD  . ARG A 1 190 ? 24.228  -9.384  7.065   1.00 155.64 ? 283 ARG A CD  1 
ATOM   1483 N NE  . ARG A 1 190 ? 24.685  -10.133 5.891   1.00 162.96 ? 283 ARG A NE  1 
ATOM   1484 C CZ  . ARG A 1 190 ? 25.129  -11.400 5.897   1.00 161.30 ? 283 ARG A CZ  1 
ATOM   1485 N NH1 . ARG A 1 190 ? 25.201  -12.111 7.028   1.00 147.60 ? 283 ARG A NH1 1 
ATOM   1486 N NH2 . ARG A 1 190 ? 25.507  -11.969 4.749   1.00 150.59 ? 283 ARG A NH2 1 
ATOM   1487 N N   . PHE A 1 191 ? 18.835  -8.883  5.470   1.00 95.11  ? 284 PHE A N   1 
ATOM   1488 C CA  . PHE A 1 191 ? 17.958  -7.838  4.912   1.00 97.10  ? 284 PHE A CA  1 
ATOM   1489 C C   . PHE A 1 191 ? 16.695  -7.644  5.711   1.00 96.17  ? 284 PHE A C   1 
ATOM   1490 O O   . PHE A 1 191 ? 16.298  -6.513  5.995   1.00 87.03  ? 284 PHE A O   1 
ATOM   1491 C CB  . PHE A 1 191 ? 17.553  -8.158  3.490   1.00 91.45  ? 284 PHE A CB  1 
ATOM   1492 C CG  . PHE A 1 191 ? 16.232  -7.581  3.090   1.00 86.62  ? 284 PHE A CG  1 
ATOM   1493 C CD1 . PHE A 1 191 ? 15.158  -8.409  2.804   1.00 94.75  ? 284 PHE A CD1 1 
ATOM   1494 C CD2 . PHE A 1 191 ? 16.066  -6.216  2.980   1.00 87.43  ? 284 PHE A CD2 1 
ATOM   1495 C CE1 . PHE A 1 191 ? 13.940  -7.876  2.399   1.00 101.29 ? 284 PHE A CE1 1 
ATOM   1496 C CE2 . PHE A 1 191 ? 14.851  -5.672  2.596   1.00 86.74  ? 284 PHE A CE2 1 
ATOM   1497 C CZ  . PHE A 1 191 ? 13.787  -6.500  2.303   1.00 93.64  ? 284 PHE A CZ  1 
ATOM   1498 N N   . LEU A 1 192 ? 16.059  -8.770  6.017   1.00 94.32  ? 285 LEU A N   1 
ATOM   1499 C CA  . LEU A 1 192 ? 14.877  -8.819  6.874   1.00 93.26  ? 285 LEU A CA  1 
ATOM   1500 C C   . LEU A 1 192 ? 15.162  -8.111  8.204   1.00 96.90  ? 285 LEU A C   1 
ATOM   1501 O O   . LEU A 1 192 ? 14.620  -7.033  8.490   1.00 84.26  ? 285 LEU A O   1 
ATOM   1502 C CB  . LEU A 1 192 ? 14.501  -10.298 7.116   1.00 94.38  ? 285 LEU A CB  1 
ATOM   1503 C CG  . LEU A 1 192 ? 13.107  -10.877 6.805   1.00 90.11  ? 285 LEU A CG  1 
ATOM   1504 C CD1 . LEU A 1 192 ? 12.388  -10.166 5.663   1.00 102.08 ? 285 LEU A CD1 1 
ATOM   1505 C CD2 . LEU A 1 192 ? 13.230  -12.362 6.485   1.00 83.43  ? 285 LEU A CD2 1 
ATOM   1506 N N   . GLU A 1 193 ? 16.053  -8.721  8.988   1.00 109.23 ? 286 GLU A N   1 
ATOM   1507 C CA  . GLU A 1 193 ? 16.484  -8.203  10.285  1.00 124.73 ? 286 GLU A CA  1 
ATOM   1508 C C   . GLU A 1 193 ? 16.738  -6.677  10.256  1.00 124.55 ? 286 GLU A C   1 
ATOM   1509 O O   . GLU A 1 193 ? 16.297  -5.944  11.138  1.00 120.85 ? 286 GLU A O   1 
ATOM   1510 C CB  . GLU A 1 193 ? 17.741  -8.985  10.707  1.00 136.36 ? 286 GLU A CB  1 
ATOM   1511 C CG  . GLU A 1 193 ? 18.619  -8.348  11.777  1.00 157.65 ? 286 GLU A CG  1 
ATOM   1512 C CD  . GLU A 1 193 ? 18.260  -8.774  13.187  1.00 163.97 ? 286 GLU A CD  1 
ATOM   1513 O OE1 . GLU A 1 193 ? 17.073  -8.651  13.581  1.00 170.72 ? 286 GLU A OE1 1 
ATOM   1514 O OE2 . GLU A 1 193 ? 19.186  -9.223  13.900  1.00 150.62 ? 286 GLU A OE2 1 
ATOM   1515 N N   . SER A 1 194 ? 17.423  -6.221  9.213   1.00 127.65 ? 287 SER A N   1 
ATOM   1516 C CA  . SER A 1 194 ? 17.879  -4.841  9.100   1.00 124.58 ? 287 SER A CA  1 
ATOM   1517 C C   . SER A 1 194 ? 16.782  -3.919  8.588   1.00 110.29 ? 287 SER A C   1 
ATOM   1518 O O   . SER A 1 194 ? 16.619  -2.817  9.080   1.00 111.64 ? 287 SER A O   1 
ATOM   1519 C CB  . SER A 1 194 ? 19.111  -4.768  8.177   1.00 127.35 ? 287 SER A CB  1 
ATOM   1520 O OG  . SER A 1 194 ? 20.199  -5.547  8.684   1.00 113.77 ? 287 SER A OG  1 
ATOM   1521 N N   . ALA A 1 195 ? 16.050  -4.357  7.578   1.00 100.41 ? 288 ALA A N   1 
ATOM   1522 C CA  . ALA A 1 195 ? 14.893  -3.614  7.154   1.00 96.67  ? 288 ALA A CA  1 
ATOM   1523 C C   . ALA A 1 195 ? 13.970  -3.411  8.353   1.00 109.67 ? 288 ALA A C   1 
ATOM   1524 O O   . ALA A 1 195 ? 13.678  -2.281  8.704   1.00 112.91 ? 288 ALA A O   1 
ATOM   1525 C CB  . ALA A 1 195 ? 14.170  -4.335  6.042   1.00 97.69  ? 288 ALA A CB  1 
ATOM   1526 N N   . ARG A 1 196 ? 13.550  -4.486  9.018   1.00 116.77 ? 289 ARG A N   1 
ATOM   1527 C CA  . ARG A 1 196 ? 12.549  -4.353  10.100  1.00 118.03 ? 289 ARG A CA  1 
ATOM   1528 C C   . ARG A 1 196 ? 13.030  -3.332  11.093  1.00 128.72 ? 289 ARG A C   1 
ATOM   1529 O O   . ARG A 1 196 ? 12.381  -2.269  11.266  1.00 105.40 ? 289 ARG A O   1 
ATOM   1530 C CB  . ARG A 1 196 ? 12.270  -5.684  10.817  1.00 97.69  ? 289 ARG A CB  1 
ATOM   1531 C CG  . ARG A 1 196 ? 11.684  -6.712  9.871   1.00 99.41  ? 289 ARG A CG  1 
ATOM   1532 C CD  . ARG A 1 196 ? 10.657  -7.637  10.488  1.00 92.20  ? 289 ARG A CD  1 
ATOM   1533 N NE  . ARG A 1 196 ? 11.147  -9.006  10.592  1.00 83.30  ? 289 ARG A NE  1 
ATOM   1534 C CZ  . ARG A 1 196 ? 10.522  -10.116 10.198  1.00 82.68  ? 289 ARG A CZ  1 
ATOM   1535 N NH1 . ARG A 1 196 ? 9.331   -10.126 9.617   1.00 90.32  ? 289 ARG A NH1 1 
ATOM   1536 N NH2 . ARG A 1 196 ? 11.117  -11.264 10.414  1.00 96.70  ? 289 ARG A NH2 1 
ATOM   1537 N N   . GLN A 1 197 ? 14.203  -3.664  11.669  1.00 137.80 ? 290 GLN A N   1 
ATOM   1538 C CA  . GLN A 1 197 ? 14.884  -2.925  12.764  1.00 144.87 ? 290 GLN A CA  1 
ATOM   1539 C C   . GLN A 1 197 ? 14.993  -1.441  12.502  1.00 128.49 ? 290 GLN A C   1 
ATOM   1540 O O   . GLN A 1 197 ? 15.067  -0.608  13.420  1.00 116.03 ? 290 GLN A O   1 
ATOM   1541 C CB  . GLN A 1 197 ? 16.316  -3.444  12.978  1.00 153.64 ? 290 GLN A CB  1 
ATOM   1542 C CG  . GLN A 1 197 ? 16.501  -4.467  14.093  1.00 149.38 ? 290 GLN A CG  1 
ATOM   1543 C CD  . GLN A 1 197 ? 17.973  -4.708  14.418  1.00 155.44 ? 290 GLN A CD  1 
ATOM   1544 O OE1 . GLN A 1 197 ? 18.860  -3.999  13.932  1.00 156.00 ? 290 GLN A OE1 1 
ATOM   1545 N NE2 . GLN A 1 197 ? 18.239  -5.714  15.244  1.00 154.26 ? 290 GLN A NE2 1 
ATOM   1546 N N   . ARG A 1 198 ? 15.056  -1.118  11.230  1.00 111.10 ? 291 ARG A N   1 
ATOM   1547 C CA  . ARG A 1 198 ? 15.035  0.245   10.867  1.00 118.95 ? 291 ARG A CA  1 
ATOM   1548 C C   . ARG A 1 198 ? 13.582  0.742   10.814  1.00 109.72 ? 291 ARG A C   1 
ATOM   1549 O O   . ARG A 1 198 ? 13.303  1.824   11.294  1.00 118.67 ? 291 ARG A O   1 
ATOM   1550 C CB  . ARG A 1 198 ? 15.864  0.470   9.580   1.00 125.00 ? 291 ARG A CB  1 
ATOM   1551 C CG  . ARG A 1 198 ? 17.392  0.380   9.818   1.00 118.19 ? 291 ARG A CG  1 
ATOM   1552 C CD  . ARG A 1 198 ? 18.199  1.441   9.065   1.00 116.47 ? 291 ARG A CD  1 
ATOM   1553 N NE  . ARG A 1 198 ? 18.983  0.891   7.944   1.00 117.32 ? 291 ARG A NE  1 
ATOM   1554 C CZ  . ARG A 1 198 ? 19.154  1.463   6.736   1.00 114.69 ? 291 ARG A CZ  1 
ATOM   1555 N NH1 . ARG A 1 198 ? 18.581  2.621   6.413   1.00 110.23 ? 291 ARG A NH1 1 
ATOM   1556 N NH2 . ARG A 1 198 ? 19.893  0.854   5.807   1.00 114.68 ? 291 ARG A NH2 1 
ATOM   1557 N N   . LEU A 1 199 ? 12.635  -0.059  10.350  1.00 110.04 ? 292 LEU A N   1 
ATOM   1558 C CA  . LEU A 1 199 ? 11.369  0.522   9.839   1.00 120.55 ? 292 LEU A CA  1 
ATOM   1559 C C   . LEU A 1 199 ? 10.338  0.820   10.877  1.00 122.52 ? 292 LEU A C   1 
ATOM   1560 O O   . LEU A 1 199 ? 9.222   1.263   10.547  1.00 103.99 ? 292 LEU A O   1 
ATOM   1561 C CB  . LEU A 1 199 ? 10.761  -0.380  8.799   1.00 117.90 ? 292 LEU A CB  1 
ATOM   1562 C CG  . LEU A 1 199 ? 11.919  -0.683  7.890   1.00 119.39 ? 292 LEU A CG  1 
ATOM   1563 C CD1 . LEU A 1 199 ? 11.456  -1.694  6.847   1.00 123.55 ? 292 LEU A CD1 1 
ATOM   1564 C CD2 . LEU A 1 199 ? 12.547  0.627   7.358   1.00 103.80 ? 292 LEU A CD2 1 
ATOM   1565 N N   . ARG A 1 200 ? 10.720  0.540   12.115  1.00 120.78 ? 293 ARG A N   1 
ATOM   1566 C CA  . ARG A 1 200 ? 10.049  1.064   13.295  1.00 124.82 ? 293 ARG A CA  1 
ATOM   1567 C C   . ARG A 1 200 ? 9.801   2.567   13.092  1.00 138.24 ? 293 ARG A C   1 
ATOM   1568 O O   . ARG A 1 200 ? 8.647   2.988   13.014  1.00 163.38 ? 293 ARG A O   1 
ATOM   1569 C CB  . ARG A 1 200 ? 10.880  0.774   14.553  1.00 116.44 ? 293 ARG A CB  1 
ATOM   1570 C CG  . ARG A 1 200 ? 11.605  -0.546  14.445  1.00 114.94 ? 293 ARG A CG  1 
ATOM   1571 C CD  . ARG A 1 200 ? 11.967  -1.182  15.758  1.00 120.73 ? 293 ARG A CD  1 
ATOM   1572 N NE  . ARG A 1 200 ? 12.627  -2.453  15.474  1.00 126.28 ? 293 ARG A NE  1 
ATOM   1573 C CZ  . ARG A 1 200 ? 12.001  -3.569  15.095  1.00 129.95 ? 293 ARG A CZ  1 
ATOM   1574 N NH1 . ARG A 1 200 ? 10.681  -3.590  14.980  1.00 142.93 ? 293 ARG A NH1 1 
ATOM   1575 N NH2 . ARG A 1 200 ? 12.692  -4.679  14.838  1.00 129.59 ? 293 ARG A NH2 1 
ATOM   1576 N N   . GLU A 1 201 ? 10.866  3.363   12.985  1.00 139.58 ? 294 GLU A N   1 
ATOM   1577 C CA  . GLU A 1 201 ? 10.758  4.758   12.521  1.00 134.40 ? 294 GLU A CA  1 
ATOM   1578 C C   . GLU A 1 201 ? 10.888  4.672   11.007  1.00 123.75 ? 294 GLU A C   1 
ATOM   1579 O O   . GLU A 1 201 ? 11.708  3.899   10.540  1.00 127.77 ? 294 GLU A O   1 
ATOM   1580 C CB  . GLU A 1 201 ? 11.847  5.655   13.149  1.00 144.11 ? 294 GLU A CB  1 
ATOM   1581 C CG  . GLU A 1 201 ? 13.321  5.370   12.782  1.00 154.30 ? 294 GLU A CG  1 
ATOM   1582 C CD  . GLU A 1 201 ? 13.992  4.194   13.515  1.00 154.94 ? 294 GLU A CD  1 
ATOM   1583 O OE1 . GLU A 1 201 ? 15.049  3.744   13.008  1.00 146.34 ? 294 GLU A OE1 1 
ATOM   1584 O OE2 . GLU A 1 201 ? 13.506  3.715   14.579  1.00 141.60 ? 294 GLU A OE2 1 
ATOM   1585 N N   . LEU A 1 202 ? 10.084  5.365   10.200  1.00 117.75 ? 295 LEU A N   1 
ATOM   1586 C CA  . LEU A 1 202 ? 8.984   6.264   10.578  1.00 129.49 ? 295 LEU A CA  1 
ATOM   1587 C C   . LEU A 1 202 ? 7.769   5.554   11.177  1.00 138.69 ? 295 LEU A C   1 
ATOM   1588 O O   . LEU A 1 202 ? 7.355   4.510   10.663  1.00 126.98 ? 295 LEU A O   1 
ATOM   1589 C CB  . LEU A 1 202 ? 8.508   7.039   9.330   1.00 132.17 ? 295 LEU A CB  1 
ATOM   1590 C CG  . LEU A 1 202 ? 8.021   6.280   8.060   1.00 135.94 ? 295 LEU A CG  1 
ATOM   1591 C CD1 . LEU A 1 202 ? 7.249   7.235   7.125   1.00 131.53 ? 295 LEU A CD1 1 
ATOM   1592 C CD2 . LEU A 1 202 ? 9.136   5.531   7.289   1.00 113.39 ? 295 LEU A CD2 1 
ATOM   1593 N N   . GLY A 1 203 ? 7.206   6.144   12.244  1.00 147.29 ? 296 GLY A N   1 
ATOM   1594 C CA  . GLY A 1 203 ? 6.039   5.596   12.954  1.00 132.99 ? 296 GLY A CA  1 
ATOM   1595 C C   . GLY A 1 203 ? 5.650   6.398   14.190  1.00 128.76 ? 296 GLY A C   1 
ATOM   1596 O O   . GLY A 1 203 ? 5.043   5.857   15.127  1.00 128.92 ? 296 GLY A O   1 
HETATM 1597 C CAA . NNQ B 2 .   ? -13.848 4.102   7.349   1.00 105.77 ? 401 NNQ A CAA 1 
HETATM 1598 C CAH . NNQ B 2 .   ? -14.023 2.966   6.325   1.00 89.83  ? 401 NNQ A CAH 1 
HETATM 1599 C CAI . NNQ B 2 .   ? -13.105 1.816   6.676   1.00 85.22  ? 401 NNQ A CAI 1 
HETATM 1600 C CAJ . NNQ B 2 .   ? -12.975 0.938   5.463   1.00 88.74  ? 401 NNQ A CAJ 1 
HETATM 1601 C CAK . NNQ B 2 .   ? -11.517 0.627   5.229   1.00 83.80  ? 401 NNQ A CAK 1 
HETATM 1602 C CAL . NNQ B 2 .   ? -11.319 -0.857  5.302   1.00 83.77  ? 401 NNQ A CAL 1 
HETATM 1603 C CAM . NNQ B 2 .   ? -9.951  -1.151  5.903   1.00 90.96  ? 401 NNQ A CAM 1 
HETATM 1604 C CAN . NNQ B 2 .   ? -8.811  -0.629  5.008   1.00 99.99  ? 401 NNQ A CAN 1 
HETATM 1605 C CAO . NNQ B 2 .   ? -8.245  -1.644  4.006   1.00 92.34  ? 401 NNQ A CAO 1 
HETATM 1606 C CAQ . NNQ B 2 .   ? -7.372  -0.861  3.064   1.00 79.81  ? 401 NNQ A CAQ 1 
HETATM 1607 C CAG . NNQ B 2 .   ? -7.871  -0.482  1.841   1.00 84.56  ? 401 NNQ A CAG 1 
HETATM 1608 C CAR . NNQ B 2 .   ? -7.075  0.263   0.972   1.00 83.49  ? 401 NNQ A CAR 1 
HETATM 1609 O OAB . NNQ B 2 .   ? -7.471  0.618   -0.139  1.00 87.06  ? 401 NNQ A OAB 1 
HETATM 1610 C CAT . NNQ B 2 .   ? -5.807  0.630   1.337   1.00 76.78  ? 401 NNQ A CAT 1 
HETATM 1611 C CAF . NNQ B 2 .   ? -5.052  1.367   0.442   1.00 77.40  ? 401 NNQ A CAF 1 
HETATM 1612 C CAD . NNQ B 2 .   ? -3.772  1.738   0.800   1.00 82.30  ? 401 NNQ A CAD 1 
HETATM 1613 C CAC . NNQ B 2 .   ? -3.266  1.374   2.042   1.00 87.25  ? 401 NNQ A CAC 1 
HETATM 1614 C CAE . NNQ B 2 .   ? -4.042  0.628   2.921   1.00 86.15  ? 401 NNQ A CAE 1 
HETATM 1615 C CAS . NNQ B 2 .   ? -5.322  0.260   2.568   1.00 74.28  ? 401 NNQ A CAS 1 
HETATM 1616 N NAP . NNQ B 2 .   ? -6.097  -0.484  3.448   1.00 79.32  ? 401 NNQ A NAP 1 
# 
